data_2E49
#
_entry.id   2E49
#
_cell.length_a   149.661
_cell.length_b   181.745
_cell.length_c   50.717
_cell.angle_alpha   90.00
_cell.angle_beta   90.00
_cell.angle_gamma   90.00
#
_symmetry.space_group_name_H-M   'P 21 21 2'
#
loop_
_entity.id
_entity.type
_entity.pdbx_description
1 polymer 'D-amino-acid oxidase'
2 non-polymer 'FLAVIN-ADENINE DINUCLEOTIDE'
3 non-polymer '3-hydroxy-2-iminopropanoic acid'
4 water water
#
_entity_poly.entity_id   1
_entity_poly.type   'polypeptide(L)'
_entity_poly.pdbx_seq_one_letter_code
;MRVVVIGAGVIGLSTALCIHERYHSVLQPLDIKVYADRFTPLTTTDVAAGLWQPYLSDPNNPQEADWSQQTFDYLLSHVH
SPNAENLGLFLISGYNLFHEAIPDPSWKDTVLGFRKLTPRELDMFPDYGYGWFHTSLILEGKNYLQWLTERLTERGVKFF
QRKVESFEEVAREGADVIVNCTGVWAGALQRDPLLQPGRGQIMKVDAPWMKHFILTHDPERGIYNSPYIIPGTQTVTLGG
IFQLGNWSELNNIQDHNTIWEGCCRLEPTLKNARIIGERTGFRPVRPQIRLEREQLRTGPSNTEVIHNYGHGGYGLTIHW
GCALEAAKLFGRILEEKKLSRMPPSHL
;
_entity_poly.pdbx_strand_id   A,B,C,D
#
# COMPACT_ATOMS: atom_id res chain seq x y z
N MET A 1 -9.78 -21.74 42.99
CA MET A 1 -8.52 -21.81 42.17
C MET A 1 -8.42 -20.65 41.19
N ARG A 2 -7.89 -19.52 41.66
CA ARG A 2 -7.72 -18.33 40.80
C ARG A 2 -6.31 -18.23 40.23
N VAL A 3 -6.24 -17.99 38.91
CA VAL A 3 -4.94 -17.74 38.27
C VAL A 3 -4.87 -16.32 37.75
N VAL A 4 -3.75 -15.65 38.06
CA VAL A 4 -3.55 -14.28 37.64
C VAL A 4 -2.22 -14.20 36.94
N VAL A 5 -2.29 -13.80 35.69
CA VAL A 5 -1.12 -13.65 34.87
C VAL A 5 -0.81 -12.17 34.81
N ILE A 6 0.45 -11.82 34.97
CA ILE A 6 0.83 -10.44 34.82
C ILE A 6 1.78 -10.22 33.68
N GLY A 7 1.34 -9.40 32.73
CA GLY A 7 2.10 -9.15 31.51
C GLY A 7 1.42 -9.73 30.29
N ALA A 8 0.90 -8.85 29.44
CA ALA A 8 0.28 -9.28 28.20
C ALA A 8 1.27 -9.24 27.03
N GLY A 9 2.51 -9.68 27.30
CA GLY A 9 3.49 -9.89 26.25
C GLY A 9 3.27 -11.23 25.59
N VAL A 10 4.13 -11.59 24.64
CA VAL A 10 4.03 -12.89 24.01
C VAL A 10 4.11 -13.99 25.07
N ILE A 11 5.00 -13.80 26.05
CA ILE A 11 5.20 -14.81 27.10
C ILE A 11 3.96 -14.93 27.96
N GLY A 12 3.53 -13.81 28.53
CA GLY A 12 2.28 -13.74 29.29
C GLY A 12 1.13 -14.39 28.55
N LEU A 13 0.68 -13.72 27.49
CA LEU A 13 -0.44 -14.19 26.68
C LEU A 13 -0.41 -15.68 26.26
N SER A 14 0.77 -16.17 25.88
CA SER A 14 0.91 -17.55 25.43
C SER A 14 0.78 -18.51 26.61
N THR A 15 1.43 -18.17 27.71
CA THR A 15 1.38 -19.05 28.88
C THR A 15 -0.03 -19.07 29.46
N ALA A 16 -0.55 -17.88 29.76
CA ALA A 16 -1.94 -17.71 30.21
C ALA A 16 -2.92 -18.47 29.32
N LEU A 17 -2.50 -18.81 28.10
CA LEU A 17 -3.36 -19.47 27.12
C LEU A 17 -3.24 -20.98 27.10
N CYS A 18 -2.13 -21.52 27.58
CA CYS A 18 -2.03 -22.97 27.68
C CYS A 18 -2.62 -23.47 28.97
N ILE A 19 -2.39 -22.71 30.04
CA ILE A 19 -2.97 -22.98 31.36
C ILE A 19 -4.50 -23.15 31.26
N HIS A 20 -5.12 -22.38 30.37
CA HIS A 20 -6.54 -22.49 30.13
C HIS A 20 -6.85 -23.65 29.15
N GLU A 21 -6.43 -23.48 27.90
CA GLU A 21 -6.71 -24.42 26.82
C GLU A 21 -6.44 -25.86 27.22
N ARG A 22 -5.66 -26.03 28.29
CA ARG A 22 -5.25 -27.36 28.73
C ARG A 22 -5.70 -27.73 30.13
N TYR A 23 -6.61 -26.98 30.71
CA TYR A 23 -7.09 -27.29 32.06
C TYR A 23 -8.51 -26.86 32.36
N HIS A 24 -9.04 -25.95 31.53
CA HIS A 24 -10.40 -25.41 31.73
C HIS A 24 -11.46 -26.49 31.90
N SER A 25 -11.14 -27.70 31.41
CA SER A 25 -12.04 -28.85 31.41
C SER A 25 -12.01 -29.63 32.73
N VAL A 26 -10.86 -29.59 33.41
CA VAL A 26 -10.66 -30.35 34.65
C VAL A 26 -10.90 -29.54 35.92
N LEU A 27 -11.14 -28.24 35.79
CA LEU A 27 -11.44 -27.39 36.94
C LEU A 27 -12.70 -26.56 36.74
N GLN A 28 -13.81 -27.02 37.32
CA GLN A 28 -15.05 -26.24 37.32
C GLN A 28 -14.73 -24.78 37.70
N PRO A 29 -14.00 -24.58 38.83
CA PRO A 29 -13.66 -23.20 39.15
C PRO A 29 -12.27 -22.77 38.58
N LEU A 30 -12.17 -22.68 37.24
CA LEU A 30 -10.95 -22.14 36.63
C LEU A 30 -11.09 -20.67 36.21
N ASP A 31 -10.33 -19.81 36.88
CA ASP A 31 -10.40 -18.36 36.67
C ASP A 31 -9.03 -17.79 36.27
N ILE A 32 -8.86 -17.50 34.98
CA ILE A 32 -7.64 -16.87 34.49
C ILE A 32 -7.94 -15.41 34.25
N LYS A 33 -7.00 -14.56 34.64
CA LYS A 33 -7.08 -13.12 34.38
C LYS A 33 -5.70 -12.51 34.31
N VAL A 34 -5.48 -11.69 33.30
CA VAL A 34 -4.18 -11.08 33.10
C VAL A 34 -4.22 -9.61 33.46
N TYR A 35 -3.20 -9.19 34.27
CA TYR A 35 -3.02 -7.75 34.46
C TYR A 35 -1.80 -7.30 33.66
N ALA A 36 -1.87 -6.07 33.12
CA ALA A 36 -0.73 -5.50 32.42
C ALA A 36 -0.68 -3.97 32.44
N ASP A 37 0.52 -3.43 32.39
CA ASP A 37 0.74 -1.99 32.38
C ASP A 37 0.71 -1.47 30.94
N ARG A 38 1.15 -2.30 30.00
CA ARG A 38 1.17 -1.94 28.57
C ARG A 38 0.64 -3.07 27.69
N PHE A 39 -0.40 -2.77 26.90
CA PHE A 39 -1.09 -3.77 26.10
C PHE A 39 -0.82 -3.64 24.59
N THR A 40 -1.30 -4.64 23.84
CA THR A 40 -1.17 -4.79 22.37
C THR A 40 -0.01 -4.15 21.61
N PRO A 41 -0.04 -2.82 21.40
CA PRO A 41 1.06 -2.30 20.59
C PRO A 41 2.24 -1.77 21.38
N LEU A 42 2.17 -1.76 22.72
CA LEU A 42 3.21 -1.06 23.45
C LEU A 42 4.15 -1.98 24.24
N THR A 43 4.14 -3.26 23.87
CA THR A 43 5.04 -4.26 24.48
C THR A 43 6.30 -4.39 23.65
N THR A 44 7.32 -5.03 24.23
CA THR A 44 8.57 -5.29 23.52
C THR A 44 8.27 -6.15 22.30
N THR A 45 7.36 -7.10 22.47
CA THR A 45 7.01 -7.99 21.38
C THR A 45 6.77 -7.20 20.11
N ASP A 46 6.00 -6.12 20.23
CA ASP A 46 5.64 -5.24 19.10
C ASP A 46 6.83 -4.67 18.33
N VAL A 47 7.93 -4.44 19.03
CA VAL A 47 9.13 -3.93 18.40
C VAL A 47 9.91 -5.06 17.71
N ALA A 48 9.63 -6.30 18.06
CA ALA A 48 10.34 -7.42 17.44
C ALA A 48 9.78 -7.72 16.06
N ALA A 49 10.66 -8.11 15.13
CA ALA A 49 10.22 -8.62 13.83
C ALA A 49 9.64 -10.01 13.98
N GLY A 50 10.37 -10.88 14.65
CA GLY A 50 9.85 -12.19 15.03
C GLY A 50 10.41 -13.32 14.21
N LEU A 51 11.69 -13.22 13.89
CA LEU A 51 12.35 -14.21 13.07
C LEU A 51 12.78 -15.32 14.00
N TRP A 52 12.43 -16.55 13.65
CA TRP A 52 12.86 -17.69 14.46
C TRP A 52 14.31 -18.03 14.20
N GLN A 53 15.15 -17.63 15.14
CA GLN A 53 16.59 -17.89 15.10
C GLN A 53 17.11 -17.58 16.51
N PRO A 54 17.54 -18.64 17.24
CA PRO A 54 18.13 -18.58 18.58
C PRO A 54 19.46 -17.85 18.58
N TYR A 55 20.41 -18.35 19.38
CA TYR A 55 21.76 -17.80 19.35
C TYR A 55 22.67 -18.79 18.64
N LEU A 56 23.81 -18.29 18.17
CA LEU A 56 24.77 -19.11 17.44
C LEU A 56 25.35 -20.14 18.40
N SER A 57 25.88 -19.65 19.52
CA SER A 57 26.40 -20.52 20.60
C SER A 57 25.25 -21.31 21.22
N ASP A 58 25.58 -22.40 21.91
CA ASP A 58 24.58 -23.24 22.58
C ASP A 58 23.89 -22.50 23.73
N PRO A 59 22.64 -22.91 24.06
CA PRO A 59 21.94 -22.27 25.18
C PRO A 59 22.59 -22.67 26.48
N ASN A 60 22.37 -21.89 27.54
CA ASN A 60 23.00 -22.20 28.80
C ASN A 60 22.26 -23.32 29.51
N ASN A 61 20.96 -23.14 29.74
CA ASN A 61 20.13 -24.22 30.23
C ASN A 61 19.72 -25.06 29.02
N PRO A 62 20.36 -26.24 28.82
CA PRO A 62 20.22 -27.00 27.56
C PRO A 62 18.79 -27.39 27.25
N GLN A 63 17.86 -27.03 28.17
CA GLN A 63 16.43 -27.26 27.98
C GLN A 63 15.87 -26.32 26.91
N GLU A 64 16.45 -25.11 26.83
CA GLU A 64 15.98 -24.09 25.90
C GLU A 64 16.04 -24.55 24.46
N ALA A 65 17.17 -25.15 24.07
CA ALA A 65 17.31 -25.75 22.74
C ALA A 65 16.07 -26.60 22.43
N ASP A 66 15.62 -27.38 23.43
CA ASP A 66 14.44 -28.22 23.27
C ASP A 66 13.15 -27.43 23.14
N TRP A 67 13.09 -26.28 23.80
CA TRP A 67 11.87 -25.47 23.77
C TRP A 67 11.73 -24.78 22.43
N SER A 68 12.83 -24.23 21.92
CA SER A 68 12.81 -23.58 20.60
C SER A 68 12.30 -24.59 19.58
N GLN A 69 12.87 -25.79 19.65
CA GLN A 69 12.48 -26.92 18.80
C GLN A 69 10.97 -27.11 18.82
N GLN A 70 10.39 -27.12 20.02
CA GLN A 70 8.94 -27.25 20.16
C GLN A 70 8.18 -26.11 19.45
N THR A 71 8.71 -24.88 19.58
CA THR A 71 8.09 -23.71 18.96
C THR A 71 8.02 -23.85 17.44
N PHE A 72 9.20 -24.05 16.82
CA PHE A 72 9.33 -24.17 15.36
C PHE A 72 8.50 -25.31 14.77
N ASP A 73 8.12 -26.27 15.61
CA ASP A 73 7.32 -27.39 15.19
C ASP A 73 5.83 -27.12 15.33
N TYR A 74 5.46 -26.34 16.34
CA TYR A 74 4.07 -25.92 16.47
C TYR A 74 3.80 -24.86 15.42
N LEU A 75 4.78 -23.97 15.23
CA LEU A 75 4.64 -22.92 14.24
C LEU A 75 4.55 -23.52 12.83
N LEU A 76 5.55 -24.33 12.45
CA LEU A 76 5.60 -25.00 11.15
C LEU A 76 4.42 -25.93 10.81
N SER A 77 3.70 -26.41 11.82
CA SER A 77 2.54 -27.27 11.54
C SER A 77 1.28 -26.43 11.33
N HIS A 78 1.46 -25.12 11.29
CA HIS A 78 0.36 -24.18 11.15
C HIS A 78 0.66 -23.09 10.12
N VAL A 79 1.79 -23.22 9.44
CA VAL A 79 2.21 -22.21 8.47
C VAL A 79 1.22 -22.07 7.31
N HIS A 80 0.61 -23.19 6.93
CA HIS A 80 -0.39 -23.22 5.87
C HIS A 80 -1.80 -23.26 6.47
N SER A 81 -1.94 -23.03 7.78
CA SER A 81 -3.22 -23.15 8.48
C SER A 81 -4.24 -22.06 8.13
N PRO A 82 -5.55 -22.32 8.37
CA PRO A 82 -6.60 -21.31 8.12
C PRO A 82 -6.38 -19.99 8.87
N ASN A 83 -5.47 -20.01 9.83
CA ASN A 83 -5.22 -18.85 10.69
C ASN A 83 -3.86 -18.22 10.46
N ALA A 84 -3.02 -18.91 9.69
CA ALA A 84 -1.62 -18.52 9.46
C ALA A 84 -1.43 -17.03 9.17
N GLU A 85 -2.39 -16.43 8.48
CA GLU A 85 -2.33 -15.01 8.08
C GLU A 85 -2.73 -14.08 9.21
N ASN A 86 -3.58 -14.59 10.12
CA ASN A 86 -4.02 -13.83 11.28
C ASN A 86 -2.90 -13.75 12.29
N LEU A 87 -2.42 -14.91 12.72
CA LEU A 87 -1.32 -15.04 13.68
C LEU A 87 -0.14 -14.19 13.26
N GLY A 88 -0.07 -13.83 11.99
CA GLY A 88 1.05 -13.10 11.42
C GLY A 88 2.19 -14.05 11.22
N LEU A 89 1.93 -15.17 10.55
CA LEU A 89 2.92 -16.24 10.35
C LEU A 89 3.28 -16.41 8.87
N PHE A 90 4.57 -16.69 8.58
CA PHE A 90 4.99 -17.06 7.22
C PHE A 90 6.43 -17.54 7.18
N LEU A 91 6.72 -18.54 6.33
CA LEU A 91 8.11 -18.98 6.07
C LEU A 91 8.94 -17.90 5.41
N ILE A 92 10.26 -17.99 5.52
CA ILE A 92 11.12 -16.95 4.98
C ILE A 92 12.60 -17.35 5.06
N SER A 93 13.32 -17.25 3.94
CA SER A 93 14.74 -17.62 3.89
C SER A 93 15.70 -16.44 3.89
N GLY A 94 17.00 -16.70 4.11
CA GLY A 94 17.94 -15.61 4.27
C GLY A 94 19.36 -15.99 4.62
N TYR A 95 20.18 -14.96 4.88
CA TYR A 95 21.60 -15.16 5.01
C TYR A 95 22.11 -14.70 6.35
N ASN A 96 23.05 -15.50 6.88
CA ASN A 96 23.91 -15.07 7.99
C ASN A 96 25.23 -14.85 7.30
N LEU A 97 25.96 -13.83 7.71
CA LEU A 97 27.20 -13.48 7.06
C LEU A 97 28.27 -13.24 8.09
N PHE A 98 29.23 -14.14 8.15
CA PHE A 98 30.34 -14.00 9.06
C PHE A 98 31.55 -13.58 8.23
N HIS A 99 32.50 -12.90 8.87
CA HIS A 99 33.77 -12.53 8.23
C HIS A 99 34.66 -13.75 7.96
N GLU A 100 34.60 -14.74 8.84
CA GLU A 100 35.46 -15.92 8.77
C GLU A 100 34.64 -17.18 8.81
N ALA A 101 35.29 -18.31 8.55
CA ALA A 101 34.70 -19.61 8.80
C ALA A 101 34.40 -19.74 10.29
N ILE A 102 33.26 -20.36 10.62
CA ILE A 102 32.78 -20.44 12.00
C ILE A 102 31.86 -21.68 12.14
N PRO A 103 31.93 -22.39 13.30
CA PRO A 103 31.19 -23.67 13.43
C PRO A 103 29.70 -23.56 13.15
N ASP A 104 29.08 -24.67 12.76
CA ASP A 104 27.62 -24.72 12.57
C ASP A 104 26.89 -24.32 13.85
N PRO A 105 25.58 -24.01 13.75
CA PRO A 105 24.90 -23.87 15.03
C PRO A 105 24.59 -25.26 15.60
N SER A 106 23.35 -25.44 16.01
CA SER A 106 22.89 -26.68 16.63
C SER A 106 21.43 -26.86 16.26
N TRP A 107 20.81 -25.73 15.94
CA TRP A 107 19.45 -25.71 15.40
C TRP A 107 19.48 -25.96 13.90
N LYS A 108 20.68 -26.11 13.33
CA LYS A 108 20.83 -26.37 11.89
C LYS A 108 19.85 -27.45 11.39
N ASP A 109 19.61 -28.44 12.23
CA ASP A 109 18.71 -29.54 11.87
C ASP A 109 17.27 -29.31 12.30
N THR A 110 16.90 -28.05 12.49
CA THR A 110 15.56 -27.72 12.97
C THR A 110 14.91 -26.64 12.11
N VAL A 111 15.76 -25.92 11.36
CA VAL A 111 15.28 -24.99 10.34
C VAL A 111 15.03 -25.81 9.07
N LEU A 112 14.62 -25.15 7.99
CA LEU A 112 14.36 -25.89 6.75
C LEU A 112 15.51 -25.80 5.75
N GLY A 113 16.17 -26.93 5.54
CA GLY A 113 17.28 -27.02 4.61
C GLY A 113 18.37 -26.03 4.92
N PHE A 114 19.16 -26.30 5.97
CA PHE A 114 20.34 -25.51 6.30
C PHE A 114 21.40 -25.84 5.24
N ARG A 115 22.43 -25.01 5.14
CA ARG A 115 23.54 -25.25 4.23
C ARG A 115 24.50 -24.08 4.21
N LYS A 116 25.76 -24.38 3.81
CA LYS A 116 26.71 -23.27 3.59
C LYS A 116 26.37 -22.49 2.31
N LEU A 117 27.01 -21.33 2.17
CA LEU A 117 26.80 -20.46 1.03
C LEU A 117 27.88 -20.75 0.02
N THR A 118 27.50 -20.74 -1.26
CA THR A 118 28.45 -20.86 -2.35
C THR A 118 29.14 -19.51 -2.56
N PRO A 119 30.31 -19.50 -3.23
CA PRO A 119 31.09 -18.26 -3.37
C PRO A 119 30.40 -17.21 -4.25
N ARG A 120 29.54 -17.66 -5.15
CA ARG A 120 28.78 -16.75 -6.01
C ARG A 120 27.79 -15.90 -5.19
N GLU A 121 27.26 -16.50 -4.12
CA GLU A 121 26.37 -15.80 -3.20
C GLU A 121 27.12 -14.82 -2.31
N LEU A 122 28.37 -15.18 -2.02
CA LEU A 122 29.20 -14.37 -1.12
C LEU A 122 29.71 -13.19 -1.91
N ASP A 123 29.51 -13.26 -3.23
CA ASP A 123 29.85 -12.15 -4.11
C ASP A 123 28.78 -11.05 -4.03
N MET A 124 27.63 -11.40 -3.45
CA MET A 124 26.59 -10.41 -3.20
C MET A 124 26.95 -9.50 -2.06
N PHE A 125 27.88 -9.93 -1.21
CA PHE A 125 28.28 -9.17 -0.03
C PHE A 125 29.79 -9.08 0.11
N PRO A 126 30.41 -8.05 -0.49
CA PRO A 126 31.88 -7.84 -0.46
C PRO A 126 32.50 -7.80 0.94
N ASP A 127 31.85 -7.09 1.85
CA ASP A 127 32.33 -6.97 3.22
C ASP A 127 32.58 -8.32 3.92
N TYR A 128 31.91 -9.38 3.43
CA TYR A 128 31.88 -10.65 4.17
C TYR A 128 32.56 -11.77 3.41
N GLY A 129 32.83 -12.88 4.11
CA GLY A 129 33.57 -14.00 3.51
C GLY A 129 33.03 -15.40 3.77
N TYR A 130 31.98 -15.49 4.59
CA TYR A 130 31.45 -16.79 5.01
C TYR A 130 30.02 -16.66 5.52
N GLY A 131 29.20 -17.70 5.31
CA GLY A 131 27.82 -17.64 5.78
C GLY A 131 26.93 -18.86 5.69
N TRP A 132 25.70 -18.69 6.19
CA TRP A 132 24.70 -19.75 6.16
C TRP A 132 23.44 -19.33 5.41
N PHE A 133 22.66 -20.33 5.01
CA PHE A 133 21.41 -20.13 4.30
C PHE A 133 20.43 -21.17 4.79
N HIS A 134 19.17 -20.77 4.93
CA HIS A 134 18.08 -21.67 5.34
C HIS A 134 16.71 -20.97 5.37
N THR A 135 15.66 -21.78 5.42
CA THR A 135 14.31 -21.29 5.58
C THR A 135 13.93 -21.30 7.08
N SER A 136 13.10 -20.33 7.49
CA SER A 136 12.73 -20.14 8.89
C SER A 136 11.30 -19.63 8.97
N LEU A 137 10.91 -19.10 10.12
CA LEU A 137 9.61 -18.48 10.33
C LEU A 137 9.72 -17.07 10.90
N ILE A 138 8.70 -16.26 10.59
CA ILE A 138 8.48 -14.97 11.26
C ILE A 138 7.12 -15.00 11.92
N LEU A 139 7.12 -14.65 13.21
CA LEU A 139 5.89 -14.45 13.98
C LEU A 139 5.86 -13.00 14.40
N GLU A 140 5.11 -12.20 13.64
CA GLU A 140 4.98 -10.79 13.94
C GLU A 140 4.20 -10.62 15.23
N GLY A 141 4.77 -9.82 16.13
CA GLY A 141 4.17 -9.59 17.43
C GLY A 141 2.84 -8.87 17.33
N LYS A 142 2.83 -7.78 16.58
CA LYS A 142 1.67 -6.89 16.49
C LYS A 142 0.38 -7.68 16.23
N ASN A 143 0.53 -8.84 15.58
CA ASN A 143 -0.61 -9.66 15.19
C ASN A 143 -0.74 -10.96 15.99
N TYR A 144 0.40 -11.49 16.44
CA TYR A 144 0.40 -12.69 17.31
C TYR A 144 -0.20 -12.45 18.70
N LEU A 145 -0.04 -11.22 19.21
CA LEU A 145 -0.69 -10.81 20.45
C LEU A 145 -2.18 -10.67 20.22
N GLN A 146 -2.55 -9.92 19.19
CA GLN A 146 -3.94 -9.69 18.89
C GLN A 146 -4.69 -11.00 18.69
N TRP A 147 -4.00 -12.02 18.19
CA TRP A 147 -4.60 -13.35 18.02
C TRP A 147 -4.90 -13.91 19.39
N LEU A 148 -3.82 -14.13 20.16
CA LEU A 148 -3.92 -14.64 21.54
C LEU A 148 -4.96 -13.84 22.34
N THR A 149 -5.01 -12.53 22.11
CA THR A 149 -6.03 -11.67 22.70
C THR A 149 -7.43 -12.24 22.54
N GLU A 150 -7.85 -12.45 21.30
CA GLU A 150 -9.23 -12.86 21.02
C GLU A 150 -9.47 -14.28 21.49
N ARG A 151 -8.49 -15.14 21.24
CA ARG A 151 -8.61 -16.55 21.64
C ARG A 151 -8.93 -16.63 23.12
N LEU A 152 -8.23 -15.78 23.88
CA LEU A 152 -8.39 -15.66 25.32
C LEU A 152 -9.74 -15.06 25.73
N THR A 153 -10.12 -13.93 25.12
CA THR A 153 -11.34 -13.23 25.50
C THR A 153 -12.59 -14.08 25.31
N GLU A 154 -12.62 -14.85 24.22
CA GLU A 154 -13.71 -15.81 23.99
C GLU A 154 -13.58 -17.04 24.89
N ARG A 155 -12.37 -17.27 25.38
CA ARG A 155 -12.12 -18.35 26.34
C ARG A 155 -12.41 -17.96 27.78
N GLY A 156 -13.02 -16.79 27.97
CA GLY A 156 -13.44 -16.35 29.30
C GLY A 156 -12.45 -15.47 30.06
N VAL A 157 -11.15 -15.67 29.81
CA VAL A 157 -10.08 -14.87 30.40
C VAL A 157 -10.44 -13.40 30.39
N LYS A 158 -10.04 -12.66 31.41
CA LYS A 158 -10.24 -11.22 31.39
C LYS A 158 -8.94 -10.42 31.50
N PHE A 159 -8.89 -9.33 30.74
CA PHE A 159 -7.75 -8.44 30.78
C PHE A 159 -8.05 -7.18 31.58
N PHE A 160 -7.15 -6.88 32.51
CA PHE A 160 -7.23 -5.64 33.25
C PHE A 160 -5.90 -4.93 33.15
N GLN A 161 -5.97 -3.61 32.90
CA GLN A 161 -4.75 -2.84 32.73
C GLN A 161 -4.40 -2.13 34.03
N ARG A 162 -3.43 -2.68 34.77
CA ARG A 162 -3.04 -2.11 36.05
C ARG A 162 -1.57 -2.44 36.35
N LYS A 163 -0.85 -1.48 36.94
CA LYS A 163 0.58 -1.65 37.21
C LYS A 163 0.77 -2.31 38.56
N VAL A 164 0.90 -3.63 38.56
CA VAL A 164 1.11 -4.41 39.79
C VAL A 164 2.36 -3.95 40.52
N GLU A 165 2.18 -3.61 41.80
CA GLU A 165 3.23 -3.03 42.63
C GLU A 165 4.03 -4.07 43.41
N SER A 166 3.36 -5.15 43.82
CA SER A 166 4.01 -6.22 44.58
C SER A 166 3.23 -7.51 44.41
N PHE A 167 3.89 -8.64 44.71
CA PHE A 167 3.27 -9.95 44.65
C PHE A 167 2.20 -10.14 45.72
N GLU A 168 2.48 -9.59 46.90
CA GLU A 168 1.53 -9.61 48.01
C GLU A 168 0.22 -9.00 47.53
N GLU A 169 0.33 -7.79 46.97
CA GLU A 169 -0.82 -7.06 46.43
C GLU A 169 -1.80 -7.97 45.70
N VAL A 170 -1.27 -8.90 44.91
CA VAL A 170 -2.11 -9.79 44.11
C VAL A 170 -2.66 -10.91 44.97
N ALA A 171 -1.78 -11.50 45.79
CA ALA A 171 -2.13 -12.59 46.71
C ALA A 171 -3.25 -12.15 47.65
N ARG A 172 -3.05 -10.96 48.24
CA ARG A 172 -3.99 -10.30 49.17
C ARG A 172 -5.45 -10.39 48.73
N GLU A 173 -5.70 -10.27 47.42
CA GLU A 173 -7.08 -10.27 46.92
C GLU A 173 -7.50 -11.65 46.44
N GLY A 174 -6.61 -12.63 46.60
CA GLY A 174 -7.00 -14.03 46.37
C GLY A 174 -6.38 -14.68 45.14
N ALA A 175 -5.11 -14.38 44.89
CA ALA A 175 -4.40 -15.02 43.81
C ALA A 175 -3.82 -16.35 44.29
N ASP A 176 -4.46 -17.44 43.88
CA ASP A 176 -4.03 -18.80 44.24
C ASP A 176 -2.70 -19.10 43.57
N VAL A 177 -2.62 -18.85 42.27
CA VAL A 177 -1.37 -18.96 41.52
C VAL A 177 -1.12 -17.64 40.79
N ILE A 178 0.13 -17.19 40.82
CA ILE A 178 0.54 -15.98 40.13
C ILE A 178 1.65 -16.33 39.14
N VAL A 179 1.32 -16.24 37.85
CA VAL A 179 2.30 -16.53 36.81
C VAL A 179 2.94 -15.23 36.35
N ASN A 180 4.22 -15.09 36.70
CA ASN A 180 5.01 -13.91 36.43
C ASN A 180 5.63 -13.91 35.04
N CYS A 181 5.23 -12.92 34.22
CA CYS A 181 5.67 -12.78 32.81
C CYS A 181 6.15 -11.38 32.50
N THR A 182 6.38 -10.63 33.58
CA THR A 182 6.80 -9.24 33.58
C THR A 182 8.05 -8.97 32.73
N GLY A 183 8.79 -10.03 32.38
CA GLY A 183 9.91 -9.93 31.42
C GLY A 183 11.10 -9.10 31.85
N VAL A 184 11.22 -7.89 31.30
CA VAL A 184 12.36 -7.03 31.61
C VAL A 184 12.13 -6.18 32.87
N TRP A 185 10.91 -5.69 33.03
CA TRP A 185 10.54 -4.90 34.21
C TRP A 185 10.25 -5.81 35.41
N ALA A 186 10.75 -7.06 35.34
CA ALA A 186 10.59 -8.05 36.42
C ALA A 186 11.31 -7.62 37.68
N GLY A 187 12.47 -6.98 37.52
CA GLY A 187 13.33 -6.55 38.62
C GLY A 187 12.56 -5.97 39.78
N ALA A 188 11.81 -4.89 39.50
CA ALA A 188 11.04 -4.16 40.51
C ALA A 188 9.83 -4.92 41.06
N LEU A 189 9.99 -6.22 41.28
CA LEU A 189 8.94 -7.05 41.83
C LEU A 189 9.58 -8.12 42.67
N GLN A 190 10.82 -8.45 42.33
CA GLN A 190 11.59 -9.38 43.11
C GLN A 190 13.03 -9.28 42.65
N ARG A 191 13.76 -8.29 43.21
CA ARG A 191 15.14 -7.93 42.81
C ARG A 191 15.90 -9.03 42.07
N ASP A 192 16.42 -8.71 40.89
CA ASP A 192 17.19 -9.68 40.12
C ASP A 192 18.34 -8.98 39.43
N PRO A 193 19.59 -9.29 39.84
CA PRO A 193 20.77 -8.69 39.23
C PRO A 193 21.11 -9.26 37.86
N LEU A 194 20.63 -10.45 37.56
CA LEU A 194 21.04 -11.11 36.33
C LEU A 194 20.21 -10.68 35.11
N LEU A 195 19.04 -10.10 35.39
CA LEU A 195 18.10 -9.64 34.35
C LEU A 195 18.37 -8.20 33.93
N GLN A 196 19.01 -8.06 32.78
CA GLN A 196 19.35 -6.76 32.23
C GLN A 196 18.65 -6.50 30.90
N PRO A 197 18.27 -5.24 30.65
CA PRO A 197 17.78 -4.87 29.35
C PRO A 197 18.92 -4.54 28.38
N GLY A 198 18.96 -5.26 27.26
CA GLY A 198 19.79 -4.86 26.13
C GLY A 198 18.87 -4.08 25.23
N ARG A 199 18.95 -2.76 25.32
CA ARG A 199 18.09 -1.87 24.53
C ARG A 199 18.35 -2.09 23.06
N GLY A 200 17.26 -2.14 22.31
CA GLY A 200 17.31 -2.34 20.88
C GLY A 200 16.48 -1.30 20.15
N GLN A 201 17.04 -0.80 19.05
CA GLN A 201 16.32 0.09 18.16
C GLN A 201 16.18 -0.63 16.82
N ILE A 202 15.11 -0.31 16.10
CA ILE A 202 14.93 -0.78 14.73
C ILE A 202 14.39 0.35 13.85
N MET A 203 14.19 0.00 12.58
CA MET A 203 13.71 0.92 11.58
C MET A 203 12.87 0.15 10.57
N LYS A 204 11.56 0.38 10.55
CA LYS A 204 10.70 -0.22 9.54
C LYS A 204 10.70 0.69 8.32
N VAL A 205 10.95 0.09 7.16
CA VAL A 205 11.13 0.82 5.91
C VAL A 205 10.35 0.13 4.79
N ASP A 206 10.08 0.87 3.72
CA ASP A 206 9.30 0.36 2.59
C ASP A 206 10.14 -0.11 1.40
N ALA A 207 10.38 -1.41 1.34
CA ALA A 207 11.20 -2.02 0.30
C ALA A 207 10.70 -3.43 0.05
N PRO A 208 9.57 -3.56 -0.70
CA PRO A 208 8.89 -4.85 -0.96
C PRO A 208 9.71 -5.91 -1.70
N TRP A 209 10.68 -5.48 -2.51
CA TRP A 209 11.49 -6.42 -3.28
C TRP A 209 12.50 -7.19 -2.40
N MET A 210 12.53 -6.88 -1.10
CA MET A 210 13.30 -7.69 -0.15
C MET A 210 12.57 -9.00 0.02
N LYS A 211 13.26 -10.11 -0.23
CA LYS A 211 12.65 -11.42 -0.08
C LYS A 211 13.39 -12.28 0.91
N HIS A 212 14.66 -11.97 1.15
CA HIS A 212 15.38 -12.75 2.14
C HIS A 212 15.77 -11.90 3.32
N PHE A 213 16.07 -12.56 4.44
CA PHE A 213 16.61 -11.84 5.59
C PHE A 213 18.11 -11.89 5.50
N ILE A 214 18.80 -10.86 6.03
CA ILE A 214 20.25 -10.82 5.97
C ILE A 214 20.78 -10.44 7.35
N LEU A 215 21.03 -11.44 8.19
CA LEU A 215 21.58 -11.20 9.51
C LEU A 215 23.08 -11.30 9.40
N THR A 216 23.75 -10.18 9.58
CA THR A 216 25.19 -10.16 9.65
C THR A 216 25.66 -10.31 11.09
N HIS A 217 26.82 -10.92 11.22
CA HIS A 217 27.41 -11.09 12.52
C HIS A 217 28.78 -10.47 12.50
N ASP A 218 29.07 -9.70 13.55
CA ASP A 218 30.38 -9.07 13.68
C ASP A 218 30.91 -9.06 15.13
N PRO A 219 31.32 -10.25 15.68
CA PRO A 219 31.94 -10.38 17.01
C PRO A 219 32.84 -9.22 17.49
N GLU A 220 33.31 -8.40 16.54
CA GLU A 220 33.97 -7.13 16.89
C GLU A 220 33.19 -6.46 18.01
N ARG A 221 31.95 -6.06 17.72
CA ARG A 221 31.09 -5.39 18.71
C ARG A 221 29.91 -6.28 19.12
N GLY A 222 30.24 -7.45 19.67
CA GLY A 222 29.30 -8.37 20.32
C GLY A 222 28.04 -8.80 19.59
N ILE A 223 27.14 -9.41 20.35
CA ILE A 223 25.82 -9.86 19.86
C ILE A 223 25.01 -8.71 19.25
N TYR A 224 24.05 -9.08 18.39
CA TYR A 224 23.07 -8.18 17.75
C TYR A 224 23.54 -6.79 17.32
N ASN A 225 24.81 -6.45 17.53
CA ASN A 225 25.31 -5.11 17.20
C ASN A 225 25.89 -5.05 15.77
N SER A 226 25.37 -5.93 14.93
CA SER A 226 25.75 -6.04 13.54
C SER A 226 24.46 -5.87 12.71
N PRO A 227 24.53 -5.20 11.55
CA PRO A 227 23.28 -4.96 10.83
C PRO A 227 22.50 -6.25 10.55
N TYR A 228 21.21 -6.06 10.21
CA TYR A 228 20.38 -7.16 9.77
C TYR A 228 19.19 -6.54 9.08
N ILE A 229 18.58 -7.32 8.19
CA ILE A 229 17.42 -6.86 7.42
C ILE A 229 16.40 -7.97 7.41
N ILE A 230 15.31 -7.77 8.13
CA ILE A 230 14.27 -8.78 8.20
C ILE A 230 13.01 -8.26 7.54
N PRO A 231 12.73 -8.72 6.30
CA PRO A 231 11.50 -8.30 5.63
C PRO A 231 10.26 -8.77 6.39
N GLY A 232 9.39 -7.82 6.74
CA GLY A 232 8.16 -8.15 7.44
C GLY A 232 7.04 -8.55 6.49
N THR A 233 5.81 -8.28 6.90
CA THR A 233 4.64 -8.62 6.10
C THR A 233 4.16 -7.40 5.33
N GLN A 234 4.37 -6.22 5.90
CA GLN A 234 3.93 -4.98 5.28
C GLN A 234 5.12 -4.06 5.02
N THR A 235 6.21 -4.35 5.73
CA THR A 235 7.35 -3.46 5.74
C THR A 235 8.56 -4.24 6.18
N VAL A 236 9.71 -3.76 5.76
CA VAL A 236 10.96 -4.43 6.04
C VAL A 236 11.61 -3.80 7.27
N THR A 237 12.23 -4.65 8.08
CA THR A 237 12.83 -4.23 9.32
C THR A 237 14.36 -4.14 9.24
N LEU A 238 14.86 -2.92 9.42
CA LEU A 238 16.29 -2.66 9.53
C LEU A 238 16.65 -2.76 11.01
N GLY A 239 17.93 -2.62 11.33
CA GLY A 239 18.35 -2.72 12.72
C GLY A 239 19.65 -3.47 12.92
N GLY A 240 20.15 -3.42 14.15
CA GLY A 240 21.38 -4.08 14.51
C GLY A 240 21.95 -3.40 15.73
N ILE A 241 21.13 -3.30 16.79
CA ILE A 241 21.54 -2.60 17.98
C ILE A 241 21.39 -3.45 19.25
N PHE A 242 22.53 -3.66 19.91
CA PHE A 242 22.56 -4.22 21.26
C PHE A 242 23.29 -3.23 22.20
N GLN A 243 22.61 -2.82 23.28
CA GLN A 243 23.16 -1.85 24.25
C GLN A 243 22.71 -2.18 25.70
N LEU A 244 23.52 -2.94 26.41
CA LEU A 244 23.17 -3.38 27.77
C LEU A 244 23.06 -2.24 28.77
N GLY A 245 22.11 -2.37 29.69
CA GLY A 245 21.91 -1.36 30.73
C GLY A 245 21.28 -0.06 30.28
N ASN A 246 20.94 0.02 29.00
CA ASN A 246 20.30 1.22 28.48
C ASN A 246 18.78 1.16 28.65
N TRP A 247 18.28 1.90 29.63
CA TRP A 247 16.84 1.92 29.93
C TRP A 247 16.12 3.06 29.20
N SER A 248 16.87 3.74 28.33
CA SER A 248 16.30 4.81 27.53
C SER A 248 15.36 4.21 26.50
N GLU A 249 14.09 4.55 26.59
CA GLU A 249 13.13 4.04 25.63
C GLU A 249 12.74 5.11 24.64
N LEU A 250 13.73 5.68 23.97
CA LEU A 250 13.45 6.67 22.95
C LEU A 250 14.47 6.48 21.86
N ASN A 251 14.06 6.69 20.60
CA ASN A 251 14.93 6.53 19.45
C ASN A 251 16.12 7.47 19.52
N ASN A 252 17.24 6.99 19.02
CA ASN A 252 18.47 7.71 19.13
C ASN A 252 18.96 8.09 17.74
N ILE A 253 19.42 9.33 17.58
CA ILE A 253 19.88 9.84 16.28
C ILE A 253 21.11 9.13 15.72
N GLN A 254 22.01 8.71 16.61
CA GLN A 254 23.23 8.04 16.16
C GLN A 254 22.91 6.58 15.93
N ASP A 255 21.92 6.06 16.66
CA ASP A 255 21.41 4.72 16.37
C ASP A 255 20.73 4.69 14.98
N HIS A 256 19.91 5.70 14.68
CA HIS A 256 19.27 5.83 13.36
C HIS A 256 20.26 5.73 12.20
N ASN A 257 21.39 6.43 12.32
CA ASN A 257 22.42 6.46 11.28
C ASN A 257 23.18 5.14 11.20
N THR A 258 23.38 4.52 12.35
CA THR A 258 23.98 3.21 12.40
C THR A 258 23.06 2.20 11.71
N ILE A 259 21.76 2.29 12.01
CA ILE A 259 20.79 1.40 11.40
C ILE A 259 20.82 1.59 9.90
N TRP A 260 20.89 2.85 9.45
CA TRP A 260 20.87 3.18 8.03
C TRP A 260 22.21 2.93 7.30
N GLU A 261 23.20 3.78 7.58
CA GLU A 261 24.52 3.67 6.97
C GLU A 261 24.97 2.22 6.94
N GLY A 262 24.73 1.51 8.05
CA GLY A 262 25.19 0.13 8.19
C GLY A 262 24.39 -0.88 7.38
N CYS A 263 23.07 -0.67 7.29
CA CYS A 263 22.19 -1.60 6.57
C CYS A 263 22.37 -1.47 5.07
N CYS A 264 22.66 -0.24 4.60
CA CYS A 264 22.70 0.00 3.15
C CYS A 264 23.86 -0.71 2.47
N ARG A 265 25.04 -0.63 3.11
CA ARG A 265 26.25 -1.30 2.65
C ARG A 265 25.99 -2.79 2.40
N LEU A 266 25.08 -3.37 3.17
CA LEU A 266 24.65 -4.72 2.94
C LEU A 266 23.78 -4.87 1.71
N GLU A 267 22.63 -4.22 1.72
CA GLU A 267 21.71 -4.26 0.59
C GLU A 267 21.55 -2.84 0.10
N PRO A 268 22.36 -2.46 -0.91
CA PRO A 268 22.38 -1.07 -1.40
C PRO A 268 21.02 -0.62 -1.94
N THR A 269 20.23 -1.58 -2.41
CA THR A 269 18.91 -1.24 -2.94
C THR A 269 18.13 -0.47 -1.88
N LEU A 270 18.58 -0.61 -0.63
CA LEU A 270 17.88 -0.04 0.50
C LEU A 270 18.09 1.46 0.55
N LYS A 271 19.19 1.91 -0.05
CA LYS A 271 19.57 3.32 -0.06
C LYS A 271 18.49 4.21 -0.67
N ASN A 272 17.36 3.61 -0.99
CA ASN A 272 16.27 4.34 -1.62
C ASN A 272 14.91 4.10 -0.98
N ALA A 273 14.82 3.06 -0.13
CA ALA A 273 13.55 2.77 0.54
C ALA A 273 13.07 3.88 1.50
N ARG A 274 11.76 4.10 1.48
CA ARG A 274 11.09 5.11 2.30
C ARG A 274 11.04 4.65 3.75
N ILE A 275 11.35 5.56 4.68
CA ILE A 275 11.28 5.28 6.14
C ILE A 275 9.86 5.45 6.74
N ILE A 276 9.35 4.35 7.31
CA ILE A 276 7.96 4.25 7.75
C ILE A 276 7.83 4.45 9.24
N GLY A 277 8.71 3.76 9.99
CA GLY A 277 8.67 3.84 11.45
C GLY A 277 10.03 3.57 12.08
N GLU A 278 10.23 4.14 13.26
CA GLU A 278 11.36 3.82 14.15
C GLU A 278 10.86 3.61 15.57
N ARG A 279 11.22 2.47 16.15
CA ARG A 279 10.78 2.14 17.49
C ARG A 279 11.94 1.63 18.32
N THR A 280 11.69 1.49 19.62
CA THR A 280 12.71 1.02 20.54
C THR A 280 12.12 0.07 21.58
N GLY A 281 12.87 -1.01 21.85
CA GLY A 281 12.47 -2.02 22.83
C GLY A 281 13.64 -2.43 23.69
N PHE A 282 13.36 -3.24 24.71
CA PHE A 282 14.43 -3.78 25.57
C PHE A 282 14.43 -5.31 25.61
N ARG A 283 15.52 -5.91 25.15
CA ARG A 283 15.63 -7.35 25.26
C ARG A 283 15.82 -7.74 26.73
N PRO A 284 14.94 -8.59 27.26
CA PRO A 284 15.07 -9.21 28.59
C PRO A 284 16.31 -10.11 28.72
N VAL A 285 17.49 -9.51 28.59
CA VAL A 285 18.75 -10.26 28.67
C VAL A 285 18.97 -10.85 30.08
N ARG A 286 19.19 -12.17 30.12
CA ARG A 286 19.50 -12.85 31.39
C ARG A 286 20.29 -14.15 31.14
N PRO A 287 21.42 -14.32 31.85
CA PRO A 287 22.29 -15.49 31.61
C PRO A 287 21.55 -16.76 31.15
N GLN A 288 20.34 -16.98 31.67
CA GLN A 288 19.50 -18.13 31.29
C GLN A 288 18.04 -17.91 31.70
N ILE A 289 17.12 -18.13 30.76
CA ILE A 289 15.70 -17.80 30.95
C ILE A 289 15.09 -18.30 32.28
N ARG A 290 14.57 -17.37 33.09
CA ARG A 290 13.96 -17.75 34.37
C ARG A 290 12.56 -18.37 34.25
N LEU A 291 12.55 -19.69 34.06
CA LEU A 291 11.30 -20.43 34.03
C LEU A 291 11.33 -21.47 35.15
N GLU A 292 10.74 -21.11 36.28
CA GLU A 292 10.72 -21.99 37.45
C GLU A 292 9.46 -21.77 38.31
N ARG A 293 9.48 -22.40 39.48
CA ARG A 293 8.35 -22.37 40.40
C ARG A 293 8.84 -22.08 41.82
N GLU A 294 8.37 -20.97 42.37
CA GLU A 294 8.82 -20.50 43.67
C GLU A 294 7.65 -20.42 44.66
N GLN A 295 7.91 -20.79 45.91
CA GLN A 295 6.89 -20.78 46.97
C GLN A 295 6.92 -19.42 47.66
N LEU A 296 6.09 -18.49 47.16
CA LEU A 296 6.14 -17.11 47.67
C LEU A 296 5.53 -16.95 49.06
N ARG A 297 6.33 -16.39 49.97
CA ARG A 297 5.93 -16.21 51.37
C ARG A 297 4.97 -15.03 51.55
N THR A 298 3.82 -15.32 52.19
CA THR A 298 2.74 -14.34 52.34
C THR A 298 1.99 -14.48 53.67
N GLY A 299 2.47 -13.72 54.68
CA GLY A 299 1.85 -13.72 56.01
C GLY A 299 1.56 -15.10 56.60
N PRO A 300 0.26 -15.45 56.74
CA PRO A 300 -0.18 -16.72 57.31
C PRO A 300 0.23 -17.95 56.49
N SER A 301 -0.48 -18.17 55.37
CA SER A 301 -0.19 -19.28 54.46
C SER A 301 0.23 -18.74 53.09
N ASN A 302 0.47 -19.66 52.14
CA ASN A 302 1.10 -19.33 50.86
C ASN A 302 0.17 -19.04 49.68
N THR A 303 0.74 -18.35 48.69
CA THR A 303 0.12 -18.10 47.38
C THR A 303 1.18 -18.36 46.30
N GLU A 304 0.89 -19.34 45.44
CA GLU A 304 1.86 -19.87 44.48
C GLU A 304 2.23 -18.93 43.34
N VAL A 305 3.53 -18.92 42.98
CA VAL A 305 4.03 -18.09 41.90
C VAL A 305 4.90 -18.88 40.90
N ILE A 306 4.54 -18.76 39.62
CA ILE A 306 5.35 -19.36 38.56
C ILE A 306 6.10 -18.28 37.80
N HIS A 307 7.43 -18.43 37.74
CA HIS A 307 8.28 -17.51 37.00
C HIS A 307 8.59 -18.01 35.60
N ASN A 308 8.49 -17.06 34.66
CA ASN A 308 8.74 -17.29 33.26
C ASN A 308 9.10 -15.95 32.65
N TYR A 309 10.38 -15.63 32.67
CA TYR A 309 10.88 -14.38 32.10
C TYR A 309 12.36 -14.45 31.75
N GLY A 310 12.85 -13.39 31.08
CA GLY A 310 14.24 -13.31 30.65
C GLY A 310 14.51 -14.17 29.44
N HIS A 311 13.83 -13.86 28.34
CA HIS A 311 13.95 -14.64 27.11
C HIS A 311 14.83 -13.98 26.06
N GLY A 312 15.81 -13.20 26.50
CA GLY A 312 16.73 -12.51 25.57
C GLY A 312 16.08 -12.01 24.29
N GLY A 313 16.89 -11.88 23.24
CA GLY A 313 16.39 -11.41 21.95
C GLY A 313 15.76 -12.52 21.15
N TYR A 314 15.29 -13.55 21.86
CA TYR A 314 14.70 -14.74 21.23
C TYR A 314 13.44 -15.18 21.97
N GLY A 315 12.69 -14.19 22.47
CA GLY A 315 11.39 -14.45 23.10
C GLY A 315 10.46 -15.22 22.18
N LEU A 316 10.14 -14.62 21.03
CA LEU A 316 9.29 -15.24 20.00
C LEU A 316 9.78 -16.63 19.61
N THR A 317 11.07 -16.70 19.28
CA THR A 317 11.73 -17.93 18.86
C THR A 317 11.37 -19.13 19.74
N ILE A 318 11.32 -18.91 21.05
CA ILE A 318 11.13 -20.00 21.99
C ILE A 318 9.83 -19.84 22.81
N HIS A 319 9.04 -18.82 22.49
CA HIS A 319 7.88 -18.44 23.29
C HIS A 319 7.01 -19.62 23.68
N TRP A 320 6.81 -20.54 22.74
CA TRP A 320 5.88 -21.65 22.90
C TRP A 320 6.38 -22.72 23.86
N GLY A 321 7.60 -23.20 23.64
CA GLY A 321 8.23 -24.18 24.54
C GLY A 321 8.10 -23.87 26.03
N CYS A 322 7.94 -22.58 26.34
CA CYS A 322 7.80 -22.12 27.73
C CYS A 322 6.35 -22.18 28.16
N ALA A 323 5.49 -21.56 27.37
CA ALA A 323 4.06 -21.53 27.64
C ALA A 323 3.49 -22.93 27.84
N LEU A 324 4.27 -23.95 27.47
CA LEU A 324 3.84 -25.35 27.60
C LEU A 324 4.49 -26.05 28.79
N GLU A 325 5.70 -25.62 29.14
CA GLU A 325 6.37 -26.07 30.37
C GLU A 325 5.66 -25.47 31.58
N ALA A 326 5.34 -24.18 31.46
CA ALA A 326 4.70 -23.42 32.52
C ALA A 326 3.33 -23.97 32.91
N ALA A 327 2.61 -24.54 31.94
CA ALA A 327 1.33 -25.17 32.22
C ALA A 327 1.59 -26.52 32.88
N LYS A 328 2.70 -27.17 32.46
CA LYS A 328 3.13 -28.40 33.12
C LYS A 328 3.36 -28.08 34.59
N LEU A 329 4.11 -27.02 34.86
CA LEU A 329 4.36 -26.53 36.24
C LEU A 329 3.07 -26.13 36.95
N PHE A 330 2.06 -25.74 36.17
CA PHE A 330 0.76 -25.42 36.72
C PHE A 330 -0.01 -26.71 37.00
N GLY A 331 0.51 -27.81 36.49
CA GLY A 331 -0.07 -29.13 36.75
C GLY A 331 0.40 -29.64 38.09
N ARG A 332 1.72 -29.61 38.29
CA ARG A 332 2.36 -30.11 39.52
C ARG A 332 1.82 -29.42 40.77
N ILE A 333 1.49 -28.14 40.64
CA ILE A 333 0.83 -27.39 41.72
C ILE A 333 -0.58 -27.94 41.90
N LEU A 334 -1.28 -28.10 40.80
CA LEU A 334 -2.66 -28.57 40.80
C LEU A 334 -2.78 -30.01 41.32
N GLU A 335 -1.65 -30.72 41.39
CA GLU A 335 -1.63 -32.08 41.93
C GLU A 335 -1.17 -32.11 43.41
N GLU A 336 -1.00 -30.92 44.00
CA GLU A 336 -0.59 -30.81 45.40
C GLU A 336 -1.70 -30.34 46.34
N LYS A 337 -2.87 -29.98 45.73
CA LYS A 337 -4.12 -29.95 46.50
C LYS A 337 -4.65 -31.35 46.28
N LYS A 338 -3.82 -32.13 45.57
CA LYS A 338 -4.03 -33.54 45.25
C LYS A 338 -5.34 -33.82 44.51
N LEU A 339 -5.45 -33.15 43.35
CA LEU A 339 -6.59 -33.30 42.43
C LEU A 339 -6.19 -34.13 41.20
N SER A 340 -7.15 -34.92 40.69
CA SER A 340 -6.92 -35.75 39.51
C SER A 340 -6.84 -34.88 38.24
N MET B 1 24.68 4.36 -41.34
CA MET B 1 23.58 3.35 -41.46
C MET B 1 22.29 3.76 -40.75
N ARG B 2 21.17 3.30 -41.29
CA ARG B 2 19.87 3.48 -40.67
C ARG B 2 19.37 2.12 -40.21
N VAL B 3 18.94 2.02 -38.96
CA VAL B 3 18.41 0.74 -38.43
C VAL B 3 16.95 0.87 -37.93
N VAL B 4 16.09 -0.08 -38.31
CA VAL B 4 14.71 -0.09 -37.83
C VAL B 4 14.44 -1.35 -37.03
N VAL B 5 13.92 -1.16 -35.80
CA VAL B 5 13.63 -2.24 -34.89
C VAL B 5 12.14 -2.28 -34.69
N ILE B 6 11.52 -3.32 -35.22
CA ILE B 6 10.09 -3.50 -34.99
C ILE B 6 9.93 -4.26 -33.70
N GLY B 7 9.09 -3.72 -32.80
CA GLY B 7 8.74 -4.42 -31.56
C GLY B 7 9.33 -3.69 -30.38
N ALA B 8 8.44 -3.13 -29.56
CA ALA B 8 8.81 -2.37 -28.37
C ALA B 8 8.53 -3.17 -27.10
N GLY B 9 8.86 -4.46 -27.14
CA GLY B 9 8.77 -5.35 -25.98
C GLY B 9 10.18 -5.75 -25.53
N VAL B 10 10.26 -6.45 -24.42
CA VAL B 10 11.54 -6.90 -23.89
C VAL B 10 12.50 -7.38 -24.99
N ILE B 11 12.10 -8.34 -25.80
CA ILE B 11 12.99 -8.83 -26.84
C ILE B 11 13.48 -7.68 -27.72
N GLY B 12 12.53 -6.85 -28.15
CA GLY B 12 12.77 -5.75 -29.09
C GLY B 12 13.68 -4.65 -28.60
N LEU B 13 13.49 -4.23 -27.35
CA LEU B 13 14.22 -3.09 -26.82
C LEU B 13 15.57 -3.49 -26.32
N SER B 14 15.63 -4.66 -25.66
CA SER B 14 16.90 -5.19 -25.16
C SER B 14 17.89 -5.16 -26.33
N THR B 15 17.41 -5.65 -27.46
CA THR B 15 18.18 -5.68 -28.69
C THR B 15 18.56 -4.27 -29.08
N ALA B 16 17.58 -3.39 -29.28
CA ALA B 16 17.82 -2.00 -29.71
C ALA B 16 18.88 -1.33 -28.85
N LEU B 17 18.80 -1.55 -27.54
CA LEU B 17 19.77 -1.06 -26.57
C LEU B 17 21.10 -1.77 -26.75
N CYS B 18 21.05 -3.09 -26.87
CA CYS B 18 22.26 -3.86 -26.96
C CYS B 18 22.99 -3.72 -28.30
N ILE B 19 22.24 -3.39 -29.35
CA ILE B 19 22.82 -3.08 -30.66
C ILE B 19 23.41 -1.67 -30.65
N HIS B 20 22.72 -0.75 -29.96
CA HIS B 20 23.20 0.62 -29.87
C HIS B 20 24.57 0.65 -29.22
N GLU B 21 24.57 0.46 -27.90
CA GLU B 21 25.78 0.53 -27.09
C GLU B 21 27.00 -0.03 -27.83
N ARG B 22 26.91 -1.31 -28.19
CA ARG B 22 28.03 -2.05 -28.79
C ARG B 22 28.63 -1.40 -30.04
N TYR B 23 27.77 -0.92 -30.95
CA TYR B 23 28.22 -0.28 -32.19
C TYR B 23 27.98 1.23 -32.27
N HIS B 24 27.85 1.86 -31.10
CA HIS B 24 27.70 3.32 -31.02
C HIS B 24 28.98 4.04 -31.46
N SER B 25 30.12 3.51 -31.02
CA SER B 25 31.42 4.12 -31.32
C SER B 25 31.88 3.85 -32.76
N VAL B 26 31.80 2.59 -33.19
CA VAL B 26 32.27 2.23 -34.52
C VAL B 26 31.18 2.31 -35.57
N LEU B 27 30.63 3.51 -35.75
CA LEU B 27 29.69 3.80 -36.83
C LEU B 27 29.22 5.24 -36.72
N GLN B 28 29.53 6.06 -37.74
CA GLN B 28 29.27 7.52 -37.66
C GLN B 28 27.78 7.84 -37.53
N PRO B 29 26.98 7.57 -38.58
CA PRO B 29 25.54 7.77 -38.43
C PRO B 29 24.84 6.45 -38.16
N LEU B 30 24.87 6.02 -36.89
CA LEU B 30 24.08 4.88 -36.43
C LEU B 30 22.77 5.42 -35.90
N ASP B 31 21.75 5.36 -36.75
CA ASP B 31 20.44 5.90 -36.42
C ASP B 31 19.43 4.77 -36.22
N ILE B 32 19.01 4.57 -34.97
CA ILE B 32 18.06 3.51 -34.61
C ILE B 32 16.64 4.06 -34.40
N LYS B 33 15.69 3.46 -35.12
CA LYS B 33 14.28 3.75 -34.90
C LYS B 33 13.61 2.50 -34.33
N VAL B 34 12.56 2.75 -33.53
CA VAL B 34 11.72 1.66 -33.09
C VAL B 34 10.30 1.95 -33.51
N TYR B 35 9.70 0.99 -34.20
CA TYR B 35 8.30 1.01 -34.55
C TYR B 35 7.61 -0.06 -33.74
N ALA B 36 6.34 0.16 -33.42
CA ALA B 36 5.58 -0.78 -32.62
C ALA B 36 4.14 -0.36 -32.56
N ASP B 37 3.27 -1.33 -32.34
CA ASP B 37 1.83 -1.14 -32.29
C ASP B 37 1.30 -0.96 -30.86
N ARG B 38 2.00 -1.55 -29.88
CA ARG B 38 1.60 -1.45 -28.47
C ARG B 38 2.84 -1.31 -27.61
N PHE B 39 2.94 -0.20 -26.88
CA PHE B 39 4.13 0.05 -26.08
C PHE B 39 4.04 -0.41 -24.61
N THR B 40 5.19 -0.31 -23.94
CA THR B 40 5.46 -0.67 -22.53
C THR B 40 4.38 -1.03 -21.49
N PRO B 41 3.26 -0.27 -21.41
CA PRO B 41 2.28 -0.78 -20.45
C PRO B 41 1.33 -1.81 -21.07
N LEU B 42 1.51 -2.16 -22.34
CA LEU B 42 0.48 -2.92 -23.06
C LEU B 42 0.97 -4.13 -23.83
N THR B 43 2.07 -4.73 -23.38
CA THR B 43 2.64 -5.85 -24.12
C THR B 43 2.62 -7.11 -23.31
N THR B 44 2.82 -8.22 -24.01
CA THR B 44 2.96 -9.55 -23.40
C THR B 44 4.07 -9.56 -22.37
N THR B 45 5.03 -8.65 -22.50
CA THR B 45 6.08 -8.57 -21.50
C THR B 45 5.58 -8.03 -20.17
N ASP B 46 4.41 -7.39 -20.17
CA ASP B 46 3.84 -6.88 -18.92
C ASP B 46 3.09 -7.95 -18.11
N VAL B 47 2.52 -8.92 -18.82
CA VAL B 47 1.73 -9.98 -18.20
C VAL B 47 2.64 -10.95 -17.48
N ALA B 48 3.89 -11.07 -17.95
CA ALA B 48 4.84 -12.01 -17.38
C ALA B 48 5.19 -11.61 -15.98
N ALA B 49 5.26 -12.60 -15.09
CA ALA B 49 5.76 -12.37 -13.71
C ALA B 49 7.26 -12.05 -13.69
N GLY B 50 7.99 -12.63 -14.64
CA GLY B 50 9.38 -12.32 -14.84
C GLY B 50 10.32 -13.16 -14.01
N LEU B 51 9.89 -14.37 -13.65
CA LEU B 51 10.74 -15.28 -12.89
C LEU B 51 11.76 -15.94 -13.79
N TRP B 52 13.03 -15.86 -13.41
CA TRP B 52 14.04 -16.57 -14.18
C TRP B 52 13.96 -18.09 -14.06
N GLN B 53 13.60 -18.74 -15.16
CA GLN B 53 13.54 -20.19 -15.21
C GLN B 53 13.17 -20.68 -16.59
N PRO B 54 14.13 -21.34 -17.28
CA PRO B 54 13.95 -21.91 -18.60
C PRO B 54 13.25 -23.25 -18.54
N TYR B 55 12.95 -23.83 -19.69
CA TYR B 55 12.35 -25.15 -19.79
C TYR B 55 13.06 -26.21 -18.95
N LEU B 56 12.30 -27.21 -18.51
CA LEU B 56 12.82 -28.27 -17.65
C LEU B 56 13.75 -29.26 -18.35
N SER B 57 13.75 -29.23 -19.69
CA SER B 57 14.60 -30.12 -20.48
C SER B 57 15.31 -29.37 -21.62
N ASP B 58 16.45 -29.97 -22.06
CA ASP B 58 17.26 -29.40 -23.14
C ASP B 58 16.41 -29.01 -24.35
N PRO B 59 16.59 -27.77 -24.86
CA PRO B 59 15.97 -27.41 -26.13
C PRO B 59 16.81 -27.92 -27.31
N ASN B 60 16.22 -27.90 -28.51
CA ASN B 60 16.89 -28.34 -29.73
C ASN B 60 18.19 -27.56 -29.85
N ASN B 61 18.14 -26.32 -29.36
CA ASN B 61 19.25 -25.42 -29.41
C ASN B 61 19.95 -25.33 -28.05
N PRO B 62 21.15 -25.94 -27.92
CA PRO B 62 21.94 -25.75 -26.70
C PRO B 62 22.64 -24.39 -26.73
N GLN B 63 22.64 -23.75 -27.92
CA GLN B 63 23.01 -22.31 -28.03
C GLN B 63 22.07 -21.48 -27.16
N GLU B 64 20.88 -22.03 -26.87
CA GLU B 64 19.88 -21.40 -26.03
C GLU B 64 20.29 -21.45 -24.56
N ALA B 65 20.69 -22.63 -24.08
CA ALA B 65 21.08 -22.84 -22.67
C ALA B 65 22.02 -21.74 -22.23
N ASP B 66 23.08 -21.53 -23.00
CA ASP B 66 24.04 -20.48 -22.73
C ASP B 66 23.37 -19.14 -22.63
N TRP B 67 22.37 -18.90 -23.48
CA TRP B 67 21.68 -17.59 -23.56
C TRP B 67 20.94 -17.18 -22.29
N SER B 68 20.14 -18.09 -21.74
CA SER B 68 19.41 -17.83 -20.51
C SER B 68 20.39 -17.61 -19.37
N GLN B 69 21.43 -18.45 -19.35
CA GLN B 69 22.57 -18.30 -18.42
C GLN B 69 23.21 -16.90 -18.53
N GLN B 70 23.51 -16.50 -19.77
CA GLN B 70 24.06 -15.18 -20.07
C GLN B 70 23.23 -14.05 -19.44
N THR B 71 21.90 -14.15 -19.54
CA THR B 71 20.99 -13.15 -18.97
C THR B 71 21.07 -13.13 -17.44
N PHE B 72 20.94 -14.32 -16.84
CA PHE B 72 21.04 -14.54 -15.39
C PHE B 72 22.31 -13.92 -14.76
N ASP B 73 23.46 -14.22 -15.35
CA ASP B 73 24.70 -13.67 -14.85
C ASP B 73 24.66 -12.16 -14.87
N TYR B 74 24.39 -11.58 -16.04
CA TYR B 74 24.26 -10.11 -16.21
C TYR B 74 23.29 -9.54 -15.18
N LEU B 75 22.15 -10.22 -15.02
CA LEU B 75 21.16 -9.78 -14.05
C LEU B 75 21.65 -9.84 -12.59
N LEU B 76 22.23 -10.97 -12.18
CA LEU B 76 22.73 -11.15 -10.80
C LEU B 76 23.91 -10.26 -10.52
N SER B 77 24.65 -9.91 -11.57
CA SER B 77 25.78 -9.03 -11.39
C SER B 77 25.31 -7.60 -11.23
N HIS B 78 23.97 -7.42 -11.21
CA HIS B 78 23.35 -6.09 -11.06
C HIS B 78 22.19 -6.10 -10.07
N VAL B 79 22.03 -7.20 -9.32
CA VAL B 79 20.99 -7.25 -8.28
C VAL B 79 21.26 -6.32 -7.10
N HIS B 80 22.51 -6.30 -6.65
CA HIS B 80 22.91 -5.49 -5.50
C HIS B 80 23.44 -4.12 -5.95
N SER B 81 22.80 -3.53 -6.96
CA SER B 81 23.21 -2.26 -7.55
C SER B 81 22.08 -1.26 -7.40
N PRO B 82 22.39 0.06 -7.41
CA PRO B 82 21.32 1.07 -7.26
C PRO B 82 20.17 0.89 -8.25
N ASN B 83 20.51 0.79 -9.54
CA ASN B 83 19.53 0.63 -10.63
C ASN B 83 18.50 -0.49 -10.41
N ALA B 84 18.91 -1.53 -9.70
CA ALA B 84 18.12 -2.76 -9.55
C ALA B 84 16.65 -2.50 -9.25
N GLU B 85 16.37 -1.44 -8.50
CA GLU B 85 15.00 -1.11 -8.08
C GLU B 85 14.19 -0.64 -9.30
N ASN B 86 14.76 0.30 -10.04
CA ASN B 86 14.20 0.79 -11.32
C ASN B 86 14.03 -0.33 -12.33
N LEU B 87 14.98 -1.26 -12.30
CA LEU B 87 15.02 -2.44 -13.16
C LEU B 87 13.87 -3.43 -12.87
N GLY B 88 13.37 -3.43 -11.65
CA GLY B 88 12.38 -4.43 -11.25
C GLY B 88 13.05 -5.78 -10.99
N LEU B 89 14.31 -5.71 -10.56
CA LEU B 89 15.17 -6.87 -10.33
C LEU B 89 15.33 -7.09 -8.84
N PHE B 90 15.42 -8.36 -8.43
CA PHE B 90 15.68 -8.73 -7.03
C PHE B 90 15.73 -10.25 -6.94
N LEU B 91 16.39 -10.78 -5.91
CA LEU B 91 16.45 -12.24 -5.71
C LEU B 91 15.17 -12.78 -5.14
N ILE B 92 14.94 -14.07 -5.35
CA ILE B 92 13.72 -14.72 -4.93
C ILE B 92 13.89 -16.22 -4.92
N SER B 93 13.63 -16.84 -3.78
CA SER B 93 13.77 -18.27 -3.65
C SER B 93 12.43 -18.95 -3.62
N GLY B 94 12.42 -20.27 -3.88
CA GLY B 94 11.15 -20.96 -3.99
C GLY B 94 11.17 -22.43 -4.33
N TYR B 95 9.99 -23.02 -4.32
CA TYR B 95 9.84 -24.46 -4.44
C TYR B 95 9.45 -24.83 -5.85
N ASN B 96 10.11 -25.88 -6.35
CA ASN B 96 9.72 -26.53 -7.60
C ASN B 96 9.21 -27.91 -7.28
N LEU B 97 7.95 -28.18 -7.67
CA LEU B 97 7.27 -29.39 -7.21
C LEU B 97 6.81 -30.35 -8.31
N PHE B 98 6.97 -31.64 -8.03
CA PHE B 98 6.64 -32.69 -8.96
C PHE B 98 5.85 -33.75 -8.23
N HIS B 99 5.16 -34.59 -9.01
CA HIS B 99 4.39 -35.74 -8.53
C HIS B 99 5.26 -36.99 -8.37
N GLU B 100 6.48 -36.94 -8.90
CA GLU B 100 7.43 -38.05 -8.83
C GLU B 100 8.86 -37.52 -8.89
N ALA B 101 9.84 -38.43 -8.84
CA ALA B 101 11.24 -38.05 -9.11
C ALA B 101 11.37 -37.55 -10.56
N ILE B 102 12.55 -37.07 -10.93
CA ILE B 102 12.81 -36.51 -12.28
C ILE B 102 14.23 -35.94 -12.29
N PRO B 103 14.95 -36.06 -13.42
CA PRO B 103 16.33 -35.55 -13.40
C PRO B 103 16.43 -34.06 -13.09
N ASP B 104 17.61 -33.63 -12.61
CA ASP B 104 17.90 -32.21 -12.40
C ASP B 104 17.70 -31.42 -13.70
N PRO B 105 18.02 -30.10 -13.68
CA PRO B 105 17.90 -29.34 -14.92
C PRO B 105 19.21 -29.22 -15.71
N SER B 106 19.51 -28.00 -16.11
CA SER B 106 20.73 -27.64 -16.82
C SER B 106 21.28 -26.41 -16.10
N TRP B 107 20.36 -25.45 -15.88
CA TRP B 107 20.60 -24.24 -15.09
C TRP B 107 20.99 -24.58 -13.66
N LYS B 108 21.02 -25.88 -13.39
CA LYS B 108 21.44 -26.48 -12.13
C LYS B 108 22.55 -25.68 -11.44
N ASP B 109 23.57 -25.32 -12.19
CA ASP B 109 24.66 -24.58 -11.56
C ASP B 109 24.44 -23.09 -11.69
N THR B 110 23.70 -22.71 -12.74
CA THR B 110 23.41 -21.30 -13.04
C THR B 110 22.66 -20.63 -11.90
N VAL B 111 21.50 -21.21 -11.54
CA VAL B 111 20.72 -20.69 -10.44
C VAL B 111 21.58 -20.72 -9.18
N LEU B 112 21.18 -19.98 -8.16
CA LEU B 112 21.91 -19.95 -6.91
C LEU B 112 21.48 -21.04 -5.92
N GLY B 113 22.48 -21.73 -5.36
CA GLY B 113 22.31 -22.73 -4.31
C GLY B 113 21.25 -23.79 -4.61
N PHE B 114 21.30 -24.32 -5.83
CA PHE B 114 20.39 -25.39 -6.24
C PHE B 114 20.49 -26.60 -5.30
N ARG B 115 19.36 -27.11 -4.83
CA ARG B 115 19.35 -28.32 -4.01
C ARG B 115 18.00 -29.00 -4.05
N LYS B 116 17.99 -30.32 -3.77
CA LYS B 116 16.74 -31.08 -3.74
C LYS B 116 15.94 -30.67 -2.52
N LEU B 117 14.63 -30.83 -2.62
CA LEU B 117 13.77 -30.62 -1.46
C LEU B 117 14.12 -31.64 -0.41
N THR B 118 13.60 -31.41 0.81
CA THR B 118 13.79 -32.30 1.94
C THR B 118 12.41 -32.82 2.37
N PRO B 119 12.35 -34.06 2.89
CA PRO B 119 11.11 -34.65 3.37
C PRO B 119 10.28 -33.63 4.17
N ARG B 120 10.94 -32.98 5.12
CA ARG B 120 10.31 -32.06 6.04
C ARG B 120 9.64 -30.84 5.36
N GLU B 121 10.20 -30.43 4.21
CA GLU B 121 9.63 -29.35 3.41
C GLU B 121 8.43 -29.85 2.61
N LEU B 122 8.54 -31.09 2.13
CA LEU B 122 7.53 -31.68 1.26
C LEU B 122 6.23 -31.75 2.00
N ASP B 123 6.32 -31.90 3.32
CA ASP B 123 5.16 -32.04 4.19
C ASP B 123 4.19 -30.88 3.98
N MET B 124 4.73 -29.67 3.85
CA MET B 124 3.99 -28.43 3.63
C MET B 124 3.13 -28.43 2.35
N PHE B 125 3.47 -29.33 1.44
CA PHE B 125 2.71 -29.52 0.20
C PHE B 125 2.34 -30.99 0.05
N PRO B 126 1.17 -31.37 0.59
CA PRO B 126 0.75 -32.77 0.63
C PRO B 126 0.69 -33.43 -0.75
N ASP B 127 0.05 -32.76 -1.71
CA ASP B 127 -0.22 -33.34 -3.05
C ASP B 127 1.00 -33.80 -3.88
N TYR B 128 2.21 -33.56 -3.38
CA TYR B 128 3.43 -33.81 -4.15
C TYR B 128 4.41 -34.68 -3.37
N GLY B 129 5.28 -35.39 -4.10
CA GLY B 129 6.19 -36.37 -3.49
C GLY B 129 7.68 -36.08 -3.68
N TYR B 130 7.99 -35.21 -4.64
CA TYR B 130 9.39 -34.88 -4.92
C TYR B 130 9.51 -33.46 -5.48
N GLY B 131 10.65 -32.80 -5.27
CA GLY B 131 10.88 -31.47 -5.81
C GLY B 131 12.23 -30.82 -5.57
N TRP B 132 12.34 -29.53 -5.91
CA TRP B 132 13.59 -28.76 -5.79
C TRP B 132 13.43 -27.50 -4.95
N PHE B 133 14.58 -26.88 -4.62
CA PHE B 133 14.61 -25.56 -4.01
C PHE B 133 15.87 -24.85 -4.46
N HIS B 134 15.73 -23.57 -4.79
CA HIS B 134 16.87 -22.75 -5.22
C HIS B 134 16.58 -21.25 -5.12
N THR B 135 17.60 -20.45 -5.46
CA THR B 135 17.47 -18.99 -5.53
C THR B 135 17.68 -18.50 -6.96
N SER B 136 16.68 -17.77 -7.46
CA SER B 136 16.72 -17.26 -8.83
C SER B 136 16.58 -15.73 -8.84
N LEU B 137 16.10 -15.18 -9.96
CA LEU B 137 15.85 -13.75 -10.10
C LEU B 137 14.51 -13.48 -10.77
N ILE B 138 13.84 -12.41 -10.32
CA ILE B 138 12.64 -11.91 -11.00
C ILE B 138 13.02 -10.61 -11.69
N LEU B 139 12.79 -10.54 -13.01
CA LEU B 139 12.96 -9.28 -13.71
C LEU B 139 11.60 -8.77 -14.14
N GLU B 140 10.98 -7.92 -13.33
CA GLU B 140 9.66 -7.41 -13.67
C GLU B 140 9.68 -6.56 -14.95
N GLY B 141 8.76 -6.90 -15.85
CA GLY B 141 8.74 -6.34 -17.19
C GLY B 141 8.28 -4.90 -17.25
N LYS B 142 7.41 -4.51 -16.33
CA LYS B 142 6.92 -3.14 -16.30
C LYS B 142 8.02 -2.15 -15.92
N ASN B 143 8.90 -2.55 -15.01
CA ASN B 143 10.05 -1.71 -14.66
C ASN B 143 11.21 -1.90 -15.61
N TYR B 144 11.25 -3.04 -16.28
CA TYR B 144 12.34 -3.31 -17.21
C TYR B 144 12.12 -2.51 -18.49
N LEU B 145 10.93 -2.65 -19.05
CA LEU B 145 10.55 -1.90 -20.25
C LEU B 145 10.75 -0.40 -20.04
N GLN B 146 10.21 0.09 -18.91
CA GLN B 146 10.30 1.48 -18.52
C GLN B 146 11.78 1.92 -18.44
N TRP B 147 12.63 1.06 -17.87
CA TRP B 147 14.04 1.40 -17.73
C TRP B 147 14.74 1.36 -19.09
N LEU B 148 14.51 0.28 -19.84
CA LEU B 148 15.14 0.13 -21.14
C LEU B 148 14.82 1.35 -22.00
N THR B 149 13.57 1.79 -21.95
CA THR B 149 13.15 2.96 -22.72
C THR B 149 13.99 4.18 -22.40
N GLU B 150 14.04 4.56 -21.13
CA GLU B 150 14.74 5.78 -20.74
C GLU B 150 16.19 5.66 -21.19
N ARG B 151 16.71 4.43 -21.11
CA ARG B 151 18.07 4.09 -21.57
C ARG B 151 18.22 4.32 -23.07
N LEU B 152 17.22 3.88 -23.81
CA LEU B 152 17.19 4.02 -25.23
C LEU B 152 16.98 5.48 -25.65
N THR B 153 16.24 6.24 -24.85
CA THR B 153 15.96 7.65 -25.15
C THR B 153 17.22 8.50 -25.09
N GLU B 154 17.94 8.43 -23.97
CA GLU B 154 19.22 9.15 -23.85
C GLU B 154 20.20 8.76 -24.97
N ARG B 155 20.03 7.55 -25.50
CA ARG B 155 20.83 7.10 -26.63
C ARG B 155 20.36 7.70 -27.95
N GLY B 156 19.12 8.19 -27.95
CA GLY B 156 18.57 8.90 -29.11
C GLY B 156 17.63 8.12 -30.01
N VAL B 157 17.45 6.84 -29.70
CA VAL B 157 16.52 5.98 -30.42
C VAL B 157 15.12 6.56 -30.32
N LYS B 158 14.52 6.85 -31.47
CA LYS B 158 13.15 7.35 -31.45
C LYS B 158 12.15 6.20 -31.54
N PHE B 159 10.92 6.44 -31.10
CA PHE B 159 9.92 5.38 -31.07
C PHE B 159 8.68 5.80 -31.85
N PHE B 160 8.13 4.89 -32.66
CA PHE B 160 6.92 5.23 -33.39
C PHE B 160 5.83 4.17 -33.25
N GLN B 161 4.58 4.64 -33.12
CA GLN B 161 3.48 3.74 -32.78
C GLN B 161 2.73 3.46 -34.05
N ARG B 162 3.37 2.67 -34.91
CA ARG B 162 2.81 2.32 -36.20
C ARG B 162 2.81 0.81 -36.35
N LYS B 163 1.75 0.28 -36.96
CA LYS B 163 1.69 -1.14 -37.28
C LYS B 163 2.35 -1.37 -38.64
N VAL B 164 3.57 -1.91 -38.62
CA VAL B 164 4.26 -2.33 -39.84
C VAL B 164 3.43 -3.42 -40.52
N GLU B 165 3.29 -3.32 -41.83
CA GLU B 165 2.55 -4.33 -42.60
C GLU B 165 3.48 -5.30 -43.34
N SER B 166 4.75 -4.98 -43.43
CA SER B 166 5.68 -5.73 -44.25
C SER B 166 7.08 -5.18 -44.06
N PHE B 167 8.05 -6.07 -44.08
CA PHE B 167 9.46 -5.67 -44.08
C PHE B 167 9.78 -4.76 -45.26
N GLU B 168 9.26 -5.10 -46.44
CA GLU B 168 9.47 -4.28 -47.63
C GLU B 168 9.04 -2.86 -47.37
N GLU B 169 7.81 -2.67 -46.91
CA GLU B 169 7.29 -1.36 -46.56
C GLU B 169 8.35 -0.47 -45.90
N VAL B 170 9.11 -1.06 -44.99
CA VAL B 170 10.12 -0.33 -44.21
C VAL B 170 11.41 -0.24 -45.01
N ALA B 171 11.73 -1.31 -45.72
CA ALA B 171 12.92 -1.37 -46.54
C ALA B 171 12.82 -0.27 -47.59
N ARG B 172 11.84 -0.45 -48.48
CA ARG B 172 11.43 0.51 -49.52
C ARG B 172 11.38 1.99 -49.07
N GLU B 173 11.28 2.22 -47.76
CA GLU B 173 11.28 3.57 -47.24
C GLU B 173 12.57 3.93 -46.47
N GLY B 174 13.63 3.14 -46.67
CA GLY B 174 14.96 3.60 -46.21
C GLY B 174 15.75 2.72 -45.27
N ALA B 175 15.08 1.71 -44.71
CA ALA B 175 15.70 0.82 -43.74
C ALA B 175 16.92 0.09 -44.31
N ASP B 176 18.07 0.22 -43.62
CA ASP B 176 19.24 -0.60 -43.94
C ASP B 176 19.12 -1.98 -43.29
N VAL B 177 18.90 -2.03 -41.98
CA VAL B 177 18.69 -3.32 -41.31
C VAL B 177 17.37 -3.32 -40.53
N ILE B 178 16.61 -4.40 -40.65
CA ILE B 178 15.32 -4.51 -39.96
C ILE B 178 15.33 -5.63 -38.90
N VAL B 179 15.20 -5.26 -37.63
CA VAL B 179 15.11 -6.26 -36.56
C VAL B 179 13.68 -6.62 -36.19
N ASN B 180 13.29 -7.84 -36.58
CA ASN B 180 11.97 -8.36 -36.29
C ASN B 180 11.90 -8.97 -34.91
N CYS B 181 11.47 -8.15 -33.95
CA CYS B 181 11.29 -8.60 -32.57
C CYS B 181 9.84 -8.40 -32.24
N THR B 182 9.01 -9.17 -32.95
CA THR B 182 7.59 -8.90 -32.93
C THR B 182 6.85 -10.04 -32.30
N GLY B 183 7.59 -10.99 -31.72
CA GLY B 183 6.96 -12.07 -30.93
C GLY B 183 5.78 -12.79 -31.55
N VAL B 184 4.82 -13.18 -30.71
CA VAL B 184 3.70 -14.04 -31.15
C VAL B 184 2.97 -13.57 -32.42
N TRP B 185 3.06 -12.29 -32.73
CA TRP B 185 2.43 -11.78 -33.95
C TRP B 185 3.39 -11.66 -35.12
N ALA B 186 4.53 -12.36 -35.06
CA ALA B 186 5.51 -12.30 -36.15
C ALA B 186 4.94 -12.92 -37.43
N GLY B 187 3.92 -13.77 -37.27
CA GLY B 187 3.27 -14.47 -38.39
C GLY B 187 2.85 -13.53 -39.50
N ALA B 188 2.11 -12.48 -39.13
CA ALA B 188 1.57 -11.51 -40.09
C ALA B 188 2.65 -10.84 -40.96
N LEU B 189 3.87 -10.81 -40.46
CA LEU B 189 5.00 -10.23 -41.21
C LEU B 189 5.69 -11.28 -42.07
N GLN B 190 5.46 -12.57 -41.75
CA GLN B 190 6.07 -13.68 -42.50
C GLN B 190 5.59 -15.03 -42.01
N ARG B 191 4.69 -15.62 -42.81
CA ARG B 191 4.03 -16.89 -42.50
C ARG B 191 4.93 -17.90 -41.79
N ASP B 192 4.79 -18.00 -40.47
CA ASP B 192 5.57 -18.98 -39.71
C ASP B 192 4.59 -19.90 -39.01
N PRO B 193 4.56 -21.20 -39.39
CA PRO B 193 3.55 -22.14 -38.90
C PRO B 193 3.96 -22.82 -37.58
N LEU B 194 5.24 -22.74 -37.26
CA LEU B 194 5.77 -23.26 -36.01
C LEU B 194 5.62 -22.26 -34.86
N LEU B 195 5.20 -21.02 -35.17
CA LEU B 195 4.94 -20.00 -34.15
C LEU B 195 3.47 -19.97 -33.75
N GLN B 196 3.16 -20.52 -32.57
CA GLN B 196 1.80 -20.52 -32.01
C GLN B 196 1.72 -19.82 -30.62
N PRO B 197 0.64 -19.03 -30.38
CA PRO B 197 0.36 -18.46 -29.07
C PRO B 197 -0.10 -19.49 -28.02
N GLY B 198 0.76 -19.75 -27.04
CA GLY B 198 0.34 -20.51 -25.87
C GLY B 198 -0.29 -19.51 -24.93
N ARG B 199 -1.61 -19.61 -24.80
CA ARG B 199 -2.37 -18.59 -24.08
C ARG B 199 -2.07 -18.60 -22.58
N GLY B 200 -1.82 -17.41 -22.03
CA GLY B 200 -1.60 -17.25 -20.60
C GLY B 200 -2.62 -16.31 -19.99
N GLN B 201 -3.25 -16.77 -18.90
CA GLN B 201 -4.12 -15.94 -18.04
C GLN B 201 -3.53 -16.05 -16.65
N ILE B 202 -3.37 -14.91 -15.97
CA ILE B 202 -2.87 -14.86 -14.59
C ILE B 202 -3.72 -13.99 -13.66
N MET B 203 -3.31 -13.93 -12.39
CA MET B 203 -4.05 -13.21 -11.36
C MET B 203 -3.07 -12.49 -10.45
N LYS B 204 -3.28 -11.21 -10.24
CA LYS B 204 -2.43 -10.43 -9.36
C LYS B 204 -3.17 -10.15 -8.06
N VAL B 205 -2.61 -10.66 -6.97
CA VAL B 205 -3.27 -10.68 -5.66
C VAL B 205 -2.38 -10.05 -4.59
N ASP B 206 -3.01 -9.38 -3.61
CA ASP B 206 -2.28 -8.81 -2.50
C ASP B 206 -2.17 -9.83 -1.39
N ALA B 207 -0.99 -10.44 -1.26
CA ALA B 207 -0.75 -11.35 -0.16
C ALA B 207 0.71 -11.26 0.23
N PRO B 208 1.14 -10.08 0.70
CA PRO B 208 2.54 -9.81 1.02
C PRO B 208 3.36 -10.95 1.68
N TRP B 209 2.82 -11.63 2.69
CA TRP B 209 3.61 -12.59 3.46
C TRP B 209 4.29 -13.66 2.60
N MET B 210 3.63 -14.05 1.51
CA MET B 210 4.20 -14.93 0.50
C MET B 210 5.54 -14.36 0.10
N LYS B 211 6.60 -15.14 0.37
CA LYS B 211 7.94 -14.72 0.06
C LYS B 211 8.63 -15.74 -0.83
N HIS B 212 8.04 -16.92 -1.01
CA HIS B 212 8.68 -17.93 -1.85
C HIS B 212 7.82 -18.23 -3.05
N PHE B 213 8.43 -18.41 -4.22
CA PHE B 213 7.65 -18.79 -5.42
C PHE B 213 7.35 -20.28 -5.38
N ILE B 214 6.24 -20.71 -5.99
CA ILE B 214 5.91 -22.12 -5.98
C ILE B 214 5.40 -22.65 -7.31
N LEU B 215 6.29 -22.94 -8.24
CA LEU B 215 5.87 -23.56 -9.50
C LEU B 215 5.64 -25.07 -9.27
N THR B 216 4.48 -25.58 -9.71
CA THR B 216 4.21 -27.02 -9.70
C THR B 216 4.21 -27.58 -11.12
N HIS B 217 4.28 -28.90 -11.24
CA HIS B 217 4.40 -29.56 -12.53
C HIS B 217 3.68 -30.91 -12.53
N ASP B 218 2.64 -31.03 -13.36
CA ASP B 218 1.94 -32.32 -13.56
C ASP B 218 1.79 -32.69 -15.05
N PRO B 219 2.30 -33.87 -15.46
CA PRO B 219 2.29 -34.28 -16.87
C PRO B 219 0.92 -34.20 -17.58
N GLU B 220 -0.16 -34.64 -16.92
CA GLU B 220 -1.52 -34.60 -17.49
C GLU B 220 -2.07 -33.20 -17.80
N ARG B 221 -1.68 -32.20 -16.99
CA ARG B 221 -2.11 -30.82 -17.21
C ARG B 221 -1.29 -30.22 -18.33
N GLY B 222 0.03 -30.22 -18.16
CA GLY B 222 0.95 -29.79 -19.22
C GLY B 222 1.83 -28.61 -18.85
N ILE B 223 2.88 -28.41 -19.65
CA ILE B 223 3.78 -27.26 -19.54
C ILE B 223 2.98 -26.00 -19.22
N TYR B 224 3.43 -25.26 -18.20
CA TYR B 224 2.78 -24.05 -17.71
C TYR B 224 1.24 -24.18 -17.54
N ASN B 225 0.74 -25.42 -17.45
CA ASN B 225 -0.68 -25.66 -17.13
C ASN B 225 -0.84 -26.22 -15.72
N SER B 226 0.28 -26.29 -15.01
CA SER B 226 0.31 -26.66 -13.60
C SER B 226 0.49 -25.37 -12.75
N PRO B 227 -0.37 -25.18 -11.73
CA PRO B 227 -0.43 -23.95 -10.93
C PRO B 227 0.93 -23.46 -10.41
N TYR B 228 1.08 -22.14 -10.33
CA TYR B 228 2.29 -21.53 -9.80
C TYR B 228 1.93 -20.24 -9.07
N ILE B 229 2.84 -19.83 -8.17
CA ILE B 229 2.65 -18.66 -7.35
C ILE B 229 3.96 -17.94 -7.25
N ILE B 230 4.05 -16.84 -7.99
CA ILE B 230 5.26 -16.03 -8.02
C ILE B 230 4.99 -14.68 -7.38
N PRO B 231 5.37 -14.52 -6.09
CA PRO B 231 5.29 -13.21 -5.46
C PRO B 231 6.23 -12.24 -6.15
N GLY B 232 5.64 -11.22 -6.79
CA GLY B 232 6.38 -10.13 -7.40
C GLY B 232 6.75 -9.05 -6.39
N THR B 233 6.85 -7.82 -6.88
CA THR B 233 7.24 -6.71 -6.02
C THR B 233 6.07 -6.19 -5.19
N GLN B 234 5.08 -5.59 -5.83
CA GLN B 234 3.98 -4.94 -5.12
C GLN B 234 2.79 -5.87 -4.98
N THR B 235 2.87 -7.03 -5.62
CA THR B 235 1.78 -8.01 -5.54
C THR B 235 2.27 -9.42 -5.88
N VAL B 236 1.45 -10.43 -5.59
CA VAL B 236 1.87 -11.77 -5.87
C VAL B 236 1.06 -12.28 -7.02
N THR B 237 1.68 -13.17 -7.80
CA THR B 237 1.10 -13.63 -9.04
C THR B 237 0.63 -15.05 -8.98
N LEU B 238 -0.68 -15.20 -9.18
CA LEU B 238 -1.28 -16.50 -9.36
C LEU B 238 -1.35 -16.76 -10.86
N GLY B 239 -1.35 -18.03 -11.25
CA GLY B 239 -1.40 -18.40 -12.67
C GLY B 239 -1.02 -19.86 -12.86
N GLY B 240 -1.15 -20.34 -14.10
CA GLY B 240 -0.92 -21.77 -14.40
C GLY B 240 -1.79 -22.23 -15.55
N ILE B 241 -1.75 -21.46 -16.64
CA ILE B 241 -2.60 -21.68 -17.81
C ILE B 241 -1.75 -21.67 -19.09
N PHE B 242 -1.95 -22.70 -19.92
CA PHE B 242 -1.22 -22.84 -21.18
C PHE B 242 -2.14 -23.42 -22.27
N GLN B 243 -2.36 -22.65 -23.33
CA GLN B 243 -3.28 -23.04 -24.42
C GLN B 243 -2.85 -22.57 -25.80
N LEU B 244 -2.32 -23.51 -26.60
CA LEU B 244 -1.83 -23.18 -27.94
C LEU B 244 -2.94 -22.72 -28.87
N GLY B 245 -2.58 -21.80 -29.78
CA GLY B 245 -3.47 -21.37 -30.85
C GLY B 245 -4.83 -20.93 -30.37
N ASN B 246 -4.80 -20.06 -29.36
CA ASN B 246 -6.01 -19.51 -28.82
C ASN B 246 -5.79 -18.01 -28.75
N TRP B 247 -5.96 -17.36 -29.89
CA TRP B 247 -5.67 -15.94 -30.03
C TRP B 247 -6.72 -15.08 -29.36
N SER B 248 -7.20 -15.54 -28.22
CA SER B 248 -8.28 -14.87 -27.53
C SER B 248 -7.72 -14.00 -26.41
N GLU B 249 -7.51 -12.72 -26.69
CA GLU B 249 -6.98 -11.80 -25.68
C GLU B 249 -8.15 -11.26 -24.89
N LEU B 250 -8.52 -11.98 -23.84
CA LEU B 250 -9.66 -11.64 -23.01
C LEU B 250 -9.67 -12.60 -21.84
N ASN B 251 -10.01 -12.08 -20.66
CA ASN B 251 -10.03 -12.90 -19.45
C ASN B 251 -11.17 -13.89 -19.46
N ASN B 252 -10.88 -15.10 -19.00
CA ASN B 252 -11.83 -16.20 -19.05
C ASN B 252 -12.27 -16.59 -17.63
N ILE B 253 -13.57 -16.51 -17.38
CA ILE B 253 -14.16 -16.78 -16.07
C ILE B 253 -13.85 -18.19 -15.60
N GLN B 254 -13.73 -19.10 -16.56
CA GLN B 254 -13.53 -20.50 -16.25
C GLN B 254 -12.06 -20.72 -15.91
N ASP B 255 -11.19 -19.97 -16.56
CA ASP B 255 -9.76 -19.99 -16.22
C ASP B 255 -9.53 -19.50 -14.78
N HIS B 256 -10.10 -18.33 -14.47
CA HIS B 256 -10.09 -17.72 -13.14
C HIS B 256 -10.21 -18.77 -12.03
N ASN B 257 -11.23 -19.61 -12.16
CA ASN B 257 -11.54 -20.63 -11.17
C ASN B 257 -10.49 -21.69 -11.02
N THR B 258 -9.83 -22.04 -12.13
CA THR B 258 -8.80 -23.09 -12.11
C THR B 258 -7.49 -22.54 -11.55
N ILE B 259 -7.32 -21.22 -11.66
CA ILE B 259 -6.18 -20.52 -11.08
C ILE B 259 -6.40 -20.34 -9.58
N TRP B 260 -7.62 -19.93 -9.24
CA TRP B 260 -8.02 -19.74 -7.85
C TRP B 260 -8.01 -21.07 -7.07
N GLU B 261 -8.98 -21.93 -7.35
CA GLU B 261 -9.05 -23.25 -6.73
C GLU B 261 -7.71 -23.98 -6.75
N GLY B 262 -6.96 -23.78 -7.84
CA GLY B 262 -5.67 -24.43 -8.03
C GLY B 262 -4.61 -23.99 -7.03
N CYS B 263 -4.39 -22.67 -6.94
CA CYS B 263 -3.36 -22.12 -6.07
C CYS B 263 -3.75 -22.16 -4.62
N CYS B 264 -5.05 -21.98 -4.35
CA CYS B 264 -5.54 -22.03 -2.98
C CYS B 264 -5.08 -23.33 -2.36
N ARG B 265 -5.54 -24.46 -2.91
CA ARG B 265 -5.13 -25.80 -2.46
C ARG B 265 -3.64 -25.93 -2.25
N LEU B 266 -2.87 -25.15 -3.00
CA LEU B 266 -1.44 -25.17 -2.87
C LEU B 266 -1.00 -24.43 -1.61
N GLU B 267 -1.58 -23.26 -1.36
CA GLU B 267 -1.21 -22.45 -0.20
C GLU B 267 -2.43 -21.73 0.36
N PRO B 268 -3.23 -22.42 1.20
CA PRO B 268 -4.56 -21.92 1.64
C PRO B 268 -4.50 -20.57 2.38
N THR B 269 -3.29 -20.11 2.67
CA THR B 269 -3.09 -18.79 3.25
C THR B 269 -3.62 -17.80 2.22
N LEU B 270 -3.99 -18.33 1.06
CA LEU B 270 -4.33 -17.51 -0.08
C LEU B 270 -5.79 -17.21 -0.13
N LYS B 271 -6.61 -18.03 0.52
CA LYS B 271 -8.07 -17.97 0.32
C LYS B 271 -8.67 -16.61 0.68
N ASN B 272 -8.21 -16.05 1.79
CA ASN B 272 -8.59 -14.69 2.17
C ASN B 272 -7.52 -13.71 1.70
N ALA B 273 -7.20 -13.82 0.41
CA ALA B 273 -6.29 -12.87 -0.27
C ALA B 273 -7.11 -11.80 -0.98
N ARG B 274 -6.45 -10.94 -1.75
CA ARG B 274 -7.17 -9.89 -2.43
C ARG B 274 -6.84 -9.86 -3.91
N ILE B 275 -7.87 -9.82 -4.75
CA ILE B 275 -7.69 -9.75 -6.20
C ILE B 275 -7.56 -8.31 -6.68
N ILE B 276 -6.33 -7.95 -7.06
CA ILE B 276 -6.01 -6.64 -7.58
C ILE B 276 -6.36 -6.60 -9.05
N GLY B 277 -6.03 -7.67 -9.78
CA GLY B 277 -6.26 -7.72 -11.22
C GLY B 277 -6.10 -9.07 -11.90
N GLU B 278 -6.61 -9.15 -13.12
CA GLU B 278 -6.55 -10.38 -13.91
C GLU B 278 -6.21 -10.02 -15.35
N ARG B 279 -5.21 -10.69 -15.91
CA ARG B 279 -4.68 -10.34 -17.23
C ARG B 279 -4.47 -11.56 -18.12
N THR B 280 -4.40 -11.31 -19.44
CA THR B 280 -4.18 -12.36 -20.41
C THR B 280 -3.04 -12.02 -21.37
N GLY B 281 -2.29 -13.04 -21.78
CA GLY B 281 -1.13 -12.88 -22.65
C GLY B 281 -0.90 -14.09 -23.55
N PHE B 282 -0.02 -13.94 -24.52
CA PHE B 282 0.28 -15.02 -25.45
C PHE B 282 1.77 -15.29 -25.54
N ARG B 283 2.16 -16.47 -25.05
CA ARG B 283 3.55 -16.92 -25.11
C ARG B 283 3.87 -17.25 -26.54
N PRO B 284 4.79 -16.46 -27.15
CA PRO B 284 5.22 -16.76 -28.52
C PRO B 284 5.90 -18.13 -28.61
N VAL B 285 5.08 -19.20 -28.53
CA VAL B 285 5.55 -20.58 -28.54
C VAL B 285 6.11 -20.97 -29.91
N ARG B 286 7.33 -21.55 -29.91
CA ARG B 286 7.95 -22.05 -31.13
C ARG B 286 9.08 -23.03 -30.82
N PRO B 287 9.13 -24.18 -31.53
CA PRO B 287 10.12 -25.22 -31.28
C PRO B 287 11.49 -24.71 -30.83
N GLN B 288 12.04 -23.70 -31.50
CA GLN B 288 13.32 -23.10 -31.08
C GLN B 288 13.48 -21.64 -31.51
N ILE B 289 13.86 -20.79 -30.55
CA ILE B 289 14.02 -19.35 -30.75
C ILE B 289 14.52 -19.02 -32.17
N ARG B 290 13.80 -18.15 -32.88
CA ARG B 290 14.26 -17.75 -34.19
C ARG B 290 15.25 -16.61 -34.09
N LEU B 291 16.54 -16.93 -34.10
CA LEU B 291 17.56 -15.91 -34.04
C LEU B 291 18.55 -16.08 -35.18
N GLU B 292 18.26 -15.46 -36.32
CA GLU B 292 19.05 -15.60 -37.54
C GLU B 292 18.87 -14.44 -38.51
N ARG B 293 19.71 -14.39 -39.54
CA ARG B 293 19.60 -13.35 -40.57
C ARG B 293 18.75 -13.77 -41.77
N GLU B 294 18.24 -12.79 -42.49
CA GLU B 294 17.43 -13.04 -43.69
C GLU B 294 17.63 -11.97 -44.76
N GLN B 295 17.49 -12.39 -46.02
CA GLN B 295 17.70 -11.52 -47.16
C GLN B 295 16.43 -11.23 -47.94
N LEU B 296 15.79 -10.12 -47.59
CA LEU B 296 14.59 -9.65 -48.26
C LEU B 296 14.94 -8.93 -49.56
N ARG B 297 14.07 -9.14 -50.58
CA ARG B 297 14.38 -8.74 -51.95
C ARG B 297 13.37 -7.72 -52.48
N THR B 298 13.88 -6.61 -53.05
CA THR B 298 13.05 -5.44 -53.39
C THR B 298 13.31 -4.88 -54.78
N GLY B 299 13.01 -3.60 -54.96
CA GLY B 299 13.19 -2.89 -56.24
C GLY B 299 14.64 -2.76 -56.67
N PRO B 300 15.37 -1.75 -56.12
CA PRO B 300 16.85 -1.65 -56.29
C PRO B 300 17.70 -2.58 -55.39
N SER B 301 17.96 -2.16 -54.15
CA SER B 301 18.90 -2.84 -53.24
C SER B 301 18.24 -3.76 -52.22
N ASN B 302 18.91 -4.88 -51.94
CA ASN B 302 18.47 -5.84 -50.94
C ASN B 302 18.74 -5.33 -49.53
N THR B 303 17.86 -5.70 -48.59
CA THR B 303 17.94 -5.27 -47.19
C THR B 303 17.95 -6.48 -46.24
N GLU B 304 18.81 -6.42 -45.23
CA GLU B 304 18.95 -7.49 -44.25
C GLU B 304 17.83 -7.52 -43.19
N VAL B 305 17.65 -8.70 -42.60
CA VAL B 305 16.69 -8.90 -41.51
C VAL B 305 17.38 -9.69 -40.41
N ILE B 306 17.19 -9.26 -39.17
CA ILE B 306 17.64 -10.03 -38.02
C ILE B 306 16.38 -10.45 -37.26
N HIS B 307 16.05 -11.73 -37.32
CA HIS B 307 14.87 -12.23 -36.63
C HIS B 307 15.17 -12.60 -35.21
N ASN B 308 14.29 -12.14 -34.32
CA ASN B 308 14.41 -12.39 -32.91
C ASN B 308 13.01 -12.63 -32.35
N TYR B 309 12.48 -13.83 -32.52
CA TYR B 309 11.16 -14.15 -31.98
C TYR B 309 11.00 -15.58 -31.51
N GLY B 310 9.86 -15.84 -30.86
CA GLY B 310 9.57 -17.17 -30.34
C GLY B 310 10.37 -17.55 -29.11
N HIS B 311 10.03 -16.92 -27.98
CA HIS B 311 10.71 -17.20 -26.72
C HIS B 311 9.71 -17.82 -25.76
N GLY B 312 8.46 -17.87 -26.16
CA GLY B 312 7.41 -18.44 -25.31
C GLY B 312 7.58 -18.12 -23.84
N GLY B 313 7.35 -19.11 -22.99
CA GLY B 313 7.33 -18.87 -21.55
C GLY B 313 8.64 -18.41 -20.92
N TYR B 314 9.67 -18.17 -21.73
CA TYR B 314 10.96 -17.79 -21.15
C TYR B 314 11.59 -16.54 -21.76
N GLY B 315 10.71 -15.61 -22.16
CA GLY B 315 11.13 -14.31 -22.69
C GLY B 315 12.12 -13.56 -21.83
N LEU B 316 11.64 -13.02 -20.70
CA LEU B 316 12.50 -12.30 -19.76
C LEU B 316 13.78 -13.08 -19.42
N THR B 317 13.60 -14.39 -19.19
CA THR B 317 14.66 -15.32 -18.78
C THR B 317 15.85 -15.38 -19.74
N ILE B 318 15.58 -15.38 -21.04
CA ILE B 318 16.65 -15.52 -22.04
C ILE B 318 16.98 -14.20 -22.76
N HIS B 319 16.21 -13.16 -22.47
CA HIS B 319 16.25 -11.92 -23.24
C HIS B 319 17.67 -11.43 -23.61
N TRP B 320 18.47 -11.10 -22.61
CA TRP B 320 19.79 -10.52 -22.84
C TRP B 320 20.59 -11.40 -23.82
N GLY B 321 21.01 -12.59 -23.38
CA GLY B 321 21.77 -13.52 -24.23
C GLY B 321 21.43 -13.43 -25.72
N CYS B 322 20.13 -13.27 -26.00
CA CYS B 322 19.63 -13.13 -27.35
C CYS B 322 19.91 -11.73 -27.88
N ALA B 323 19.45 -10.73 -27.13
CA ALA B 323 19.64 -9.34 -27.52
C ALA B 323 21.11 -9.00 -27.76
N LEU B 324 21.99 -9.77 -27.11
CA LEU B 324 23.44 -9.60 -27.20
C LEU B 324 24.04 -10.45 -28.32
N GLU B 325 23.32 -11.50 -28.70
CA GLU B 325 23.64 -12.31 -29.87
C GLU B 325 23.23 -11.52 -31.11
N ALA B 326 21.96 -11.13 -31.19
CA ALA B 326 21.47 -10.36 -32.34
C ALA B 326 22.42 -9.22 -32.72
N ALA B 327 23.04 -8.60 -31.71
CA ALA B 327 23.99 -7.54 -31.96
C ALA B 327 25.22 -8.15 -32.61
N LYS B 328 25.64 -9.30 -32.08
CA LYS B 328 26.72 -10.12 -32.67
C LYS B 328 26.54 -10.21 -34.18
N LEU B 329 25.38 -10.73 -34.61
CA LEU B 329 25.05 -10.91 -36.02
C LEU B 329 24.98 -9.57 -36.75
N PHE B 330 24.51 -8.54 -36.06
CA PHE B 330 24.44 -7.18 -36.64
C PHE B 330 25.83 -6.65 -37.06
N GLY B 331 26.85 -7.01 -36.28
CA GLY B 331 28.24 -6.66 -36.61
C GLY B 331 28.75 -7.43 -37.82
N ARG B 332 28.25 -8.65 -37.98
CA ARG B 332 28.51 -9.42 -39.19
C ARG B 332 27.92 -8.77 -40.43
N ILE B 333 26.70 -8.19 -40.31
CA ILE B 333 26.10 -7.40 -41.38
C ILE B 333 26.96 -6.18 -41.77
N LEU B 334 27.63 -5.57 -40.81
CA LEU B 334 28.51 -4.45 -41.09
C LEU B 334 29.82 -4.85 -41.78
N GLU B 335 30.47 -5.89 -41.26
CA GLU B 335 31.69 -6.40 -41.87
C GLU B 335 31.44 -6.70 -43.36
N GLU B 336 30.26 -7.27 -43.64
CA GLU B 336 29.84 -7.62 -45.01
C GLU B 336 29.51 -6.40 -45.87
N LYS B 337 28.83 -5.40 -45.30
CA LYS B 337 28.57 -4.14 -46.01
C LYS B 337 29.87 -3.34 -46.12
N LYS B 338 30.97 -4.05 -45.85
CA LYS B 338 32.36 -3.57 -46.02
C LYS B 338 32.79 -2.38 -45.14
N LEU B 339 31.84 -1.66 -44.56
CA LEU B 339 32.10 -0.50 -43.70
C LEU B 339 33.31 -0.66 -42.75
N SER B 340 33.42 -1.84 -42.13
CA SER B 340 34.54 -2.22 -41.23
C SER B 340 34.13 -3.41 -40.36
N MET C 1 -33.98 -12.90 -32.09
CA MET C 1 -33.22 -11.69 -32.51
C MET C 1 -31.84 -11.62 -31.87
N ARG C 2 -30.83 -11.46 -32.72
CA ARG C 2 -29.44 -11.40 -32.27
C ARG C 2 -29.01 -9.96 -32.14
N VAL C 3 -28.25 -9.64 -31.09
CA VAL C 3 -27.70 -8.30 -30.94
C VAL C 3 -26.18 -8.39 -30.86
N VAL C 4 -25.49 -7.52 -31.60
CA VAL C 4 -24.04 -7.47 -31.52
C VAL C 4 -23.62 -6.08 -31.09
N VAL C 5 -23.11 -5.98 -29.87
CA VAL C 5 -22.66 -4.72 -29.36
C VAL C 5 -21.20 -4.67 -29.69
N ILE C 6 -20.84 -3.80 -30.62
CA ILE C 6 -19.44 -3.72 -31.00
C ILE C 6 -18.76 -2.70 -30.10
N GLY C 7 -17.68 -3.16 -29.47
CA GLY C 7 -16.93 -2.36 -28.50
C GLY C 7 -17.31 -2.69 -27.06
N ALA C 8 -16.29 -2.80 -26.19
CA ALA C 8 -16.53 -3.14 -24.79
C ALA C 8 -15.84 -2.20 -23.82
N GLY C 9 -16.04 -0.88 -24.06
CA GLY C 9 -15.67 0.15 -23.10
C GLY C 9 -16.85 0.47 -22.19
N VAL C 10 -16.84 1.67 -21.63
CA VAL C 10 -17.91 2.11 -20.74
C VAL C 10 -19.20 2.43 -21.50
N ILE C 11 -19.12 2.42 -22.83
CA ILE C 11 -20.30 2.70 -23.64
C ILE C 11 -20.91 1.41 -24.17
N GLY C 12 -20.11 0.62 -24.87
CA GLY C 12 -20.54 -0.71 -25.31
C GLY C 12 -21.23 -1.39 -24.14
N LEU C 13 -20.46 -1.65 -23.09
CA LEU C 13 -20.95 -2.46 -21.98
C LEU C 13 -22.13 -1.86 -21.23
N SER C 14 -22.13 -0.54 -21.03
CA SER C 14 -23.26 0.10 -20.35
C SER C 14 -24.53 0.03 -21.20
N THR C 15 -24.39 0.32 -22.50
CA THR C 15 -25.52 0.20 -23.43
C THR C 15 -26.01 -1.22 -23.56
N ALA C 16 -25.09 -2.19 -23.44
CA ALA C 16 -25.48 -3.59 -23.47
C ALA C 16 -26.32 -3.92 -22.23
N LEU C 17 -25.75 -3.68 -21.04
CA LEU C 17 -26.44 -3.99 -19.79
C LEU C 17 -27.75 -3.25 -19.76
N CYS C 18 -27.69 -1.99 -20.14
CA CYS C 18 -28.85 -1.16 -20.11
C CYS C 18 -29.93 -1.66 -21.07
N ILE C 19 -29.54 -2.21 -22.22
CA ILE C 19 -30.50 -2.81 -23.17
C ILE C 19 -31.09 -4.10 -22.60
N HIS C 20 -30.22 -4.93 -22.02
CA HIS C 20 -30.64 -6.21 -21.51
C HIS C 20 -31.74 -6.11 -20.45
N GLU C 21 -31.43 -5.43 -19.33
CA GLU C 21 -32.42 -5.20 -18.29
C GLU C 21 -33.80 -4.81 -18.87
N ARG C 22 -33.88 -3.64 -19.51
CA ARG C 22 -35.17 -3.09 -19.93
C ARG C 22 -35.99 -4.03 -20.80
N TYR C 23 -35.32 -4.88 -21.57
CA TYR C 23 -36.01 -5.67 -22.57
C TYR C 23 -35.80 -7.17 -22.47
N HIS C 24 -35.16 -7.64 -21.40
CA HIS C 24 -34.93 -9.08 -21.26
C HIS C 24 -36.24 -9.88 -21.39
N SER C 25 -37.23 -9.49 -20.59
CA SER C 25 -38.48 -10.25 -20.40
C SER C 25 -39.54 -10.10 -21.52
N VAL C 26 -39.29 -9.22 -22.50
CA VAL C 26 -40.24 -8.98 -23.59
C VAL C 26 -39.90 -9.74 -24.88
N LEU C 27 -38.62 -10.07 -25.06
CA LEU C 27 -38.21 -10.97 -26.14
C LEU C 27 -37.92 -12.36 -25.58
N GLN C 28 -38.58 -13.38 -26.10
CA GLN C 28 -38.29 -14.75 -25.68
C GLN C 28 -37.00 -15.30 -26.30
N PRO C 29 -36.63 -14.85 -27.52
CA PRO C 29 -35.34 -15.28 -28.02
C PRO C 29 -34.25 -14.17 -28.09
N LEU C 30 -34.30 -13.19 -27.16
CA LEU C 30 -33.29 -12.11 -27.14
C LEU C 30 -31.87 -12.68 -26.90
N ASP C 31 -30.88 -12.20 -27.69
CA ASP C 31 -29.50 -12.65 -27.56
C ASP C 31 -28.48 -11.53 -27.79
N ILE C 32 -27.76 -11.14 -26.74
CA ILE C 32 -26.71 -10.13 -26.86
C ILE C 32 -25.34 -10.79 -26.99
N LYS C 33 -24.45 -10.18 -27.76
CA LYS C 33 -23.06 -10.64 -27.93
C LYS C 33 -22.18 -9.42 -28.10
N VAL C 34 -21.30 -9.16 -27.15
CA VAL C 34 -20.43 -7.99 -27.25
C VAL C 34 -19.12 -8.36 -27.95
N TYR C 35 -18.85 -7.69 -29.06
CA TYR C 35 -17.66 -7.92 -29.88
C TYR C 35 -16.72 -6.76 -29.70
N ALA C 36 -15.44 -7.06 -29.44
CA ALA C 36 -14.47 -6.00 -29.14
C ALA C 36 -13.03 -6.43 -29.41
N ASP C 37 -12.21 -5.48 -29.85
CA ASP C 37 -10.81 -5.73 -30.18
C ASP C 37 -9.91 -5.67 -28.93
N ARG C 38 -10.26 -4.83 -27.97
CA ARG C 38 -9.54 -4.77 -26.66
C ARG C 38 -10.52 -4.69 -25.46
N PHE C 39 -10.19 -5.39 -24.36
CA PHE C 39 -11.06 -5.39 -23.16
C PHE C 39 -10.46 -4.72 -21.92
N THR C 40 -11.16 -4.90 -20.81
CA THR C 40 -10.90 -4.30 -19.47
C THR C 40 -9.77 -3.31 -19.25
N PRO C 41 -8.47 -3.76 -19.36
CA PRO C 41 -7.35 -2.83 -19.18
C PRO C 41 -6.96 -1.95 -20.38
N LEU C 42 -7.30 -2.35 -21.61
CA LEU C 42 -6.64 -1.71 -22.75
C LEU C 42 -7.48 -0.64 -23.47
N THR C 43 -8.76 -0.54 -23.08
CA THR C 43 -9.63 0.47 -23.68
C THR C 43 -9.25 1.86 -23.21
N THR C 44 -9.83 2.87 -23.86
CA THR C 44 -9.61 4.26 -23.49
C THR C 44 -10.18 4.50 -22.09
N THR C 45 -11.29 3.84 -21.78
CA THR C 45 -11.93 3.98 -20.47
C THR C 45 -10.98 3.81 -19.31
N ASP C 46 -10.01 2.91 -19.43
CA ASP C 46 -9.00 2.68 -18.38
C ASP C 46 -8.07 3.85 -18.12
N VAL C 47 -7.81 4.63 -19.18
CA VAL C 47 -6.93 5.77 -19.05
C VAL C 47 -7.67 6.82 -18.25
N ALA C 48 -8.99 6.83 -18.38
CA ALA C 48 -9.83 7.87 -17.81
C ALA C 48 -9.78 7.86 -16.29
N ALA C 49 -9.53 9.03 -15.70
CA ALA C 49 -9.68 9.18 -14.23
C ALA C 49 -11.11 8.95 -13.71
N GLY C 50 -12.11 9.45 -14.42
CA GLY C 50 -13.49 9.14 -14.08
C GLY C 50 -14.16 10.13 -13.13
N LEU C 51 -13.65 11.36 -13.12
CA LEU C 51 -14.23 12.43 -12.34
C LEU C 51 -15.41 12.94 -13.12
N TRP C 52 -16.57 13.06 -12.47
CA TRP C 52 -17.76 13.49 -13.18
C TRP C 52 -17.78 14.99 -13.36
N GLN C 53 -17.89 15.43 -14.62
CA GLN C 53 -17.89 16.85 -14.96
C GLN C 53 -17.98 17.08 -16.47
N PRO C 54 -19.18 17.47 -16.95
CA PRO C 54 -19.42 17.86 -18.33
C PRO C 54 -18.64 19.12 -18.66
N TYR C 55 -18.46 19.42 -19.95
CA TYR C 55 -17.68 20.59 -20.37
C TYR C 55 -18.20 21.88 -19.72
N LEU C 56 -17.46 22.96 -19.87
CA LEU C 56 -17.88 24.24 -19.30
C LEU C 56 -19.12 24.78 -20.03
N SER C 57 -18.91 25.39 -21.20
CA SER C 57 -20.01 25.89 -22.02
C SER C 57 -20.82 24.70 -22.52
N ASP C 58 -22.11 24.71 -22.21
CA ASP C 58 -23.06 23.68 -22.66
C ASP C 58 -22.90 23.37 -24.15
N PRO C 59 -22.76 22.08 -24.52
CA PRO C 59 -22.62 21.70 -25.94
C PRO C 59 -23.93 21.90 -26.74
N ASN C 60 -23.77 21.98 -28.07
CA ASN C 60 -24.89 22.23 -28.98
C ASN C 60 -26.13 21.42 -28.65
N ASN C 61 -25.95 20.13 -28.38
CA ASN C 61 -27.06 19.26 -28.06
C ASN C 61 -27.41 19.33 -26.57
N PRO C 62 -28.54 19.98 -26.23
CA PRO C 62 -28.87 20.20 -24.82
C PRO C 62 -29.35 18.91 -24.14
N GLN C 63 -29.63 17.89 -24.94
CA GLN C 63 -30.06 16.61 -24.40
C GLN C 63 -28.93 15.97 -23.61
N GLU C 64 -27.70 16.33 -24.00
CA GLU C 64 -26.49 15.80 -23.35
C GLU C 64 -26.44 16.28 -21.92
N ALA C 65 -26.87 17.52 -21.72
CA ALA C 65 -27.06 18.09 -20.38
C ALA C 65 -27.90 17.14 -19.53
N ASP C 66 -28.98 16.63 -20.12
CA ASP C 66 -29.86 15.69 -19.43
C ASP C 66 -29.26 14.28 -19.35
N TRP C 67 -28.40 13.94 -20.29
CA TRP C 67 -27.75 12.63 -20.24
C TRP C 67 -26.69 12.57 -19.16
N SER C 68 -26.08 13.73 -18.86
CA SER C 68 -25.07 13.83 -17.80
C SER C 68 -25.74 13.83 -16.43
N GLN C 69 -26.83 14.59 -16.33
CA GLN C 69 -27.61 14.65 -15.12
C GLN C 69 -28.11 13.26 -14.76
N GLN C 70 -28.80 12.63 -15.71
CA GLN C 70 -29.37 11.30 -15.48
C GLN C 70 -28.35 10.36 -14.88
N THR C 71 -27.09 10.47 -15.34
CA THR C 71 -25.98 9.65 -14.85
C THR C 71 -25.66 9.94 -13.39
N PHE C 72 -25.42 11.21 -13.06
CA PHE C 72 -25.18 11.64 -11.69
C PHE C 72 -26.28 11.16 -10.75
N ASP C 73 -27.53 11.46 -11.07
CA ASP C 73 -28.63 11.04 -10.21
C ASP C 73 -28.53 9.56 -9.85
N TYR C 74 -28.20 8.74 -10.85
CA TYR C 74 -28.08 7.29 -10.68
C TYR C 74 -26.83 6.93 -9.88
N LEU C 75 -25.67 7.42 -10.32
CA LEU C 75 -24.43 7.15 -9.62
C LEU C 75 -24.52 7.60 -8.17
N LEU C 76 -25.16 8.76 -7.96
CA LEU C 76 -25.39 9.29 -6.60
C LEU C 76 -26.39 8.45 -5.81
N SER C 77 -27.42 7.97 -6.48
CA SER C 77 -28.44 7.15 -5.83
C SER C 77 -27.90 5.73 -5.55
N HIS C 78 -26.61 5.52 -5.80
CA HIS C 78 -26.00 4.23 -5.51
C HIS C 78 -24.65 4.41 -4.82
N VAL C 79 -24.29 5.66 -4.52
CA VAL C 79 -23.00 5.96 -3.91
C VAL C 79 -22.76 5.22 -2.59
N HIS C 80 -23.85 4.89 -1.90
CA HIS C 80 -23.79 4.19 -0.61
C HIS C 80 -24.06 2.69 -0.70
N SER C 81 -24.86 2.27 -1.68
CA SER C 81 -25.21 0.83 -1.85
C SER C 81 -23.97 -0.11 -1.73
N PRO C 82 -24.19 -1.39 -1.32
CA PRO C 82 -23.11 -2.33 -0.87
C PRO C 82 -22.01 -2.63 -1.90
N ASN C 83 -22.30 -2.35 -3.17
CA ASN C 83 -21.38 -2.61 -4.29
C ASN C 83 -20.74 -1.33 -4.86
N ALA C 84 -20.91 -0.22 -4.17
CA ALA C 84 -20.31 1.07 -4.55
C ALA C 84 -18.81 0.98 -4.75
N GLU C 85 -18.16 0.07 -4.01
CA GLU C 85 -16.71 -0.09 -4.04
C GLU C 85 -16.26 -1.00 -5.18
N ASN C 86 -17.06 -2.03 -5.47
CA ASN C 86 -16.81 -2.89 -6.62
C ASN C 86 -17.06 -2.13 -7.91
N LEU C 87 -18.07 -1.25 -7.86
CA LEU C 87 -18.35 -0.30 -8.93
C LEU C 87 -17.17 0.68 -9.05
N GLY C 88 -16.46 0.88 -7.95
CA GLY C 88 -15.32 1.80 -7.89
C GLY C 88 -15.75 3.25 -7.87
N LEU C 89 -16.93 3.49 -7.30
CA LEU C 89 -17.59 4.80 -7.34
C LEU C 89 -17.55 5.45 -5.97
N PHE C 90 -17.07 6.68 -5.92
CA PHE C 90 -17.03 7.42 -4.65
C PHE C 90 -17.33 8.92 -4.76
N LEU C 91 -17.57 9.55 -3.62
CA LEU C 91 -17.80 11.00 -3.62
C LEU C 91 -16.46 11.75 -3.52
N ILE C 92 -16.38 12.90 -4.17
CA ILE C 92 -15.16 13.71 -4.17
C ILE C 92 -15.46 15.15 -4.53
N SER C 93 -14.92 16.05 -3.72
CA SER C 93 -15.07 17.47 -3.88
C SER C 93 -13.73 18.02 -4.26
N GLY C 94 -13.70 19.25 -4.79
CA GLY C 94 -12.43 19.83 -5.22
C GLY C 94 -12.61 21.13 -5.95
N TYR C 95 -11.52 21.65 -6.49
CA TYR C 95 -11.50 22.99 -7.04
C TYR C 95 -11.57 22.92 -8.54
N ASN C 96 -12.15 23.97 -9.12
CA ASN C 96 -12.11 24.28 -10.55
C ASN C 96 -11.57 25.71 -10.59
N LEU C 97 -10.32 25.90 -11.05
CA LEU C 97 -9.72 27.24 -11.00
C LEU C 97 -9.73 28.02 -12.31
N PHE C 98 -9.64 29.34 -12.23
CA PHE C 98 -9.67 30.24 -13.38
C PHE C 98 -8.84 31.48 -13.17
N HIS C 99 -8.45 32.07 -14.31
CA HIS C 99 -7.66 33.29 -14.33
C HIS C 99 -8.55 34.54 -14.33
N GLU C 100 -9.77 34.43 -14.84
CA GLU C 100 -10.73 35.54 -14.85
C GLU C 100 -12.11 35.07 -14.40
N ALA C 101 -12.98 36.02 -14.06
CA ALA C 101 -14.40 35.71 -13.83
C ALA C 101 -14.95 34.96 -15.03
N ILE C 102 -15.90 34.05 -14.79
CA ILE C 102 -16.50 33.24 -15.86
C ILE C 102 -17.86 32.73 -15.42
N PRO C 103 -18.89 32.88 -16.27
CA PRO C 103 -20.26 32.48 -15.93
C PRO C 103 -20.37 31.06 -15.35
N ASP C 104 -21.43 30.82 -14.59
CA ASP C 104 -21.62 29.53 -13.92
C ASP C 104 -21.79 28.39 -14.90
N PRO C 105 -21.28 27.20 -14.53
CA PRO C 105 -21.57 25.95 -15.24
C PRO C 105 -23.06 25.64 -15.24
N SER C 106 -23.51 24.99 -16.30
CA SER C 106 -24.89 24.57 -16.43
C SER C 106 -25.29 23.55 -15.38
N TRP C 107 -24.29 22.75 -14.95
CA TRP C 107 -24.52 21.69 -13.97
C TRP C 107 -24.39 22.15 -12.51
N LYS C 108 -24.42 23.48 -12.28
CA LYS C 108 -24.30 24.05 -10.93
C LYS C 108 -25.20 23.38 -9.90
N ASP C 109 -26.40 22.98 -10.29
CA ASP C 109 -27.34 22.39 -9.35
C ASP C 109 -27.43 20.87 -9.47
N THR C 110 -26.40 20.29 -10.09
CA THR C 110 -26.32 18.85 -10.35
C THR C 110 -25.35 18.22 -9.38
N VAL C 111 -24.17 18.83 -9.32
CA VAL C 111 -23.12 18.45 -8.40
C VAL C 111 -23.59 18.85 -7.01
N LEU C 112 -23.08 18.17 -5.99
CA LEU C 112 -23.45 18.54 -4.63
C LEU C 112 -22.86 19.91 -4.26
N GLY C 113 -23.73 20.76 -3.71
CA GLY C 113 -23.36 22.08 -3.22
C GLY C 113 -22.31 22.78 -4.05
N PHE C 114 -22.74 23.51 -5.07
CA PHE C 114 -21.82 24.31 -5.88
C PHE C 114 -21.61 25.71 -5.25
N ARG C 115 -20.46 26.34 -5.53
CA ARG C 115 -20.21 27.72 -5.07
C ARG C 115 -18.91 28.29 -5.64
N LYS C 116 -18.68 29.59 -5.45
CA LYS C 116 -17.43 30.19 -5.94
C LYS C 116 -16.43 30.13 -4.82
N LEU C 117 -15.14 30.27 -5.15
CA LEU C 117 -14.12 30.13 -4.10
C LEU C 117 -13.98 31.43 -3.33
N THR C 118 -13.98 31.30 -2.00
CA THR C 118 -13.70 32.39 -1.10
C THR C 118 -12.21 32.72 -1.16
N PRO C 119 -11.86 34.02 -1.08
CA PRO C 119 -10.49 34.50 -1.35
C PRO C 119 -9.38 33.64 -0.72
N ARG C 120 -9.61 33.15 0.50
CA ARG C 120 -8.65 32.35 1.22
C ARG C 120 -8.18 31.13 0.44
N GLU C 121 -9.16 30.35 -0.07
CA GLU C 121 -8.90 29.13 -0.85
C GLU C 121 -8.00 29.46 -2.05
N LEU C 122 -8.30 30.57 -2.71
CA LEU C 122 -7.58 31.01 -3.90
C LEU C 122 -6.14 31.44 -3.62
N ASP C 123 -5.75 31.45 -2.34
CA ASP C 123 -4.41 31.86 -1.96
C ASP C 123 -3.49 30.66 -2.01
N MET C 124 -4.07 29.47 -1.85
CA MET C 124 -3.35 28.21 -1.91
C MET C 124 -2.73 28.03 -3.28
N PHE C 125 -3.30 28.76 -4.25
CA PHE C 125 -2.86 28.74 -5.62
C PHE C 125 -2.61 30.17 -6.09
N PRO C 126 -1.34 30.61 -6.11
CA PRO C 126 -1.07 31.99 -6.50
C PRO C 126 -1.44 32.30 -7.96
N ASP C 127 -1.15 31.38 -8.88
CA ASP C 127 -1.29 31.61 -10.34
C ASP C 127 -2.68 32.04 -10.80
N TYR C 128 -3.71 31.67 -10.02
CA TYR C 128 -5.11 31.86 -10.41
C TYR C 128 -5.74 33.09 -9.76
N GLY C 129 -7.08 33.18 -9.82
CA GLY C 129 -7.73 34.44 -9.38
C GLY C 129 -9.22 34.29 -9.19
N TYR C 130 -9.77 33.20 -9.70
CA TYR C 130 -11.21 32.92 -9.58
C TYR C 130 -11.41 31.41 -9.75
N GLY C 131 -12.59 30.89 -9.44
CA GLY C 131 -12.82 29.44 -9.51
C GLY C 131 -14.01 28.94 -8.71
N TRP C 132 -14.29 27.64 -8.80
CA TRP C 132 -15.47 27.09 -8.14
C TRP C 132 -15.07 26.01 -7.15
N PHE C 133 -16.05 25.61 -6.33
CA PHE C 133 -15.93 24.47 -5.44
C PHE C 133 -17.25 23.72 -5.45
N HIS C 134 -17.18 22.39 -5.42
CA HIS C 134 -18.37 21.55 -5.37
C HIS C 134 -18.03 20.10 -5.08
N THR C 135 -19.06 19.32 -4.79
CA THR C 135 -18.92 17.89 -4.55
C THR C 135 -19.39 17.11 -5.78
N SER C 136 -18.66 16.05 -6.14
CA SER C 136 -19.01 15.26 -7.34
C SER C 136 -18.79 13.78 -7.07
N LEU C 137 -18.85 12.98 -8.13
CA LEU C 137 -18.58 11.55 -8.08
C LEU C 137 -17.38 11.24 -8.98
N ILE C 138 -16.62 10.21 -8.62
CA ILE C 138 -15.66 9.60 -9.56
C ILE C 138 -16.13 8.19 -9.77
N LEU C 139 -16.26 7.82 -11.05
CA LEU C 139 -16.53 6.45 -11.45
C LEU C 139 -15.29 5.91 -12.14
N GLU C 140 -14.44 5.21 -11.39
CA GLU C 140 -13.21 4.69 -11.94
C GLU C 140 -13.46 3.52 -12.92
N GLY C 141 -12.90 3.66 -14.13
CA GLY C 141 -13.17 2.75 -15.24
C GLY C 141 -12.59 1.36 -15.09
N LYS C 142 -11.41 1.26 -14.49
CA LYS C 142 -10.77 -0.03 -14.26
C LYS C 142 -11.70 -0.93 -13.47
N ASN C 143 -12.61 -0.30 -12.73
CA ASN C 143 -13.57 -1.04 -11.91
C ASN C 143 -15.00 -1.13 -12.47
N TYR C 144 -15.47 -0.05 -13.09
CA TYR C 144 -16.80 -0.03 -13.66
C TYR C 144 -16.94 -1.09 -14.76
N LEU C 145 -15.91 -1.16 -15.58
CA LEU C 145 -15.83 -2.13 -16.67
C LEU C 145 -15.85 -3.57 -16.15
N GLN C 146 -15.05 -3.84 -15.12
CA GLN C 146 -15.01 -5.20 -14.59
C GLN C 146 -16.31 -5.60 -13.94
N TRP C 147 -16.93 -4.66 -13.23
CA TRP C 147 -18.27 -4.87 -12.64
C TRP C 147 -19.35 -5.05 -13.72
N LEU C 148 -19.34 -4.17 -14.71
CA LEU C 148 -20.26 -4.26 -15.84
C LEU C 148 -20.17 -5.63 -16.48
N THR C 149 -18.94 -6.06 -16.78
CA THR C 149 -18.71 -7.34 -17.39
C THR C 149 -19.43 -8.42 -16.59
N GLU C 150 -19.14 -8.46 -15.30
CA GLU C 150 -19.71 -9.43 -14.38
C GLU C 150 -21.24 -9.46 -14.44
N ARG C 151 -21.86 -8.30 -14.27
CA ARG C 151 -23.32 -8.17 -14.36
C ARG C 151 -23.79 -8.66 -15.72
N LEU C 152 -23.01 -8.37 -16.76
CA LEU C 152 -23.32 -8.75 -18.13
C LEU C 152 -23.11 -10.27 -18.37
N THR C 153 -22.01 -10.84 -17.86
CA THR C 153 -21.67 -12.25 -18.06
C THR C 153 -22.69 -13.21 -17.44
N GLU C 154 -23.25 -12.83 -16.29
CA GLU C 154 -24.29 -13.67 -15.68
C GLU C 154 -25.63 -13.49 -16.39
N ARG C 155 -25.62 -12.75 -17.51
CA ARG C 155 -26.84 -12.47 -18.26
C ARG C 155 -26.93 -13.19 -19.60
N GLY C 156 -26.03 -14.15 -19.83
CA GLY C 156 -25.99 -14.91 -21.08
C GLY C 156 -25.39 -14.12 -22.23
N VAL C 157 -24.75 -13.00 -21.89
CA VAL C 157 -24.08 -12.15 -22.87
C VAL C 157 -22.64 -12.63 -22.97
N LYS C 158 -22.35 -13.46 -23.98
CA LYS C 158 -20.98 -13.92 -24.16
C LYS C 158 -20.16 -12.85 -24.84
N PHE C 159 -18.87 -12.78 -24.48
CA PHE C 159 -17.95 -11.77 -24.99
C PHE C 159 -16.98 -12.40 -25.99
N PHE C 160 -16.75 -11.70 -27.10
CA PHE C 160 -15.83 -12.23 -28.12
C PHE C 160 -14.80 -11.19 -28.50
N GLN C 161 -13.55 -11.59 -28.50
CA GLN C 161 -12.49 -10.64 -28.78
C GLN C 161 -12.14 -10.65 -30.24
N ARG C 162 -13.00 -10.01 -31.03
CA ARG C 162 -12.76 -9.96 -32.45
C ARG C 162 -12.78 -8.55 -33.01
N LYS C 163 -11.89 -8.29 -33.96
CA LYS C 163 -11.86 -7.00 -34.65
C LYS C 163 -12.79 -7.01 -35.83
N VAL C 164 -13.78 -6.12 -35.81
CA VAL C 164 -14.79 -6.05 -36.85
C VAL C 164 -14.26 -5.30 -38.06
N GLU C 165 -14.55 -5.84 -39.26
CA GLU C 165 -14.14 -5.23 -40.54
C GLU C 165 -15.15 -4.21 -41.07
N SER C 166 -16.42 -4.57 -41.06
CA SER C 166 -17.47 -3.71 -41.56
C SER C 166 -18.77 -4.07 -40.86
N PHE C 167 -19.77 -3.19 -40.98
CA PHE C 167 -21.09 -3.49 -40.42
C PHE C 167 -21.74 -4.66 -41.15
N GLU C 168 -21.49 -4.75 -42.45
CA GLU C 168 -22.04 -5.84 -43.24
C GLU C 168 -21.34 -7.14 -42.90
N GLU C 169 -20.06 -7.04 -42.54
CA GLU C 169 -19.30 -8.22 -42.10
C GLU C 169 -20.11 -8.93 -41.04
N VAL C 170 -20.67 -8.15 -40.13
CA VAL C 170 -21.45 -8.68 -39.01
C VAL C 170 -22.83 -9.10 -39.49
N ALA C 171 -23.60 -8.13 -39.97
CA ALA C 171 -24.98 -8.35 -40.39
C ALA C 171 -25.13 -9.69 -41.12
N ARG C 172 -24.31 -9.87 -42.16
CA ARG C 172 -24.21 -11.09 -42.96
C ARG C 172 -24.25 -12.39 -42.13
N GLU C 173 -23.81 -12.33 -40.88
CA GLU C 173 -23.80 -13.50 -40.00
C GLU C 173 -25.12 -13.76 -39.30
N GLY C 174 -25.84 -12.70 -38.91
CA GLY C 174 -27.08 -12.90 -38.14
C GLY C 174 -27.74 -11.70 -37.49
N ALA C 175 -26.95 -10.66 -37.21
CA ALA C 175 -27.43 -9.55 -36.37
C ALA C 175 -28.56 -8.74 -37.01
N ASP C 176 -29.67 -8.66 -36.27
CA ASP C 176 -30.78 -7.82 -36.66
C ASP C 176 -30.48 -6.37 -36.32
N VAL C 177 -29.83 -6.17 -35.16
CA VAL C 177 -29.41 -4.84 -34.72
C VAL C 177 -27.94 -4.83 -34.29
N ILE C 178 -27.19 -3.85 -34.78
CA ILE C 178 -25.77 -3.69 -34.45
C ILE C 178 -25.54 -2.39 -33.70
N VAL C 179 -25.49 -2.47 -32.37
CA VAL C 179 -25.23 -1.28 -31.55
C VAL C 179 -23.78 -0.90 -31.72
N ASN C 180 -23.56 0.27 -32.32
CA ASN C 180 -22.19 0.73 -32.60
C ASN C 180 -21.61 1.65 -31.55
N CYS C 181 -20.61 1.12 -30.82
CA CYS C 181 -19.97 1.81 -29.70
C CYS C 181 -18.47 1.67 -29.79
N THR C 182 -17.93 2.06 -30.96
CA THR C 182 -16.49 1.83 -31.23
C THR C 182 -15.62 3.05 -30.96
N GLY C 183 -16.15 4.03 -30.21
CA GLY C 183 -15.38 5.22 -29.85
C GLY C 183 -14.59 5.95 -30.93
N VAL C 184 -13.35 6.34 -30.59
CA VAL C 184 -12.44 7.09 -31.47
C VAL C 184 -12.17 6.36 -32.80
N TRP C 185 -12.17 5.04 -32.72
CA TRP C 185 -11.86 4.17 -33.85
C TRP C 185 -13.10 3.86 -34.69
N ALA C 186 -14.17 4.65 -34.50
CA ALA C 186 -15.40 4.45 -35.25
C ALA C 186 -15.26 4.62 -36.78
N GLY C 187 -14.33 5.50 -37.19
CA GLY C 187 -14.10 5.85 -38.59
C GLY C 187 -13.88 4.69 -39.56
N ALA C 188 -13.26 3.61 -39.07
CA ALA C 188 -12.99 2.42 -39.87
C ALA C 188 -14.20 1.48 -40.00
N LEU C 189 -15.41 2.04 -39.99
CA LEU C 189 -16.63 1.26 -40.13
C LEU C 189 -17.69 2.13 -40.79
N GLN C 190 -17.37 3.41 -40.87
CA GLN C 190 -18.20 4.38 -41.54
C GLN C 190 -17.45 5.68 -41.42
N ARG C 191 -16.97 6.20 -42.55
CA ARG C 191 -16.21 7.45 -42.62
C ARG C 191 -16.89 8.55 -41.78
N ASP C 192 -16.07 9.28 -41.03
CA ASP C 192 -16.52 10.40 -40.21
C ASP C 192 -15.41 11.45 -40.12
N PRO C 193 -15.75 12.71 -40.44
CA PRO C 193 -14.79 13.81 -40.39
C PRO C 193 -14.91 14.68 -39.14
N LEU C 194 -15.94 14.43 -38.33
CA LEU C 194 -16.20 15.25 -37.15
C LEU C 194 -15.62 14.58 -35.91
N LEU C 195 -15.46 13.26 -36.01
CA LEU C 195 -14.81 12.47 -34.98
C LEU C 195 -13.30 12.58 -35.12
N GLN C 196 -12.68 13.28 -34.18
CA GLN C 196 -11.24 13.34 -34.09
C GLN C 196 -10.81 12.80 -32.72
N PRO C 197 -9.62 12.17 -32.65
CA PRO C 197 -9.09 11.79 -31.35
C PRO C 197 -8.50 13.00 -30.62
N GLY C 198 -8.78 13.08 -29.32
CA GLY C 198 -8.13 14.08 -28.46
C GLY C 198 -7.10 13.36 -27.62
N ARG C 199 -5.82 13.56 -27.97
CA ARG C 199 -4.80 12.73 -27.34
C ARG C 199 -4.56 13.15 -25.89
N GLY C 200 -4.78 12.21 -24.98
CA GLY C 200 -4.48 12.44 -23.59
C GLY C 200 -3.32 11.58 -23.14
N GLN C 201 -2.59 12.08 -22.15
CA GLN C 201 -1.54 11.30 -21.49
C GLN C 201 -1.46 11.69 -20.02
N ILE C 202 -1.63 10.69 -19.16
CA ILE C 202 -1.66 10.96 -17.75
C ILE C 202 -0.52 10.31 -16.98
N MET C 203 -0.58 10.44 -15.66
CA MET C 203 0.48 10.01 -14.77
C MET C 203 -0.18 9.65 -13.43
N LYS C 204 -0.15 8.37 -13.08
CA LYS C 204 -0.65 7.87 -11.80
C LYS C 204 0.49 8.09 -10.84
N VAL C 205 0.18 8.68 -9.69
CA VAL C 205 1.21 9.07 -8.72
C VAL C 205 0.76 8.63 -7.35
N ASP C 206 1.73 8.46 -6.45
CA ASP C 206 1.39 8.07 -5.09
C ASP C 206 1.32 9.23 -4.08
N ALA C 207 0.20 9.92 -4.05
CA ALA C 207 0.00 11.03 -3.13
C ALA C 207 -1.29 10.81 -2.37
N PRO C 208 -1.25 9.96 -1.33
CA PRO C 208 -2.45 9.65 -0.56
C PRO C 208 -3.17 10.88 0.03
N TRP C 209 -2.40 11.86 0.50
CA TRP C 209 -3.01 13.01 1.20
C TRP C 209 -3.91 13.86 0.31
N MET C 210 -3.68 13.87 -1.00
CA MET C 210 -4.61 14.56 -1.90
C MET C 210 -5.99 13.98 -1.68
N LYS C 211 -6.91 14.85 -1.24
CA LYS C 211 -8.28 14.43 -0.99
C LYS C 211 -9.25 15.16 -1.89
N HIS C 212 -8.79 16.24 -2.55
CA HIS C 212 -9.62 17.02 -3.47
C HIS C 212 -9.03 17.06 -4.88
N PHE C 213 -9.93 17.06 -5.88
CA PHE C 213 -9.51 17.29 -7.27
C PHE C 213 -9.27 18.77 -7.50
N ILE C 214 -8.29 19.09 -8.34
CA ILE C 214 -7.88 20.46 -8.63
C ILE C 214 -7.80 20.72 -10.15
N LEU C 215 -8.96 20.87 -10.78
CA LEU C 215 -8.97 21.18 -12.19
C LEU C 215 -8.64 22.66 -12.40
N THR C 216 -7.75 22.92 -13.34
CA THR C 216 -7.38 24.26 -13.74
C THR C 216 -7.73 24.46 -15.19
N HIS C 217 -8.14 25.67 -15.55
CA HIS C 217 -8.50 25.99 -16.94
C HIS C 217 -7.64 27.16 -17.42
N ASP C 218 -7.69 27.43 -18.72
CA ASP C 218 -6.81 28.43 -19.33
C ASP C 218 -7.15 28.53 -20.82
N PRO C 219 -8.15 29.38 -21.18
CA PRO C 219 -8.61 29.48 -22.58
C PRO C 219 -7.49 29.69 -23.64
N GLU C 220 -6.34 30.21 -23.23
CA GLU C 220 -5.20 30.43 -24.11
C GLU C 220 -4.37 29.16 -24.34
N ARG C 221 -4.86 28.05 -23.78
CA ARG C 221 -4.15 26.77 -23.86
C ARG C 221 -4.99 25.59 -24.39
N GLY C 222 -6.30 25.66 -24.21
CA GLY C 222 -7.20 24.72 -24.89
C GLY C 222 -7.81 23.66 -24.01
N ILE C 223 -9.01 23.22 -24.40
CA ILE C 223 -9.79 22.21 -23.64
C ILE C 223 -8.92 21.12 -23.00
N TYR C 224 -8.98 21.03 -21.68
CA TYR C 224 -8.29 20.00 -20.89
C TYR C 224 -6.77 20.12 -20.95
N ASN C 225 -6.26 21.02 -21.80
CA ASN C 225 -4.82 21.16 -21.96
C ASN C 225 -4.18 21.96 -20.84
N SER C 226 -4.83 21.91 -19.68
CA SER C 226 -4.43 22.64 -18.49
C SER C 226 -4.20 21.66 -17.32
N PRO C 227 -3.17 21.91 -16.48
CA PRO C 227 -2.76 20.94 -15.48
C PRO C 227 -3.92 20.64 -14.55
N TYR C 228 -4.09 19.38 -14.19
CA TYR C 228 -5.16 19.04 -13.26
C TYR C 228 -4.75 17.80 -12.50
N ILE C 229 -5.32 17.66 -11.31
CA ILE C 229 -5.00 16.58 -10.39
C ILE C 229 -6.29 15.98 -9.99
N ILE C 230 -6.35 14.67 -9.94
CA ILE C 230 -7.58 13.99 -9.53
C ILE C 230 -7.27 12.79 -8.65
N PRO C 231 -7.48 12.93 -7.32
CA PRO C 231 -7.19 11.84 -6.40
C PRO C 231 -8.11 10.64 -6.64
N GLY C 232 -7.52 9.54 -7.10
CA GLY C 232 -8.27 8.29 -7.26
C GLY C 232 -8.29 7.49 -5.96
N THR C 233 -8.73 6.23 -6.05
CA THR C 233 -8.83 5.38 -4.87
C THR C 233 -7.47 4.87 -4.44
N GLN C 234 -6.66 4.38 -5.37
CA GLN C 234 -5.37 3.81 -5.00
C GLN C 234 -4.20 4.69 -5.39
N THR C 235 -4.50 5.79 -6.06
CA THR C 235 -3.50 6.61 -6.72
C THR C 235 -4.07 7.91 -7.28
N VAL C 236 -3.20 8.87 -7.55
CA VAL C 236 -3.71 10.17 -7.98
C VAL C 236 -3.27 10.51 -9.41
N THR C 237 -4.20 11.04 -10.19
CA THR C 237 -3.99 11.28 -11.61
C THR C 237 -3.52 12.68 -11.92
N LEU C 238 -2.44 12.76 -12.66
CA LEU C 238 -1.87 14.01 -13.04
C LEU C 238 -2.09 14.13 -14.53
N GLY C 239 -2.66 15.26 -14.96
CA GLY C 239 -3.05 15.40 -16.36
C GLY C 239 -2.92 16.83 -16.82
N GLY C 240 -3.25 17.06 -18.08
CA GLY C 240 -3.15 18.38 -18.70
C GLY C 240 -2.89 18.31 -20.19
N ILE C 241 -3.19 17.16 -20.80
CA ILE C 241 -2.89 16.95 -22.24
C ILE C 241 -4.11 16.67 -23.15
N PHE C 242 -4.36 17.59 -24.09
CA PHE C 242 -5.37 17.43 -25.11
C PHE C 242 -4.76 17.79 -26.45
N GLN C 243 -4.54 16.78 -27.28
CA GLN C 243 -3.91 16.98 -28.60
C GLN C 243 -4.77 16.42 -29.74
N LEU C 244 -5.46 17.36 -30.37
CA LEU C 244 -6.43 17.07 -31.39
C LEU C 244 -5.74 16.62 -32.68
N GLY C 245 -5.97 15.37 -33.06
CA GLY C 245 -5.40 14.83 -34.29
C GLY C 245 -4.33 13.78 -34.08
N ASN C 246 -3.57 13.90 -33.00
CA ASN C 246 -2.48 12.97 -32.72
C ASN C 246 -2.97 11.54 -32.49
N TRP C 247 -2.50 10.60 -33.32
CA TRP C 247 -2.93 9.21 -33.24
C TRP C 247 -1.89 8.30 -32.57
N SER C 248 -0.85 8.90 -32.01
CA SER C 248 0.21 8.16 -31.32
C SER C 248 -0.16 7.68 -29.91
N GLU C 249 -0.27 6.37 -29.76
CA GLU C 249 -0.54 5.75 -28.46
C GLU C 249 0.79 5.38 -27.81
N LEU C 250 1.54 6.42 -27.44
CA LEU C 250 2.88 6.27 -26.89
C LEU C 250 3.13 7.42 -25.94
N ASN C 251 3.51 7.11 -24.71
CA ASN C 251 3.81 8.15 -23.74
C ASN C 251 4.93 9.04 -24.25
N ASN C 252 4.82 10.31 -23.95
CA ASN C 252 5.72 11.28 -24.52
C ASN C 252 6.60 11.98 -23.51
N ILE C 253 7.91 11.73 -23.60
CA ILE C 253 8.91 12.39 -22.76
C ILE C 253 8.67 13.91 -22.68
N GLN C 254 8.00 14.46 -23.69
CA GLN C 254 7.77 15.88 -23.70
C GLN C 254 6.48 16.22 -22.98
N ASP C 255 5.46 15.38 -23.17
CA ASP C 255 4.18 15.55 -22.47
C ASP C 255 4.31 15.09 -21.03
N HIS C 256 5.47 14.55 -20.66
CA HIS C 256 5.66 14.04 -19.32
C HIS C 256 5.95 15.19 -18.38
N ASN C 257 6.85 16.06 -18.80
CA ASN C 257 7.24 17.19 -17.98
C ASN C 257 6.16 18.25 -17.97
N THR C 258 5.28 18.23 -18.97
CA THR C 258 4.11 19.13 -18.97
C THR C 258 3.05 18.69 -17.96
N ILE C 259 3.01 17.39 -17.66
CA ILE C 259 2.16 16.86 -16.58
C ILE C 259 2.79 17.15 -15.22
N TRP C 260 4.11 16.96 -15.13
CA TRP C 260 4.80 17.05 -13.86
C TRP C 260 4.98 18.52 -13.45
N GLU C 261 5.88 19.23 -14.15
CA GLU C 261 6.15 20.66 -13.89
C GLU C 261 4.88 21.45 -13.69
N GLY C 262 3.80 20.98 -14.32
CA GLY C 262 2.52 21.64 -14.30
C GLY C 262 1.77 21.42 -12.99
N CYS C 263 1.52 20.18 -12.64
CA CYS C 263 0.83 19.88 -11.39
C CYS C 263 1.72 20.23 -10.21
N CYS C 264 3.03 20.10 -10.41
CA CYS C 264 3.98 20.39 -9.34
C CYS C 264 3.94 21.82 -8.83
N ARG C 265 3.97 22.77 -9.77
CA ARG C 265 3.88 24.20 -9.45
C ARG C 265 2.48 24.54 -8.96
N LEU C 266 1.57 23.57 -8.96
CA LEU C 266 0.22 23.81 -8.51
C LEU C 266 0.03 23.27 -7.09
N GLU C 267 0.50 22.05 -6.85
CA GLU C 267 0.38 21.41 -5.55
C GLU C 267 1.78 20.93 -5.19
N PRO C 268 2.65 21.86 -4.77
CA PRO C 268 4.06 21.56 -4.46
C PRO C 268 4.27 20.33 -3.58
N THR C 269 3.22 19.92 -2.86
CA THR C 269 3.27 18.72 -2.05
C THR C 269 3.66 17.51 -2.93
N LEU C 270 3.53 17.67 -4.23
CA LEU C 270 3.57 16.56 -5.16
C LEU C 270 5.00 16.25 -5.57
N LYS C 271 5.93 17.10 -5.14
CA LYS C 271 7.33 17.00 -5.58
C LYS C 271 8.02 15.70 -5.16
N ASN C 272 7.55 15.08 -4.07
CA ASN C 272 8.17 13.83 -3.63
C ASN C 272 7.27 12.62 -3.83
N ALA C 273 6.06 12.84 -4.37
CA ALA C 273 5.15 11.74 -4.68
C ALA C 273 5.84 10.77 -5.64
N ARG C 274 5.48 9.50 -5.58
CA ARG C 274 6.12 8.52 -6.43
C ARG C 274 5.35 8.39 -7.73
N ILE C 275 6.08 8.30 -8.83
CA ILE C 275 5.47 8.00 -10.13
C ILE C 275 5.21 6.50 -10.18
N ILE C 276 3.96 6.12 -10.39
CA ILE C 276 3.56 4.70 -10.32
C ILE C 276 3.26 4.10 -11.70
N GLY C 277 2.75 4.95 -12.58
CA GLY C 277 2.43 4.59 -13.95
C GLY C 277 2.17 5.84 -14.76
N GLU C 278 2.09 5.64 -16.08
CA GLU C 278 1.91 6.72 -17.03
C GLU C 278 1.26 6.08 -18.25
N ARG C 279 0.21 6.68 -18.77
CA ARG C 279 -0.49 6.06 -19.89
C ARG C 279 -1.09 7.07 -20.86
N THR C 280 -1.49 6.57 -22.04
CA THR C 280 -2.00 7.40 -23.13
C THR C 280 -3.33 6.88 -23.71
N GLY C 281 -4.09 7.78 -24.34
CA GLY C 281 -5.41 7.41 -24.84
C GLY C 281 -6.02 8.53 -25.64
N PHE C 282 -7.02 8.20 -26.46
CA PHE C 282 -7.60 9.21 -27.35
C PHE C 282 -9.05 9.55 -27.04
N ARG C 283 -9.28 10.85 -26.87
CA ARG C 283 -10.61 11.35 -26.56
C ARG C 283 -11.46 11.40 -27.82
N PRO C 284 -12.57 10.64 -27.82
CA PRO C 284 -13.52 10.62 -28.91
C PRO C 284 -14.14 11.99 -29.20
N VAL C 285 -13.30 12.96 -29.60
CA VAL C 285 -13.74 14.35 -29.80
C VAL C 285 -14.74 14.42 -30.95
N ARG C 286 -15.78 15.23 -30.77
CA ARG C 286 -16.79 15.41 -31.80
C ARG C 286 -17.76 16.52 -31.43
N PRO C 287 -18.04 17.42 -32.38
CA PRO C 287 -19.05 18.44 -32.12
C PRO C 287 -20.21 17.95 -31.23
N GLN C 288 -20.71 16.74 -31.48
CA GLN C 288 -21.72 16.19 -30.59
C GLN C 288 -21.88 14.70 -30.73
N ILE C 289 -22.08 14.01 -29.61
CA ILE C 289 -22.21 12.56 -29.59
C ILE C 289 -23.14 12.10 -30.71
N ARG C 290 -22.73 11.01 -31.42
CA ARG C 290 -23.64 10.36 -32.35
C ARG C 290 -24.44 9.30 -31.63
N LEU C 291 -25.72 9.61 -31.38
CA LEU C 291 -26.62 8.71 -30.68
C LEU C 291 -27.96 8.68 -31.39
N GLU C 292 -28.02 7.93 -32.49
CA GLU C 292 -29.21 7.89 -33.33
C GLU C 292 -29.33 6.54 -34.00
N ARG C 293 -30.49 6.32 -34.66
CA ARG C 293 -30.66 5.14 -35.47
C ARG C 293 -30.20 5.35 -36.91
N GLU C 294 -29.85 4.25 -37.56
CA GLU C 294 -29.55 4.23 -38.98
C GLU C 294 -30.02 2.91 -39.56
N GLN C 295 -30.61 2.97 -40.76
CA GLN C 295 -30.93 1.73 -41.48
C GLN C 295 -29.83 1.50 -42.52
N LEU C 296 -28.90 0.65 -42.13
CA LEU C 296 -27.77 0.25 -42.98
C LEU C 296 -28.29 -0.56 -44.17
N ARG C 297 -27.91 -0.13 -45.38
CA ARG C 297 -28.28 -0.83 -46.61
C ARG C 297 -27.59 -2.20 -46.75
N THR C 298 -28.31 -3.24 -46.26
CA THR C 298 -27.85 -4.62 -46.37
C THR C 298 -28.41 -5.20 -47.67
N GLY C 299 -27.92 -6.38 -48.04
CA GLY C 299 -28.32 -7.06 -49.28
C GLY C 299 -29.82 -7.26 -49.46
N PRO C 300 -30.34 -8.43 -49.01
CA PRO C 300 -31.77 -8.73 -49.17
C PRO C 300 -32.60 -7.61 -48.52
N SER C 301 -32.68 -7.63 -47.19
CA SER C 301 -33.31 -6.54 -46.47
C SER C 301 -32.23 -5.54 -46.03
N ASN C 302 -32.22 -5.22 -44.74
CA ASN C 302 -31.24 -4.33 -44.14
C ASN C 302 -31.16 -4.55 -42.64
N THR C 303 -30.11 -4.00 -42.02
CA THR C 303 -29.94 -4.14 -40.57
C THR C 303 -30.02 -2.80 -39.87
N GLU C 304 -30.78 -2.78 -38.78
CA GLU C 304 -30.91 -1.61 -37.93
C GLU C 304 -29.67 -1.45 -37.07
N VAL C 305 -29.20 -0.21 -36.93
CA VAL C 305 -27.95 0.07 -36.22
C VAL C 305 -28.15 1.27 -35.29
N ILE C 306 -27.77 1.08 -34.02
CA ILE C 306 -27.76 2.20 -33.08
C ILE C 306 -26.33 2.74 -32.98
N HIS C 307 -26.16 4.00 -33.33
CA HIS C 307 -24.86 4.62 -33.20
C HIS C 307 -24.70 5.30 -31.85
N ASN C 308 -23.70 4.86 -31.09
CA ASN C 308 -23.37 5.43 -29.78
C ASN C 308 -21.88 5.74 -29.70
N TYR C 309 -21.49 6.93 -30.18
CA TYR C 309 -20.08 7.36 -30.09
C TYR C 309 -19.98 8.89 -30.17
N GLY C 310 -18.86 9.44 -29.69
CA GLY C 310 -18.65 10.89 -29.71
C GLY C 310 -18.62 11.57 -28.34
N HIS C 311 -18.34 10.78 -27.30
CA HIS C 311 -18.42 11.27 -25.90
C HIS C 311 -17.15 11.97 -25.42
N GLY C 312 -16.16 12.09 -26.31
CA GLY C 312 -14.90 12.79 -26.02
C GLY C 312 -14.46 12.82 -24.57
N GLY C 313 -14.07 14.01 -24.11
CA GLY C 313 -13.48 14.19 -22.77
C GLY C 313 -14.38 13.81 -21.60
N TYR C 314 -15.61 13.37 -21.90
CA TYR C 314 -16.59 13.17 -20.84
C TYR C 314 -17.38 11.86 -20.94
N GLY C 315 -16.77 10.84 -21.54
CA GLY C 315 -17.35 9.50 -21.58
C GLY C 315 -18.03 9.12 -20.29
N LEU C 316 -17.26 8.63 -19.32
CA LEU C 316 -17.78 8.20 -18.00
C LEU C 316 -18.86 9.09 -17.39
N THR C 317 -18.64 10.42 -17.45
CA THR C 317 -19.60 11.44 -16.96
C THR C 317 -21.01 11.24 -17.48
N ILE C 318 -21.15 11.21 -18.80
CA ILE C 318 -22.44 11.10 -19.43
C ILE C 318 -22.82 9.64 -19.75
N HIS C 319 -21.86 8.72 -19.61
CA HIS C 319 -22.00 7.32 -20.06
C HIS C 319 -23.41 6.72 -19.86
N TRP C 320 -23.95 6.83 -18.63
CA TRP C 320 -25.19 6.15 -18.29
C TRP C 320 -26.36 6.65 -19.12
N GLY C 321 -26.66 7.95 -19.01
CA GLY C 321 -27.74 8.58 -19.77
C GLY C 321 -27.82 7.96 -21.15
N CYS C 322 -26.71 8.03 -21.88
CA CYS C 322 -26.65 7.51 -23.23
C CYS C 322 -27.23 6.11 -23.26
N ALA C 323 -26.67 5.23 -22.43
CA ALA C 323 -27.08 3.84 -22.43
C ALA C 323 -28.60 3.71 -22.48
N LEU C 324 -29.31 4.49 -21.65
CA LEU C 324 -30.77 4.44 -21.59
C LEU C 324 -31.40 4.94 -22.88
N GLU C 325 -30.86 6.07 -23.38
CA GLU C 325 -31.28 6.62 -24.67
C GLU C 325 -31.14 5.57 -25.77
N ALA C 326 -29.92 5.05 -25.94
CA ALA C 326 -29.65 3.95 -26.85
C ALA C 326 -30.66 2.80 -26.73
N ALA C 327 -30.98 2.42 -25.49
CA ALA C 327 -31.93 1.32 -25.27
C ALA C 327 -33.35 1.77 -25.57
N LYS C 328 -33.61 3.06 -25.40
CA LYS C 328 -34.92 3.66 -25.71
C LYS C 328 -35.15 3.59 -27.20
N LEU C 329 -34.11 3.94 -27.97
CA LEU C 329 -34.14 3.78 -29.41
C LEU C 329 -34.32 2.30 -29.71
N PHE C 330 -33.46 1.46 -29.17
CA PHE C 330 -33.59 0.02 -29.39
C PHE C 330 -35.03 -0.39 -29.11
N GLY C 331 -35.69 0.38 -28.27
CA GLY C 331 -37.11 0.19 -27.99
C GLY C 331 -37.90 0.41 -29.25
N ARG C 332 -37.76 1.61 -29.82
CA ARG C 332 -38.47 2.03 -31.05
C ARG C 332 -38.34 1.05 -32.21
N ILE C 333 -37.20 0.36 -32.27
CA ILE C 333 -37.00 -0.64 -33.31
C ILE C 333 -38.00 -1.78 -33.12
N LEU C 334 -38.03 -2.36 -31.92
CA LEU C 334 -38.89 -3.51 -31.67
C LEU C 334 -40.38 -3.26 -31.92
N GLU C 335 -40.77 -1.98 -31.90
CA GLU C 335 -42.18 -1.57 -32.10
C GLU C 335 -42.43 -1.10 -33.54
N GLU C 336 -41.51 -1.49 -34.43
CA GLU C 336 -41.70 -1.27 -35.85
C GLU C 336 -41.69 -2.65 -36.49
N LYS C 337 -40.73 -3.48 -36.02
CA LYS C 337 -40.79 -4.94 -36.27
C LYS C 337 -42.04 -5.47 -35.57
N LYS C 338 -42.62 -4.62 -34.71
CA LYS C 338 -43.80 -4.90 -33.89
C LYS C 338 -43.60 -6.04 -32.88
N LEU C 339 -43.65 -5.68 -31.59
CA LEU C 339 -43.50 -6.61 -30.46
C LEU C 339 -43.69 -5.87 -29.13
N SER C 340 -44.16 -6.59 -28.10
CA SER C 340 -44.26 -6.03 -26.75
C SER C 340 -43.90 -7.06 -25.65
N MET D 1 20.65 30.50 31.84
CA MET D 1 19.19 30.22 31.82
C MET D 1 18.94 28.79 31.35
N ARG D 2 18.29 28.01 32.21
CA ARG D 2 18.03 26.61 31.90
C ARG D 2 16.54 26.37 31.74
N VAL D 3 16.19 25.48 30.81
CA VAL D 3 14.78 25.17 30.60
C VAL D 3 14.51 23.66 30.56
N VAL D 4 13.62 23.18 31.43
CA VAL D 4 13.26 21.77 31.40
C VAL D 4 11.77 21.65 31.12
N VAL D 5 11.47 21.20 29.91
CA VAL D 5 10.11 21.03 29.47
C VAL D 5 9.73 19.59 29.82
N ILE D 6 8.64 19.39 30.54
CA ILE D 6 8.20 18.03 30.81
C ILE D 6 7.09 17.69 29.83
N GLY D 7 7.20 16.50 29.22
CA GLY D 7 6.25 16.01 28.21
C GLY D 7 6.83 16.06 26.81
N ALA D 8 6.66 15.00 26.03
CA ALA D 8 7.14 14.99 24.65
C ALA D 8 6.02 14.69 23.66
N GLY D 9 4.85 15.27 23.94
CA GLY D 9 3.67 15.13 23.08
C GLY D 9 3.60 16.35 22.21
N VAL D 10 2.45 16.55 21.55
CA VAL D 10 2.26 17.72 20.70
C VAL D 10 2.42 19.00 21.49
N ILE D 11 1.94 18.98 22.74
CA ILE D 11 2.02 20.18 23.58
C ILE D 11 3.46 20.42 23.97
N GLY D 12 4.04 19.44 24.67
CA GLY D 12 5.44 19.49 25.08
C GLY D 12 6.30 20.05 23.96
N LEU D 13 6.28 19.37 22.81
CA LEU D 13 7.26 19.65 21.75
C LEU D 13 7.00 20.94 21.02
N SER D 14 5.74 21.20 20.67
CA SER D 14 5.42 22.46 20.00
C SER D 14 5.98 23.63 20.80
N THR D 15 5.86 23.55 22.12
CA THR D 15 6.32 24.64 22.99
C THR D 15 7.84 24.75 22.99
N ALA D 16 8.51 23.64 23.32
CA ALA D 16 9.98 23.58 23.32
C ALA D 16 10.56 24.15 22.04
N LEU D 17 9.77 24.07 20.96
CA LEU D 17 10.14 24.66 19.69
C LEU D 17 9.80 26.14 19.76
N CYS D 18 8.51 26.43 19.76
CA CYS D 18 7.97 27.78 19.73
C CYS D 18 8.67 28.77 20.69
N ILE D 19 9.29 28.21 21.73
CA ILE D 19 10.11 28.99 22.65
C ILE D 19 11.51 29.20 22.04
N HIS D 20 12.22 28.10 21.79
CA HIS D 20 13.59 28.14 21.30
C HIS D 20 13.74 29.09 20.12
N GLU D 21 12.87 28.94 19.12
CA GLU D 21 12.88 29.78 17.94
C GLU D 21 12.92 31.26 18.30
N ARG D 22 12.06 31.67 19.23
CA ARG D 22 11.92 33.09 19.57
C ARG D 22 12.93 33.62 20.59
N TYR D 23 13.59 32.72 21.34
CA TYR D 23 14.48 33.19 22.41
C TYR D 23 15.91 32.64 22.43
N HIS D 24 16.29 31.79 21.47
CA HIS D 24 17.67 31.28 21.39
C HIS D 24 18.67 32.41 21.12
N SER D 25 18.15 33.51 20.58
CA SER D 25 18.94 34.66 20.18
C SER D 25 19.23 35.57 21.38
N VAL D 26 18.17 36.10 21.98
CA VAL D 26 18.27 37.12 23.03
C VAL D 26 18.40 36.53 24.46
N LEU D 27 19.17 35.44 24.55
CA LEU D 27 19.33 34.66 25.79
C LEU D 27 20.37 33.60 25.55
N GLN D 28 21.53 34.01 25.07
CA GLN D 28 22.58 33.07 24.65
C GLN D 28 22.84 31.91 25.63
N PRO D 29 22.85 32.18 26.96
CA PRO D 29 22.97 31.00 27.84
C PRO D 29 21.64 30.21 27.97
N LEU D 30 21.14 29.68 26.84
CA LEU D 30 19.82 29.00 26.81
C LEU D 30 19.89 27.51 26.49
N ASP D 31 20.02 26.71 27.55
CA ASP D 31 20.04 25.26 27.40
C ASP D 31 18.67 24.67 27.77
N ILE D 32 18.06 24.00 26.79
CA ILE D 32 16.72 23.43 26.93
C ILE D 32 16.81 21.93 26.73
N LYS D 33 16.24 21.18 27.66
CA LYS D 33 16.07 19.72 27.52
C LYS D 33 14.62 19.32 27.75
N VAL D 34 14.30 18.09 27.35
CA VAL D 34 12.94 17.60 27.46
C VAL D 34 12.93 16.20 28.06
N TYR D 35 12.22 16.07 29.17
CA TYR D 35 12.07 14.77 29.82
C TYR D 35 10.69 14.28 29.53
N ALA D 36 10.59 12.99 29.22
CA ALA D 36 9.32 12.35 28.97
C ALA D 36 9.38 10.85 29.24
N ASP D 37 8.28 10.35 29.79
CA ASP D 37 8.14 8.93 30.13
C ASP D 37 7.96 8.07 28.88
N ARG D 38 7.10 8.56 27.95
CA ARG D 38 6.76 7.87 26.68
C ARG D 38 6.91 8.83 25.49
N PHE D 39 7.82 8.52 24.57
CA PHE D 39 8.10 9.44 23.47
C PHE D 39 7.29 9.20 22.18
N THR D 40 7.71 9.89 21.10
CA THR D 40 6.98 9.96 19.80
C THR D 40 6.21 8.77 19.22
N PRO D 41 6.75 7.53 19.37
CA PRO D 41 5.96 6.46 18.81
C PRO D 41 4.73 6.09 19.62
N LEU D 42 4.66 6.50 20.91
CA LEU D 42 3.60 5.96 21.82
C LEU D 42 2.92 6.92 22.84
N THR D 43 2.22 7.93 22.34
CA THR D 43 1.55 8.88 23.22
C THR D 43 0.10 9.02 22.79
N THR D 44 -0.68 9.84 23.51
CA THR D 44 -2.06 10.12 23.13
C THR D 44 -2.10 10.95 21.84
N THR D 45 -1.07 11.76 21.63
CA THR D 45 -0.95 12.54 20.41
C THR D 45 -0.88 11.66 19.17
N ASP D 46 -0.40 10.42 19.31
CA ASP D 46 -0.30 9.43 18.22
C ASP D 46 -1.64 8.81 17.81
N VAL D 47 -2.57 8.78 18.76
CA VAL D 47 -3.86 8.17 18.55
C VAL D 47 -4.79 9.15 17.84
N ALA D 48 -4.58 10.43 18.10
CA ALA D 48 -5.43 11.48 17.57
C ALA D 48 -5.48 11.42 16.05
N ALA D 49 -6.69 11.49 15.49
CA ALA D 49 -6.89 11.65 14.04
C ALA D 49 -6.14 12.88 13.55
N GLY D 50 -6.30 13.99 14.25
CA GLY D 50 -5.59 15.21 13.90
C GLY D 50 -6.46 16.15 13.10
N LEU D 51 -7.78 16.00 13.24
CA LEU D 51 -8.73 16.86 12.57
C LEU D 51 -8.87 18.17 13.33
N TRP D 52 -8.49 19.26 12.68
CA TRP D 52 -8.70 20.58 13.26
C TRP D 52 -10.19 20.91 13.40
N GLN D 53 -10.66 21.03 14.64
CA GLN D 53 -12.06 21.34 14.91
C GLN D 53 -12.32 21.44 16.42
N PRO D 54 -12.58 22.67 16.93
CA PRO D 54 -12.94 22.95 18.32
C PRO D 54 -14.39 22.59 18.57
N TYR D 55 -14.72 22.32 19.83
CA TYR D 55 -16.07 22.00 20.28
C TYR D 55 -17.15 22.92 19.68
N LEU D 56 -18.38 22.43 19.68
CA LEU D 56 -19.49 23.16 19.10
C LEU D 56 -19.99 24.26 20.05
N SER D 57 -19.85 23.99 21.35
CA SER D 57 -20.08 25.00 22.41
C SER D 57 -18.88 25.93 22.53
N ASP D 58 -19.17 27.18 22.92
CA ASP D 58 -18.13 28.20 23.04
C ASP D 58 -17.46 28.16 24.41
N PRO D 59 -16.12 28.24 24.45
CA PRO D 59 -15.38 28.05 25.69
C PRO D 59 -15.57 29.19 26.69
N ASN D 60 -15.38 28.87 27.98
CA ASN D 60 -15.38 29.86 29.06
C ASN D 60 -14.27 30.86 28.75
N ASN D 61 -13.27 30.35 28.03
CA ASN D 61 -12.05 31.07 27.73
C ASN D 61 -12.02 31.56 26.28
N PRO D 62 -12.51 32.79 26.01
CA PRO D 62 -12.42 33.29 24.63
C PRO D 62 -10.97 33.38 24.18
N GLN D 63 -10.06 33.07 25.10
CA GLN D 63 -8.63 32.96 24.80
C GLN D 63 -8.35 31.69 23.99
N GLU D 64 -9.24 30.69 24.15
CA GLU D 64 -9.06 29.46 23.42
C GLU D 64 -9.49 29.64 21.97
N ALA D 65 -10.66 30.26 21.79
CA ALA D 65 -11.23 30.54 20.47
C ALA D 65 -10.23 31.17 19.51
N ASP D 66 -9.26 31.90 20.05
CA ASP D 66 -8.24 32.51 19.21
C ASP D 66 -7.05 31.61 18.96
N TRP D 67 -6.70 30.74 19.90
CA TRP D 67 -5.52 29.87 19.76
C TRP D 67 -5.69 28.77 18.71
N SER D 68 -6.91 28.28 18.56
CA SER D 68 -7.26 27.31 17.52
C SER D 68 -7.21 27.97 16.16
N GLN D 69 -7.76 29.19 16.13
CA GLN D 69 -7.74 30.08 14.99
C GLN D 69 -6.30 30.44 14.59
N GLN D 70 -5.42 30.63 15.57
CA GLN D 70 -4.00 30.87 15.30
C GLN D 70 -3.31 29.63 14.76
N THR D 71 -3.70 28.47 15.27
CA THR D 71 -3.18 27.17 14.81
C THR D 71 -3.61 26.92 13.37
N PHE D 72 -4.90 27.16 13.09
CA PHE D 72 -5.43 27.05 11.73
C PHE D 72 -4.69 27.96 10.73
N ASP D 73 -4.68 29.27 10.99
CA ASP D 73 -4.04 30.20 10.07
C ASP D 73 -2.58 29.85 9.79
N TYR D 74 -1.92 29.25 10.79
CA TYR D 74 -0.53 28.85 10.65
C TYR D 74 -0.42 27.61 9.79
N LEU D 75 -1.25 26.63 10.11
CA LEU D 75 -1.21 25.37 9.40
C LEU D 75 -1.63 25.60 7.96
N LEU D 76 -2.87 26.05 7.76
CA LEU D 76 -3.40 26.37 6.41
C LEU D 76 -2.47 27.25 5.53
N SER D 77 -1.55 27.96 6.16
CA SER D 77 -0.61 28.81 5.43
C SER D 77 0.65 28.03 5.12
N HIS D 78 0.58 26.71 5.29
CA HIS D 78 1.72 25.80 5.11
C HIS D 78 1.25 24.46 4.49
N VAL D 79 -0.01 24.42 4.05
CA VAL D 79 -0.58 23.20 3.46
C VAL D 79 0.24 22.72 2.25
N HIS D 80 0.69 23.71 1.45
CA HIS D 80 1.50 23.50 0.25
C HIS D 80 2.92 23.90 0.59
N SER D 81 3.79 22.92 0.76
CA SER D 81 5.21 23.17 1.12
C SER D 81 6.06 21.90 1.02
N PRO D 82 7.41 22.05 0.92
CA PRO D 82 8.20 20.82 0.89
C PRO D 82 7.90 19.92 2.10
N ASN D 83 7.67 20.56 3.25
CA ASN D 83 7.51 19.89 4.54
C ASN D 83 6.04 19.61 4.93
N ALA D 84 5.11 19.83 4.00
CA ALA D 84 3.68 19.66 4.28
C ALA D 84 3.39 18.20 4.56
N GLU D 85 4.14 17.33 3.88
CA GLU D 85 3.95 15.88 4.00
C GLU D 85 4.58 15.37 5.28
N ASN D 86 5.83 15.77 5.50
CA ASN D 86 6.55 15.44 6.73
C ASN D 86 5.83 15.86 7.99
N LEU D 87 5.13 16.99 7.91
CA LEU D 87 4.23 17.44 8.98
C LEU D 87 3.01 16.52 9.13
N GLY D 88 2.59 15.90 8.03
CA GLY D 88 1.34 15.12 8.01
C GLY D 88 0.17 16.04 7.83
N LEU D 89 0.46 17.22 7.24
CA LEU D 89 -0.50 18.30 7.00
C LEU D 89 -1.29 18.00 5.72
N PHE D 90 -2.59 18.29 5.72
CA PHE D 90 -3.37 18.26 4.48
C PHE D 90 -4.81 18.70 4.63
N LEU D 91 -5.36 19.26 3.54
CA LEU D 91 -6.74 19.73 3.50
C LEU D 91 -7.71 18.56 3.39
N ILE D 92 -8.92 18.75 3.90
CA ILE D 92 -9.96 17.75 3.77
C ILE D 92 -11.29 18.39 4.12
N SER D 93 -12.30 18.20 3.26
CA SER D 93 -13.63 18.74 3.55
C SER D 93 -14.60 17.67 4.08
N GLY D 94 -15.71 18.11 4.70
CA GLY D 94 -16.57 17.11 5.33
C GLY D 94 -17.87 17.47 6.01
N TYR D 95 -18.53 16.43 6.50
CA TYR D 95 -19.89 16.49 7.00
C TYR D 95 -19.95 16.50 8.52
N ASN D 96 -20.84 17.35 9.01
CA ASN D 96 -21.23 17.40 10.41
C ASN D 96 -22.72 17.15 10.39
N LEU D 97 -23.14 16.09 11.06
CA LEU D 97 -24.56 15.76 11.12
C LEU D 97 -25.12 15.92 12.52
N PHE D 98 -26.37 16.33 12.57
CA PHE D 98 -27.08 16.57 13.82
C PHE D 98 -28.48 16.00 13.66
N HIS D 99 -29.42 16.46 14.48
CA HIS D 99 -30.76 15.97 14.39
C HIS D 99 -31.82 17.05 14.26
N GLU D 100 -31.57 18.22 14.85
CA GLU D 100 -32.42 19.38 14.63
C GLU D 100 -31.52 20.49 14.13
N ALA D 101 -32.04 21.71 14.01
CA ALA D 101 -31.16 22.80 13.62
C ALA D 101 -30.46 23.47 14.80
N ILE D 102 -29.21 23.07 15.03
CA ILE D 102 -28.36 23.68 16.06
C ILE D 102 -27.76 24.94 15.45
N PRO D 103 -27.74 26.05 16.23
CA PRO D 103 -27.03 27.28 15.85
C PRO D 103 -25.56 27.07 15.39
N ASP D 104 -25.15 27.90 14.44
CA ASP D 104 -23.82 27.85 13.83
C ASP D 104 -22.72 27.92 14.86
N PRO D 105 -21.58 27.25 14.60
CA PRO D 105 -20.41 27.48 15.46
C PRO D 105 -19.88 28.89 15.23
N SER D 106 -18.71 29.17 15.78
CA SER D 106 -18.13 30.49 15.68
C SER D 106 -16.88 30.45 14.80
N TRP D 107 -16.25 29.28 14.73
CA TRP D 107 -15.05 29.11 13.88
C TRP D 107 -15.37 29.20 12.38
N LYS D 108 -16.65 29.19 12.06
CA LYS D 108 -17.15 29.21 10.68
C LYS D 108 -16.51 30.24 9.73
N ASP D 109 -15.72 31.17 10.26
CA ASP D 109 -15.04 32.17 9.42
C ASP D 109 -13.54 31.91 9.35
N THR D 110 -13.07 30.99 10.21
CA THR D 110 -11.66 30.58 10.21
C THR D 110 -11.47 29.38 9.28
N VAL D 111 -12.45 28.47 9.26
CA VAL D 111 -12.43 27.32 8.35
C VAL D 111 -12.63 27.81 6.92
N LEU D 112 -12.61 26.91 5.96
CA LEU D 112 -12.83 27.28 4.58
C LEU D 112 -14.20 26.83 4.14
N GLY D 113 -14.97 27.78 3.64
CA GLY D 113 -16.29 27.54 3.06
C GLY D 113 -17.35 26.95 3.98
N PHE D 114 -17.58 27.59 5.13
CA PHE D 114 -18.67 27.15 5.98
C PHE D 114 -20.00 27.49 5.31
N ARG D 115 -20.72 26.44 4.95
CA ARG D 115 -22.05 26.53 4.35
C ARG D 115 -22.82 25.34 4.89
N LYS D 116 -24.13 25.32 4.71
CA LYS D 116 -24.93 24.24 5.32
C LYS D 116 -25.27 23.13 4.36
N LEU D 117 -25.25 21.91 4.87
CA LEU D 117 -25.63 20.72 4.11
C LEU D 117 -26.94 20.92 3.37
N THR D 118 -26.86 21.08 2.05
CA THR D 118 -28.05 21.23 1.18
C THR D 118 -29.00 20.02 1.28
N PRO D 119 -30.31 20.27 1.08
CA PRO D 119 -31.34 19.24 1.20
C PRO D 119 -30.95 17.95 0.52
N ARG D 120 -30.19 18.05 -0.55
CA ARG D 120 -29.79 16.89 -1.34
C ARG D 120 -28.72 16.03 -0.66
N GLU D 121 -27.53 16.58 -0.50
CA GLU D 121 -26.41 15.82 0.06
C GLU D 121 -26.76 15.19 1.40
N LEU D 122 -27.68 15.82 2.09
CA LEU D 122 -28.14 15.34 3.38
C LEU D 122 -28.88 14.00 3.26
N ASP D 123 -29.52 13.80 2.11
CA ASP D 123 -30.24 12.56 1.86
C ASP D 123 -29.32 11.33 1.86
N MET D 124 -28.02 11.54 1.66
CA MET D 124 -27.03 10.46 1.69
C MET D 124 -26.97 9.78 3.06
N PHE D 125 -27.41 10.51 4.08
CA PHE D 125 -27.48 9.98 5.43
C PHE D 125 -28.92 10.08 5.88
N PRO D 126 -29.62 8.92 5.94
CA PRO D 126 -31.04 8.94 6.30
C PRO D 126 -31.19 9.27 7.78
N ASP D 127 -30.40 8.58 8.60
CA ASP D 127 -30.40 8.70 10.05
C ASP D 127 -30.24 10.11 10.62
N TYR D 128 -29.84 11.07 9.81
CA TYR D 128 -29.64 12.43 10.31
C TYR D 128 -30.43 13.46 9.52
N GLY D 129 -30.76 14.57 10.18
CA GLY D 129 -31.66 15.56 9.59
C GLY D 129 -31.06 16.92 9.31
N TYR D 130 -29.94 17.26 9.97
CA TYR D 130 -29.35 18.58 9.76
C TYR D 130 -27.83 18.64 9.90
N GLY D 131 -27.17 19.44 9.06
CA GLY D 131 -25.72 19.56 9.16
C GLY D 131 -24.99 20.68 8.43
N TRP D 132 -23.67 20.56 8.36
CA TRP D 132 -22.82 21.55 7.72
C TRP D 132 -21.87 20.96 6.67
N PHE D 133 -20.92 21.77 6.22
CA PHE D 133 -19.89 21.37 5.28
C PHE D 133 -18.83 22.46 5.21
N HIS D 134 -17.57 22.05 5.30
CA HIS D 134 -16.44 22.98 5.19
C HIS D 134 -15.17 22.25 4.79
N THR D 135 -14.22 23.00 4.22
CA THR D 135 -12.87 22.49 3.97
C THR D 135 -12.06 22.68 5.26
N SER D 136 -11.16 21.75 5.57
CA SER D 136 -10.45 21.79 6.86
C SER D 136 -9.06 21.16 6.78
N LEU D 137 -8.42 20.98 7.93
CA LEU D 137 -7.08 20.38 7.97
C LEU D 137 -6.96 19.10 8.83
N ILE D 138 -5.84 18.43 8.63
CA ILE D 138 -5.45 17.32 9.47
C ILE D 138 -3.94 17.44 9.65
N LEU D 139 -3.50 17.72 10.87
CA LEU D 139 -2.09 17.57 11.23
C LEU D 139 -2.00 16.24 11.95
N GLU D 140 -1.42 15.25 11.28
CA GLU D 140 -1.39 13.91 11.85
C GLU D 140 -0.30 13.75 12.89
N GLY D 141 -0.67 13.08 13.99
CA GLY D 141 0.18 12.93 15.17
C GLY D 141 1.55 12.33 14.92
N LYS D 142 1.56 11.04 14.58
CA LYS D 142 2.83 10.33 14.36
C LYS D 142 3.75 11.09 13.41
N ASN D 143 3.16 11.92 12.54
CA ASN D 143 3.98 12.73 11.67
C ASN D 143 4.41 14.05 12.30
N TYR D 144 3.46 14.79 12.86
CA TYR D 144 3.79 16.06 13.53
C TYR D 144 4.87 15.82 14.60
N LEU D 145 4.69 14.76 15.39
CA LEU D 145 5.66 14.38 16.40
C LEU D 145 7.03 14.13 15.82
N GLN D 146 7.12 13.28 14.80
CA GLN D 146 8.42 13.04 14.19
C GLN D 146 9.07 14.33 13.65
N TRP D 147 8.33 15.16 12.93
CA TRP D 147 8.87 16.41 12.43
C TRP D 147 9.40 17.26 13.60
N LEU D 148 8.48 17.62 14.52
CA LEU D 148 8.82 18.44 15.68
C LEU D 148 10.07 17.92 16.32
N THR D 149 10.03 16.68 16.76
CA THR D 149 11.21 16.06 17.35
C THR D 149 12.46 16.39 16.54
N GLU D 150 12.41 16.08 15.25
CA GLU D 150 13.58 16.22 14.37
C GLU D 150 14.05 17.65 14.32
N ARG D 151 13.11 18.57 14.57
CA ARG D 151 13.37 20.03 14.59
C ARG D 151 14.10 20.39 15.87
N LEU D 152 13.52 19.96 16.98
CA LEU D 152 14.08 20.15 18.29
C LEU D 152 15.46 19.50 18.43
N THR D 153 15.79 18.54 17.57
CA THR D 153 17.10 17.88 17.68
C THR D 153 18.18 18.73 17.05
N GLU D 154 17.94 19.20 15.83
CA GLU D 154 18.87 20.10 15.15
C GLU D 154 18.85 21.51 15.74
N ARG D 155 18.52 21.61 17.03
CA ARG D 155 18.46 22.90 17.72
C ARG D 155 18.99 22.74 19.14
N GLY D 156 19.55 21.58 19.42
CA GLY D 156 20.18 21.33 20.72
C GLY D 156 19.33 20.53 21.70
N VAL D 157 18.07 20.94 21.85
CA VAL D 157 17.16 20.37 22.83
C VAL D 157 17.40 18.87 23.02
N LYS D 158 18.11 18.49 24.09
CA LYS D 158 18.32 17.06 24.36
C LYS D 158 17.04 16.41 24.89
N PHE D 159 16.93 15.09 24.71
CA PHE D 159 15.71 14.38 25.07
C PHE D 159 16.06 13.23 26.01
N PHE D 160 15.35 13.14 27.13
CA PHE D 160 15.63 12.07 28.08
C PHE D 160 14.40 11.31 28.51
N GLN D 161 14.61 10.02 28.72
CA GLN D 161 13.52 9.14 29.05
C GLN D 161 13.53 8.91 30.54
N ARG D 162 12.66 9.67 31.22
CA ARG D 162 12.54 9.62 32.67
C ARG D 162 11.19 10.17 33.12
N LYS D 163 10.66 9.56 34.19
CA LYS D 163 9.38 9.95 34.78
C LYS D 163 9.57 10.85 36.00
N VAL D 164 9.35 12.15 35.83
CA VAL D 164 9.49 13.15 36.88
C VAL D 164 8.53 12.85 38.02
N GLU D 165 8.98 12.96 39.26
CA GLU D 165 8.13 12.67 40.42
C GLU D 165 7.53 13.91 41.07
N SER D 166 8.22 15.05 40.96
CA SER D 166 7.72 16.30 41.49
C SER D 166 8.47 17.43 40.83
N PHE D 167 7.81 18.55 40.61
CA PHE D 167 8.51 19.69 40.04
C PHE D 167 9.81 19.97 40.81
N GLU D 168 9.76 19.85 42.14
CA GLU D 168 10.94 20.04 42.97
C GLU D 168 12.02 19.06 42.54
N GLU D 169 11.68 17.78 42.55
CA GLU D 169 12.55 16.70 42.06
C GLU D 169 13.44 17.15 40.90
N VAL D 170 12.93 18.10 40.11
CA VAL D 170 13.65 18.65 38.94
C VAL D 170 14.18 20.07 39.16
N ALA D 171 13.43 20.87 39.96
CA ALA D 171 13.87 22.22 40.34
C ALA D 171 15.12 22.12 41.22
N ARG D 172 15.11 21.10 42.08
CA ARG D 172 16.25 20.76 42.95
C ARG D 172 17.47 20.38 42.13
N GLU D 173 17.26 19.67 41.02
CA GLU D 173 18.40 19.22 40.26
C GLU D 173 19.09 20.34 39.45
N GLY D 174 18.42 21.49 39.28
CA GLY D 174 19.09 22.63 38.63
C GLY D 174 18.37 23.48 37.59
N ALA D 175 17.09 23.20 37.36
CA ALA D 175 16.28 23.98 36.42
C ALA D 175 15.97 25.40 36.96
N ASP D 176 15.59 26.30 36.05
CA ASP D 176 15.09 27.63 36.45
C ASP D 176 13.65 27.78 35.99
N VAL D 177 13.30 27.08 34.91
CA VAL D 177 11.92 27.04 34.41
C VAL D 177 11.44 25.61 34.05
N ILE D 178 10.22 25.29 34.43
CA ILE D 178 9.67 23.97 34.17
C ILE D 178 8.33 24.07 33.44
N VAL D 179 8.36 23.74 32.14
CA VAL D 179 7.16 23.79 31.31
C VAL D 179 6.40 22.49 31.48
N ASN D 180 5.32 22.57 32.25
CA ASN D 180 4.48 21.41 32.55
C ASN D 180 3.53 21.08 31.42
N CYS D 181 3.99 20.21 30.51
CA CYS D 181 3.23 19.83 29.32
C CYS D 181 3.08 18.33 29.33
N THR D 182 2.65 17.85 30.49
CA THR D 182 2.55 16.44 30.78
C THR D 182 1.14 15.90 30.50
N GLY D 183 0.21 16.78 30.11
CA GLY D 183 -1.15 16.37 29.71
C GLY D 183 -2.02 15.66 30.76
N VAL D 184 -2.85 14.71 30.29
CA VAL D 184 -3.81 14.01 31.14
C VAL D 184 -3.26 13.56 32.51
N TRP D 185 -1.94 13.32 32.58
CA TRP D 185 -1.31 12.87 33.82
C TRP D 185 -0.64 14.00 34.58
N ALA D 186 -1.10 15.23 34.38
CA ALA D 186 -0.57 16.39 35.13
C ALA D 186 -0.64 16.16 36.65
N GLY D 187 -1.75 15.58 37.11
CA GLY D 187 -2.02 15.32 38.52
C GLY D 187 -0.82 14.82 39.29
N ALA D 188 -0.32 13.63 38.92
CA ALA D 188 0.82 12.99 39.58
C ALA D 188 1.96 13.95 40.00
N LEU D 189 1.99 15.14 39.43
CA LEU D 189 2.98 16.14 39.77
C LEU D 189 2.40 17.22 40.70
N GLN D 190 1.15 17.60 40.47
CA GLN D 190 0.46 18.59 41.29
C GLN D 190 -1.00 18.47 41.00
N ARG D 191 -1.64 17.63 41.80
CA ARG D 191 -3.02 17.16 41.57
C ARG D 191 -4.06 18.22 41.16
N ASP D 192 -4.89 17.86 40.17
CA ASP D 192 -5.94 18.74 39.68
C ASP D 192 -7.30 18.03 39.70
N PRO D 193 -8.30 18.62 40.40
CA PRO D 193 -9.57 17.90 40.48
C PRO D 193 -10.37 18.02 39.19
N LEU D 194 -10.24 19.14 38.49
CA LEU D 194 -11.00 19.38 37.26
C LEU D 194 -10.56 18.52 36.06
N LEU D 195 -9.32 18.05 36.11
CA LEU D 195 -8.67 17.29 35.01
C LEU D 195 -8.98 15.81 35.07
N GLN D 196 -10.03 15.43 34.36
CA GLN D 196 -10.41 14.02 34.21
C GLN D 196 -10.08 13.50 32.78
N PRO D 197 -9.76 12.18 32.65
CA PRO D 197 -9.47 11.65 31.33
C PRO D 197 -10.73 11.30 30.52
N GLY D 198 -10.72 11.65 29.23
CA GLY D 198 -11.76 11.23 28.30
C GLY D 198 -11.20 10.07 27.52
N ARG D 199 -11.50 8.86 27.97
CA ARG D 199 -11.00 7.68 27.32
C ARG D 199 -11.56 7.60 25.92
N GLY D 200 -10.67 7.50 24.95
CA GLY D 200 -11.02 7.31 23.54
C GLY D 200 -10.46 6.00 23.03
N GLN D 201 -11.24 5.36 22.15
CA GLN D 201 -10.86 4.14 21.44
C GLN D 201 -11.18 4.30 19.97
N ILE D 202 -10.16 4.14 19.12
CA ILE D 202 -10.30 4.29 17.68
C ILE D 202 -9.97 3.02 16.91
N MET D 203 -10.31 3.05 15.62
CA MET D 203 -10.17 1.94 14.71
C MET D 203 -9.59 2.47 13.41
N LYS D 204 -8.50 1.84 12.96
CA LYS D 204 -7.86 2.23 11.69
C LYS D 204 -8.19 1.19 10.63
N VAL D 205 -8.69 1.65 9.50
CA VAL D 205 -9.11 0.73 8.46
C VAL D 205 -8.65 1.18 7.08
N ASP D 206 -8.55 0.20 6.18
CA ASP D 206 -8.20 0.43 4.79
C ASP D 206 -9.46 0.63 3.94
N ALA D 207 -9.81 1.90 3.74
CA ALA D 207 -10.95 2.27 2.92
C ALA D 207 -10.64 3.60 2.21
N PRO D 208 -9.64 3.59 1.31
CA PRO D 208 -9.20 4.83 0.65
C PRO D 208 -10.24 5.56 -0.23
N TRP D 209 -11.33 4.93 -0.62
CA TRP D 209 -12.28 5.63 -1.47
C TRP D 209 -12.94 6.74 -0.65
N MET D 210 -12.93 6.55 0.67
CA MET D 210 -13.41 7.54 1.60
C MET D 210 -12.47 8.73 1.58
N LYS D 211 -13.06 9.89 1.27
CA LYS D 211 -12.30 11.12 1.09
C LYS D 211 -12.98 12.29 1.75
N HIS D 212 -13.91 11.98 2.65
CA HIS D 212 -14.61 12.99 3.43
C HIS D 212 -14.74 12.48 4.84
N PHE D 213 -14.73 13.41 5.81
CA PHE D 213 -14.96 13.07 7.21
C PHE D 213 -16.41 13.27 7.59
N ILE D 214 -16.93 12.36 8.41
CA ILE D 214 -18.32 12.41 8.83
C ILE D 214 -18.44 12.40 10.36
N LEU D 215 -18.51 13.60 10.95
CA LEU D 215 -18.79 13.71 12.37
C LEU D 215 -20.29 13.72 12.55
N THR D 216 -20.76 12.83 13.42
CA THR D 216 -22.16 12.81 13.79
C THR D 216 -22.24 13.37 15.19
N HIS D 217 -23.33 14.07 15.49
CA HIS D 217 -23.47 14.70 16.79
C HIS D 217 -24.76 14.34 17.51
N ASP D 218 -24.64 14.16 18.82
CA ASP D 218 -25.77 13.82 19.66
C ASP D 218 -25.58 14.58 20.99
N PRO D 219 -26.59 15.40 21.37
CA PRO D 219 -26.50 16.08 22.66
C PRO D 219 -26.78 15.11 23.80
N GLU D 220 -27.50 14.02 23.51
CA GLU D 220 -27.83 13.01 24.51
C GLU D 220 -26.57 12.29 25.02
N ARG D 221 -26.06 11.34 24.22
CA ARG D 221 -24.84 10.59 24.57
C ARG D 221 -23.54 11.43 24.59
N GLY D 222 -23.69 12.75 24.71
CA GLY D 222 -22.58 13.64 25.02
C GLY D 222 -21.56 13.91 23.92
N ILE D 223 -20.53 14.68 24.29
CA ILE D 223 -19.43 15.06 23.39
C ILE D 223 -18.62 13.85 22.93
N TYR D 224 -18.14 13.94 21.70
CA TYR D 224 -17.27 12.94 21.11
C TYR D 224 -17.70 11.48 21.34
N ASN D 225 -19.02 11.27 21.47
CA ASN D 225 -19.55 9.89 21.59
C ASN D 225 -20.49 9.50 20.44
N SER D 226 -20.44 10.31 19.38
CA SER D 226 -21.16 10.00 18.14
C SER D 226 -20.16 9.48 17.12
N PRO D 227 -20.56 8.44 16.35
CA PRO D 227 -19.64 7.82 15.38
C PRO D 227 -19.03 8.80 14.38
N TYR D 228 -17.70 8.84 14.34
CA TYR D 228 -17.01 9.73 13.43
C TYR D 228 -16.10 8.94 12.48
N ILE D 229 -15.85 9.51 11.30
CA ILE D 229 -14.98 8.92 10.31
C ILE D 229 -14.02 9.96 9.77
N ILE D 230 -12.80 9.97 10.28
CA ILE D 230 -11.80 10.87 9.71
C ILE D 230 -10.81 10.04 8.90
N PRO D 231 -10.86 10.17 7.56
CA PRO D 231 -9.94 9.44 6.68
C PRO D 231 -8.56 10.09 6.69
N GLY D 232 -7.58 9.39 7.26
CA GLY D 232 -6.21 9.88 7.33
C GLY D 232 -5.51 9.83 5.98
N THR D 233 -4.20 9.68 5.98
CA THR D 233 -3.51 9.64 4.70
C THR D 233 -3.40 8.20 4.23
N GLN D 234 -2.86 7.33 5.08
CA GLN D 234 -2.61 5.92 4.73
C GLN D 234 -3.78 5.03 5.11
N THR D 235 -4.62 5.52 6.00
CA THR D 235 -5.73 4.75 6.53
C THR D 235 -6.93 5.64 6.89
N VAL D 236 -7.96 5.07 7.50
CA VAL D 236 -9.13 5.83 7.90
C VAL D 236 -9.45 5.56 9.36
N THR D 237 -9.82 6.61 10.10
CA THR D 237 -10.18 6.46 11.52
C THR D 237 -11.68 6.47 11.77
N LEU D 238 -12.09 5.44 12.49
CA LEU D 238 -13.43 5.27 12.96
C LEU D 238 -13.42 5.58 14.43
N GLY D 239 -14.43 6.28 14.89
CA GLY D 239 -14.55 6.54 16.31
C GLY D 239 -15.97 6.86 16.73
N GLY D 240 -16.11 7.35 17.96
CA GLY D 240 -17.41 7.64 18.56
C GLY D 240 -17.38 7.14 19.99
N ILE D 241 -16.31 7.51 20.72
CA ILE D 241 -16.12 7.09 22.12
C ILE D 241 -15.45 8.16 23.00
N PHE D 242 -16.20 8.58 24.01
CA PHE D 242 -15.74 9.47 25.08
C PHE D 242 -16.36 9.04 26.42
N GLN D 243 -15.50 8.63 27.35
CA GLN D 243 -15.92 8.11 28.67
C GLN D 243 -15.08 8.72 29.78
N LEU D 244 -15.72 9.50 30.67
CA LEU D 244 -14.98 10.22 31.71
C LEU D 244 -14.31 9.29 32.71
N GLY D 245 -13.10 9.69 33.13
CA GLY D 245 -12.42 9.01 34.23
C GLY D 245 -12.22 7.53 34.09
N ASN D 246 -12.13 7.05 32.85
CA ASN D 246 -11.77 5.66 32.65
C ASN D 246 -10.29 5.57 32.37
N TRP D 247 -9.53 4.93 33.26
CA TRP D 247 -8.09 4.87 33.06
C TRP D 247 -7.61 3.50 32.59
N SER D 248 -8.50 2.79 31.87
CA SER D 248 -8.10 1.53 31.24
C SER D 248 -7.45 1.83 29.90
N GLU D 249 -6.13 1.69 29.83
CA GLU D 249 -5.41 1.85 28.57
C GLU D 249 -5.29 0.50 27.85
N LEU D 250 -6.44 0.06 27.34
CA LEU D 250 -6.59 -1.25 26.70
C LEU D 250 -7.79 -1.17 25.78
N ASN D 251 -7.76 -1.95 24.71
CA ASN D 251 -8.87 -2.01 23.79
C ASN D 251 -9.97 -2.87 24.31
N ASN D 252 -11.18 -2.47 23.94
CA ASN D 252 -12.40 -3.04 24.42
C ASN D 252 -13.09 -3.81 23.30
N ILE D 253 -13.63 -4.99 23.62
CA ILE D 253 -14.39 -5.75 22.64
C ILE D 253 -15.74 -5.13 22.40
N GLN D 254 -16.34 -4.61 23.47
CA GLN D 254 -17.66 -3.99 23.39
C GLN D 254 -17.56 -2.57 22.82
N ASP D 255 -16.38 -1.97 22.97
CA ASP D 255 -16.11 -0.65 22.43
C ASP D 255 -15.80 -0.74 20.94
N HIS D 256 -15.26 -1.89 20.53
CA HIS D 256 -14.89 -2.14 19.16
C HIS D 256 -16.14 -2.14 18.29
N ASN D 257 -17.09 -3.01 18.63
CA ASN D 257 -18.36 -3.12 17.93
C ASN D 257 -19.09 -1.78 17.84
N THR D 258 -19.29 -1.14 18.99
CA THR D 258 -19.89 0.20 19.04
C THR D 258 -19.27 1.16 18.01
N ILE D 259 -17.97 0.96 17.72
CA ILE D 259 -17.27 1.79 16.74
C ILE D 259 -17.61 1.36 15.32
N TRP D 260 -17.54 0.05 15.08
CA TRP D 260 -17.82 -0.54 13.78
C TRP D 260 -19.29 -0.39 13.36
N GLU D 261 -20.15 -1.25 13.92
CA GLU D 261 -21.60 -1.18 13.74
C GLU D 261 -22.15 0.25 13.61
N GLY D 262 -21.62 1.17 14.43
CA GLY D 262 -22.03 2.57 14.36
C GLY D 262 -21.52 3.31 13.14
N CYS D 263 -20.30 3.03 12.71
CA CYS D 263 -19.77 3.69 11.53
C CYS D 263 -20.34 3.09 10.26
N CYS D 264 -20.56 1.77 10.27
CA CYS D 264 -21.11 1.10 9.11
C CYS D 264 -22.47 1.65 8.72
N ARG D 265 -23.27 2.02 9.71
CA ARG D 265 -24.58 2.64 9.49
C ARG D 265 -24.38 3.99 8.82
N LEU D 266 -23.30 4.66 9.15
CA LEU D 266 -23.04 5.98 8.58
C LEU D 266 -22.52 5.90 7.15
N GLU D 267 -21.55 5.02 6.90
CA GLU D 267 -21.09 4.80 5.53
C GLU D 267 -21.06 3.30 5.22
N PRO D 268 -22.17 2.77 4.67
CA PRO D 268 -22.30 1.32 4.42
C PRO D 268 -21.13 0.72 3.62
N THR D 269 -20.40 1.53 2.86
CA THR D 269 -19.24 1.03 2.12
C THR D 269 -18.15 0.49 3.04
N LEU D 270 -18.18 0.95 4.29
CA LEU D 270 -17.11 0.61 5.25
C LEU D 270 -17.14 -0.85 5.60
N LYS D 271 -18.33 -1.45 5.43
CA LYS D 271 -18.51 -2.88 5.67
C LYS D 271 -17.35 -3.71 5.12
N ASN D 272 -17.14 -3.64 3.81
CA ASN D 272 -16.13 -4.47 3.16
C ASN D 272 -14.72 -4.16 3.62
N ALA D 273 -14.48 -2.88 3.96
CA ALA D 273 -13.19 -2.42 4.48
C ALA D 273 -12.50 -3.40 5.46
N ARG D 274 -11.17 -3.49 5.37
CA ARG D 274 -10.39 -4.38 6.21
C ARG D 274 -9.58 -3.64 7.28
N ILE D 275 -9.62 -4.16 8.52
CA ILE D 275 -9.10 -3.45 9.70
C ILE D 275 -7.60 -3.59 9.98
N ILE D 276 -6.90 -2.47 9.98
CA ILE D 276 -5.45 -2.45 10.16
C ILE D 276 -5.04 -2.37 11.63
N GLY D 277 -5.68 -1.48 12.39
CA GLY D 277 -5.35 -1.33 13.81
C GLY D 277 -6.40 -0.71 14.73
N GLU D 278 -6.21 -0.94 16.03
CA GLU D 278 -7.03 -0.37 17.10
C GLU D 278 -6.17 0.19 18.23
N ARG D 279 -6.46 1.43 18.65
CA ARG D 279 -5.72 2.08 19.73
C ARG D 279 -6.62 2.85 20.67
N THR D 280 -6.23 2.89 21.95
CA THR D 280 -6.95 3.63 23.00
C THR D 280 -6.14 4.83 23.49
N GLY D 281 -6.81 5.86 24.02
CA GLY D 281 -6.13 7.08 24.47
C GLY D 281 -6.98 7.91 25.42
N PHE D 282 -6.36 8.87 26.11
CA PHE D 282 -7.08 9.68 27.09
C PHE D 282 -7.01 11.17 26.79
N ARG D 283 -8.17 11.75 26.51
CA ARG D 283 -8.28 13.15 26.19
C ARG D 283 -8.16 13.89 27.50
N PRO D 284 -7.16 14.78 27.64
CA PRO D 284 -6.93 15.49 28.90
C PRO D 284 -8.04 16.52 29.18
N VAL D 285 -9.20 15.99 29.58
CA VAL D 285 -10.43 16.76 29.78
C VAL D 285 -10.30 17.68 30.96
N ARG D 286 -10.64 18.95 30.75
CA ARG D 286 -10.63 19.95 31.82
C ARG D 286 -11.56 21.09 31.44
N PRO D 287 -12.46 21.48 32.35
CA PRO D 287 -13.41 22.56 32.04
C PRO D 287 -12.84 23.63 31.10
N GLN D 288 -11.65 24.13 31.40
CA GLN D 288 -10.91 24.95 30.45
C GLN D 288 -9.41 24.66 30.57
N ILE D 289 -8.68 24.98 29.51
CA ILE D 289 -7.26 24.66 29.45
C ILE D 289 -6.49 25.44 30.50
N ARG D 290 -5.45 24.83 31.07
CA ARG D 290 -4.59 25.53 31.99
C ARG D 290 -3.32 25.99 31.28
N LEU D 291 -3.26 27.28 30.98
CA LEU D 291 -2.06 27.86 30.40
C LEU D 291 -1.69 29.12 31.17
N GLU D 292 -0.82 28.93 32.17
CA GLU D 292 -0.51 29.99 33.11
C GLU D 292 0.79 29.67 33.82
N ARG D 293 1.22 30.58 34.69
CA ARG D 293 2.47 30.41 35.42
C ARG D 293 2.27 30.12 36.91
N GLU D 294 3.33 29.66 37.57
CA GLU D 294 3.31 29.41 39.01
C GLU D 294 4.71 29.55 39.59
N GLN D 295 4.78 30.11 40.81
CA GLN D 295 6.04 30.22 41.55
C GLN D 295 6.16 29.01 42.45
N LEU D 296 7.35 28.39 42.45
CA LEU D 296 7.49 27.13 43.18
C LEU D 296 8.22 27.39 44.50
N ARG D 297 7.43 27.45 45.58
CA ARG D 297 8.01 27.61 46.92
C ARG D 297 9.00 26.48 47.17
N THR D 298 10.29 26.82 47.12
CA THR D 298 11.37 25.86 47.35
C THR D 298 12.72 26.58 47.44
N GLY D 299 13.71 25.89 48.02
CA GLY D 299 15.11 26.36 48.06
C GLY D 299 15.38 27.81 48.45
N PRO D 300 16.62 28.30 48.17
CA PRO D 300 16.92 29.72 48.38
C PRO D 300 15.92 30.59 47.61
N SER D 301 16.06 30.62 46.27
CA SER D 301 15.13 31.36 45.42
C SER D 301 14.32 30.41 44.54
N ASN D 302 13.02 30.74 44.42
CA ASN D 302 12.04 29.88 43.75
C ASN D 302 12.30 29.66 42.26
N THR D 303 11.80 28.54 41.73
CA THR D 303 11.88 28.24 40.29
C THR D 303 10.53 28.53 39.61
N GLU D 304 10.60 28.70 38.29
CA GLU D 304 9.42 29.04 37.52
C GLU D 304 8.83 27.85 36.72
N VAL D 305 7.50 27.83 36.64
CA VAL D 305 6.73 26.68 36.14
C VAL D 305 5.63 27.14 35.17
N ILE D 306 5.88 26.97 33.88
CA ILE D 306 4.86 27.27 32.87
C ILE D 306 3.93 26.07 32.67
N HIS D 307 2.69 26.22 33.11
CA HIS D 307 1.71 25.14 33.02
C HIS D 307 1.00 25.16 31.68
N ASN D 308 1.06 24.03 30.97
CA ASN D 308 0.39 23.88 29.69
C ASN D 308 -0.20 22.49 29.54
N TYR D 309 -1.42 22.33 30.08
CA TYR D 309 -2.10 21.03 30.04
C TYR D 309 -3.63 21.17 30.10
N GLY D 310 -4.30 20.03 29.83
CA GLY D 310 -5.77 19.95 29.74
C GLY D 310 -6.34 20.42 28.41
N HIS D 311 -6.33 19.55 27.39
CA HIS D 311 -6.73 19.93 26.02
C HIS D 311 -7.81 19.04 25.42
N GLY D 312 -8.31 18.12 26.23
CA GLY D 312 -9.39 17.23 25.81
C GLY D 312 -9.20 16.71 24.39
N GLY D 313 -10.15 17.02 23.52
CA GLY D 313 -10.14 16.49 22.16
C GLY D 313 -9.61 17.42 21.09
N TYR D 314 -8.98 18.52 21.50
CA TYR D 314 -8.55 19.51 20.54
C TYR D 314 -7.12 20.03 20.77
N GLY D 315 -6.21 19.11 21.09
CA GLY D 315 -4.80 19.43 21.17
C GLY D 315 -4.29 20.00 19.85
N LEU D 316 -4.14 19.11 18.86
CA LEU D 316 -3.66 19.52 17.54
C LEU D 316 -4.42 20.70 16.97
N THR D 317 -5.72 20.77 17.26
CA THR D 317 -6.57 21.90 16.83
C THR D 317 -6.12 23.26 17.39
N ILE D 318 -5.64 23.25 18.62
CA ILE D 318 -5.19 24.48 19.32
C ILE D 318 -3.67 24.51 19.59
N HIS D 319 -3.01 23.37 19.44
CA HIS D 319 -1.61 23.19 19.81
C HIS D 319 -0.70 24.42 19.63
N TRP D 320 -0.61 24.94 18.40
CA TRP D 320 0.34 26.00 18.09
C TRP D 320 0.01 27.24 18.90
N GLY D 321 -1.24 27.69 18.84
CA GLY D 321 -1.74 28.77 19.72
C GLY D 321 -1.15 28.78 21.12
N CYS D 322 -1.45 27.75 21.91
CA CYS D 322 -0.90 27.60 23.26
C CYS D 322 0.64 27.71 23.28
N ALA D 323 1.30 27.01 22.36
CA ALA D 323 2.76 27.04 22.29
C ALA D 323 3.24 28.47 22.10
N LEU D 324 2.45 29.31 21.43
CA LEU D 324 2.80 30.73 21.27
C LEU D 324 2.63 31.47 22.58
N GLU D 325 1.45 31.31 23.19
CA GLU D 325 1.12 31.89 24.47
C GLU D 325 2.07 31.46 25.61
N ALA D 326 2.47 30.19 25.61
CA ALA D 326 3.44 29.70 26.59
C ALA D 326 4.77 30.41 26.43
N ALA D 327 5.23 30.54 25.18
CA ALA D 327 6.46 31.26 24.88
C ALA D 327 6.34 32.71 25.32
N LYS D 328 5.16 33.28 25.08
CA LYS D 328 4.83 34.61 25.54
C LYS D 328 5.12 34.69 27.03
N LEU D 329 4.54 33.77 27.81
CA LEU D 329 4.72 33.78 29.26
C LEU D 329 6.18 33.50 29.64
N PHE D 330 6.84 32.64 28.88
CA PHE D 330 8.28 32.48 29.07
C PHE D 330 8.96 33.82 28.86
N GLY D 331 8.28 34.72 28.14
CA GLY D 331 8.77 36.05 27.86
C GLY D 331 8.73 36.96 29.07
N ARG D 332 7.59 36.95 29.77
CA ARG D 332 7.46 37.74 30.98
C ARG D 332 8.55 37.32 31.95
N ILE D 333 8.58 36.03 32.32
CA ILE D 333 9.59 35.47 33.25
C ILE D 333 10.96 36.04 32.97
N LEU D 334 11.24 36.18 31.69
CA LEU D 334 12.56 36.54 31.24
C LEU D 334 12.89 38.01 31.50
N GLU D 335 11.90 38.88 31.36
CA GLU D 335 12.13 40.32 31.59
C GLU D 335 12.14 40.67 33.08
N GLU D 336 11.37 39.92 33.88
CA GLU D 336 11.28 40.11 35.32
C GLU D 336 12.55 39.63 36.03
N LYS D 337 13.04 38.46 35.64
CA LYS D 337 14.37 37.99 36.05
C LYS D 337 15.41 38.99 35.55
N LYS D 338 14.96 39.92 34.71
CA LYS D 338 15.73 41.05 34.18
C LYS D 338 16.89 40.62 33.28
N LEU D 339 16.56 40.42 32.01
CA LEU D 339 17.52 40.11 30.95
C LEU D 339 16.86 40.18 29.55
N SER D 340 16.25 41.34 29.26
CA SER D 340 15.58 41.60 27.97
C SER D 340 16.57 41.59 26.80
#